data_8JVL
# 
_entry.id   8JVL 
# 
_audit_conform.dict_name       mmcif_pdbx.dic 
_audit_conform.dict_version    5.380 
_audit_conform.dict_location   http://mmcif.pdb.org/dictionaries/ascii/mmcif_pdbx.dic 
# 
loop_
_database_2.database_id 
_database_2.database_code 
_database_2.pdbx_database_accession 
_database_2.pdbx_DOI 
PDB   8JVL         pdb_00008jvl 10.2210/pdb8jvl/pdb 
WWPDB D_1300039017 ?            ?                   
# 
_pdbx_database_status.status_code                     REL 
_pdbx_database_status.status_code_sf                  REL 
_pdbx_database_status.status_code_mr                  ? 
_pdbx_database_status.entry_id                        8JVL 
_pdbx_database_status.recvd_initial_deposition_date   2023-06-28 
_pdbx_database_status.SG_entry                        N 
_pdbx_database_status.deposit_site                    PDBJ 
_pdbx_database_status.process_site                    PDBJ 
_pdbx_database_status.status_code_cs                  ? 
_pdbx_database_status.status_code_nmr_data            ? 
_pdbx_database_status.methods_development_category    ? 
_pdbx_database_status.pdb_format_compatible           Y 
# 
loop_
_audit_author.name 
_audit_author.pdbx_ordinal 
_audit_author.identifier_ORCID 
'Anantharajan, J.'  1 ? 
'Baburajendran, N.' 2 ? 
# 
_citation.abstract                  ? 
_citation.abstract_id_CAS           ? 
_citation.book_id_ISBN              ? 
_citation.book_publisher            ? 
_citation.book_publisher_city       ? 
_citation.book_title                ? 
_citation.coordinate_linkage        ? 
_citation.country                   US 
_citation.database_id_Medline       ? 
_citation.details                   ? 
_citation.id                        primary 
_citation.journal_abbrev            Biochem.Biophys.Res.Commun. 
_citation.journal_id_ASTM           BBRCA9 
_citation.journal_id_CSD            0146 
_citation.journal_id_ISSN           1090-2104 
_citation.journal_full              ? 
_citation.journal_issue             ? 
_citation.journal_volume            689 
_citation.language                  ? 
_citation.page_first                149238 
_citation.page_last                 149238 
_citation.title                     
'Identification and characterization of inhibitors covalently modifying catalytic cysteine of UBE2T and blocking ubiquitin transfer.' 
_citation.year                      2023 
_citation.database_id_CSD           ? 
_citation.pdbx_database_id_DOI      10.1016/j.bbrc.2023.149238 
_citation.pdbx_database_id_PubMed   37979329 
_citation.pdbx_database_id_patent   ? 
_citation.unpublished_flag          ? 
# 
loop_
_citation_author.citation_id 
_citation_author.name 
_citation_author.ordinal 
_citation_author.identifier_ORCID 
primary 'Anantharajan, J.'  1  ? 
primary 'Tan, Q.W.'         2  ? 
primary 'Fulwood, J.'       3  ? 
primary 'Sifang, W.'        4  ? 
primary 'Huang, Q.'         5  ? 
primary 'Ng, H.Q.'          6  ? 
primary 'Koh, X.'           7  ? 
primary 'Xu, W.'            8  ? 
primary 'Cherian, J.'       9  ? 
primary 'Baburajendran, N.' 10 ? 
primary 'Kang, C.'          11 ? 
primary 'Ke, Z.'            12 ? 
# 
_cell.angle_alpha                  90.00 
_cell.angle_alpha_esd              ? 
_cell.angle_beta                   90.00 
_cell.angle_beta_esd               ? 
_cell.angle_gamma                  90.00 
_cell.angle_gamma_esd              ? 
_cell.entry_id                     8JVL 
_cell.details                      ? 
_cell.formula_units_Z              ? 
_cell.length_a                     54.890 
_cell.length_a_esd                 ? 
_cell.length_b                     54.890 
_cell.length_b_esd                 ? 
_cell.length_c                     184.074 
_cell.length_c_esd                 ? 
_cell.volume                       ? 
_cell.volume_esd                   ? 
_cell.Z_PDB                        8 
_cell.reciprocal_angle_alpha       ? 
_cell.reciprocal_angle_beta        ? 
_cell.reciprocal_angle_gamma       ? 
_cell.reciprocal_angle_alpha_esd   ? 
_cell.reciprocal_angle_beta_esd    ? 
_cell.reciprocal_angle_gamma_esd   ? 
_cell.reciprocal_length_a          ? 
_cell.reciprocal_length_b          ? 
_cell.reciprocal_length_c          ? 
_cell.reciprocal_length_a_esd      ? 
_cell.reciprocal_length_b_esd      ? 
_cell.reciprocal_length_c_esd      ? 
_cell.pdbx_unique_axis             ? 
_cell.pdbx_esd_method              ? 
# 
_symmetry.entry_id                         8JVL 
_symmetry.cell_setting                     ? 
_symmetry.Int_Tables_number                96 
_symmetry.space_group_name_Hall            ? 
_symmetry.space_group_name_H-M             'P 43 21 2' 
_symmetry.pdbx_full_space_group_name_H-M   ? 
# 
loop_
_entity.id 
_entity.type 
_entity.src_method 
_entity.pdbx_description 
_entity.formula_weight 
_entity.pdbx_number_of_molecules 
_entity.pdbx_ec 
_entity.pdbx_mutation 
_entity.pdbx_fragment 
_entity.details 
1 polymer     man 'Ubiquitin-conjugating enzyme E2 T'     17830.598 1   2.3.2.23 ? ? ? 
2 non-polymer syn '1-(4-methoxyphenyl)-1,2,3,4-tetrazole' 176.175   1   ?        ? ? ? 
3 non-polymer syn 1,2-ETHANEDIOL                          62.068    1   ?        ? ? ? 
4 water       nat water                                   18.015    104 ?        ? ? ? 
# 
_entity_name_com.entity_id   1 
_entity_name_com.name        'E2 ubiquitin-conjugating enzyme T,Ubiquitin carrier protein T,Ubiquitin-protein ligase T' 
# 
_entity_poly.entity_id                      1 
_entity_poly.type                           'polypeptide(L)' 
_entity_poly.nstd_linkage                   no 
_entity_poly.nstd_monomer                   no 
_entity_poly.pdbx_seq_one_letter_code       
;GSMQRASRLKRELHMLATEPPPGITCWQDKDQMDDLRAQILGGANTPYEKGVFKLEVIIPERYPFEPPQIRFLTPIYHPN
IDSAGRICLDVLKLPPKGAWRPSLNIATVLTSIQLLMSEPNPDDPLMADISSEFKYNKPAFLKNARQWTEKHARQK
;
_entity_poly.pdbx_seq_one_letter_code_can   
;GSMQRASRLKRELHMLATEPPPGITCWQDKDQMDDLRAQILGGANTPYEKGVFKLEVIIPERYPFEPPQIRFLTPIYHPN
IDSAGRICLDVLKLPPKGAWRPSLNIATVLTSIQLLMSEPNPDDPLMADISSEFKYNKPAFLKNARQWTEKHARQK
;
_entity_poly.pdbx_strand_id                 A 
_entity_poly.pdbx_target_identifier         ? 
# 
loop_
_entity_poly_seq.entity_id 
_entity_poly_seq.num 
_entity_poly_seq.mon_id 
_entity_poly_seq.hetero 
1 1   GLY n 
1 2   SER n 
1 3   MET n 
1 4   GLN n 
1 5   ARG n 
1 6   ALA n 
1 7   SER n 
1 8   ARG n 
1 9   LEU n 
1 10  LYS n 
1 11  ARG n 
1 12  GLU n 
1 13  LEU n 
1 14  HIS n 
1 15  MET n 
1 16  LEU n 
1 17  ALA n 
1 18  THR n 
1 19  GLU n 
1 20  PRO n 
1 21  PRO n 
1 22  PRO n 
1 23  GLY n 
1 24  ILE n 
1 25  THR n 
1 26  CYS n 
1 27  TRP n 
1 28  GLN n 
1 29  ASP n 
1 30  LYS n 
1 31  ASP n 
1 32  GLN n 
1 33  MET n 
1 34  ASP n 
1 35  ASP n 
1 36  LEU n 
1 37  ARG n 
1 38  ALA n 
1 39  GLN n 
1 40  ILE n 
1 41  LEU n 
1 42  GLY n 
1 43  GLY n 
1 44  ALA n 
1 45  ASN n 
1 46  THR n 
1 47  PRO n 
1 48  TYR n 
1 49  GLU n 
1 50  LYS n 
1 51  GLY n 
1 52  VAL n 
1 53  PHE n 
1 54  LYS n 
1 55  LEU n 
1 56  GLU n 
1 57  VAL n 
1 58  ILE n 
1 59  ILE n 
1 60  PRO n 
1 61  GLU n 
1 62  ARG n 
1 63  TYR n 
1 64  PRO n 
1 65  PHE n 
1 66  GLU n 
1 67  PRO n 
1 68  PRO n 
1 69  GLN n 
1 70  ILE n 
1 71  ARG n 
1 72  PHE n 
1 73  LEU n 
1 74  THR n 
1 75  PRO n 
1 76  ILE n 
1 77  TYR n 
1 78  HIS n 
1 79  PRO n 
1 80  ASN n 
1 81  ILE n 
1 82  ASP n 
1 83  SER n 
1 84  ALA n 
1 85  GLY n 
1 86  ARG n 
1 87  ILE n 
1 88  CYS n 
1 89  LEU n 
1 90  ASP n 
1 91  VAL n 
1 92  LEU n 
1 93  LYS n 
1 94  LEU n 
1 95  PRO n 
1 96  PRO n 
1 97  LYS n 
1 98  GLY n 
1 99  ALA n 
1 100 TRP n 
1 101 ARG n 
1 102 PRO n 
1 103 SER n 
1 104 LEU n 
1 105 ASN n 
1 106 ILE n 
1 107 ALA n 
1 108 THR n 
1 109 VAL n 
1 110 LEU n 
1 111 THR n 
1 112 SER n 
1 113 ILE n 
1 114 GLN n 
1 115 LEU n 
1 116 LEU n 
1 117 MET n 
1 118 SER n 
1 119 GLU n 
1 120 PRO n 
1 121 ASN n 
1 122 PRO n 
1 123 ASP n 
1 124 ASP n 
1 125 PRO n 
1 126 LEU n 
1 127 MET n 
1 128 ALA n 
1 129 ASP n 
1 130 ILE n 
1 131 SER n 
1 132 SER n 
1 133 GLU n 
1 134 PHE n 
1 135 LYS n 
1 136 TYR n 
1 137 ASN n 
1 138 LYS n 
1 139 PRO n 
1 140 ALA n 
1 141 PHE n 
1 142 LEU n 
1 143 LYS n 
1 144 ASN n 
1 145 ALA n 
1 146 ARG n 
1 147 GLN n 
1 148 TRP n 
1 149 THR n 
1 150 GLU n 
1 151 LYS n 
1 152 HIS n 
1 153 ALA n 
1 154 ARG n 
1 155 GLN n 
1 156 LYS n 
# 
_entity_src_gen.entity_id                          1 
_entity_src_gen.pdbx_src_id                        1 
_entity_src_gen.pdbx_alt_source_flag               sample 
_entity_src_gen.pdbx_seq_type                      'Biological sequence' 
_entity_src_gen.pdbx_beg_seq_num                   1 
_entity_src_gen.pdbx_end_seq_num                   156 
_entity_src_gen.gene_src_common_name               human 
_entity_src_gen.gene_src_genus                     ? 
_entity_src_gen.pdbx_gene_src_gene                 UBE2T 
_entity_src_gen.gene_src_species                   ? 
_entity_src_gen.gene_src_strain                    ? 
_entity_src_gen.gene_src_tissue                    ? 
_entity_src_gen.gene_src_tissue_fraction           ? 
_entity_src_gen.gene_src_details                   ? 
_entity_src_gen.pdbx_gene_src_fragment             ? 
_entity_src_gen.pdbx_gene_src_scientific_name      'Homo sapiens' 
_entity_src_gen.pdbx_gene_src_ncbi_taxonomy_id     9606 
_entity_src_gen.pdbx_gene_src_variant              ? 
_entity_src_gen.pdbx_gene_src_cell_line            ? 
_entity_src_gen.pdbx_gene_src_atcc                 ? 
_entity_src_gen.pdbx_gene_src_organ                ? 
_entity_src_gen.pdbx_gene_src_organelle            ? 
_entity_src_gen.pdbx_gene_src_cell                 ? 
_entity_src_gen.pdbx_gene_src_cellular_location    ? 
_entity_src_gen.host_org_common_name               ? 
_entity_src_gen.pdbx_host_org_scientific_name      'Escherichia coli' 
_entity_src_gen.pdbx_host_org_ncbi_taxonomy_id     562 
_entity_src_gen.host_org_genus                     ? 
_entity_src_gen.pdbx_host_org_gene                 ? 
_entity_src_gen.pdbx_host_org_organ                ? 
_entity_src_gen.host_org_species                   ? 
_entity_src_gen.pdbx_host_org_tissue               ? 
_entity_src_gen.pdbx_host_org_tissue_fraction      ? 
_entity_src_gen.pdbx_host_org_strain               ? 
_entity_src_gen.pdbx_host_org_variant              ? 
_entity_src_gen.pdbx_host_org_cell_line            ? 
_entity_src_gen.pdbx_host_org_atcc                 ? 
_entity_src_gen.pdbx_host_org_culture_collection   ? 
_entity_src_gen.pdbx_host_org_cell                 ? 
_entity_src_gen.pdbx_host_org_organelle            ? 
_entity_src_gen.pdbx_host_org_cellular_location    ? 
_entity_src_gen.pdbx_host_org_vector_type          ? 
_entity_src_gen.pdbx_host_org_vector               ? 
_entity_src_gen.host_org_details                   ? 
_entity_src_gen.expression_system_id               ? 
_entity_src_gen.plasmid_name                       ? 
_entity_src_gen.plasmid_details                    ? 
_entity_src_gen.pdbx_description                   ? 
# 
_struct_ref.id                         1 
_struct_ref.db_name                    UNP 
_struct_ref.db_code                    UBE2T_HUMAN 
_struct_ref.pdbx_db_accession          Q9NPD8 
_struct_ref.pdbx_db_isoform            ? 
_struct_ref.entity_id                  1 
_struct_ref.pdbx_seq_one_letter_code   
;MQRASRLKRELHMLATEPPPGITCWQDKDQMDDLRAQILGGANTPYEKGVFKLEVIIPERYPFEPPQIRFLTPIYHPNID
SAGRICLDVLKLPPKGAWRPSLNIATVLTSIQLLMSEPNPDDPLMADISSEFKYNKPAFLKNARQWTEKHARQK
;
_struct_ref.pdbx_align_begin           1 
# 
_struct_ref_seq.align_id                      1 
_struct_ref_seq.ref_id                        1 
_struct_ref_seq.pdbx_PDB_id_code              8JVL 
_struct_ref_seq.pdbx_strand_id                A 
_struct_ref_seq.seq_align_beg                 3 
_struct_ref_seq.pdbx_seq_align_beg_ins_code   ? 
_struct_ref_seq.seq_align_end                 156 
_struct_ref_seq.pdbx_seq_align_end_ins_code   ? 
_struct_ref_seq.pdbx_db_accession             Q9NPD8 
_struct_ref_seq.db_align_beg                  1 
_struct_ref_seq.pdbx_db_align_beg_ins_code    ? 
_struct_ref_seq.db_align_end                  154 
_struct_ref_seq.pdbx_db_align_end_ins_code    ? 
_struct_ref_seq.pdbx_auth_seq_align_beg       1 
_struct_ref_seq.pdbx_auth_seq_align_end       154 
# 
loop_
_struct_ref_seq_dif.align_id 
_struct_ref_seq_dif.pdbx_pdb_id_code 
_struct_ref_seq_dif.mon_id 
_struct_ref_seq_dif.pdbx_pdb_strand_id 
_struct_ref_seq_dif.seq_num 
_struct_ref_seq_dif.pdbx_pdb_ins_code 
_struct_ref_seq_dif.pdbx_seq_db_name 
_struct_ref_seq_dif.pdbx_seq_db_accession_code 
_struct_ref_seq_dif.db_mon_id 
_struct_ref_seq_dif.pdbx_seq_db_seq_num 
_struct_ref_seq_dif.details 
_struct_ref_seq_dif.pdbx_auth_seq_num 
_struct_ref_seq_dif.pdbx_ordinal 
1 8JVL GLY A 1 ? UNP Q9NPD8 ? ? 'expression tag' -1 1 
1 8JVL SER A 2 ? UNP Q9NPD8 ? ? 'expression tag' 0  2 
# 
loop_
_chem_comp.id 
_chem_comp.type 
_chem_comp.mon_nstd_flag 
_chem_comp.name 
_chem_comp.pdbx_synonyms 
_chem_comp.formula 
_chem_comp.formula_weight 
ALA 'L-peptide linking' y ALANINE                                 ?                 'C3 H7 N O2'     89.093  
ARG 'L-peptide linking' y ARGININE                                ?                 'C6 H15 N4 O2 1' 175.209 
ASN 'L-peptide linking' y ASPARAGINE                              ?                 'C4 H8 N2 O3'    132.118 
ASP 'L-peptide linking' y 'ASPARTIC ACID'                         ?                 'C4 H7 N O4'     133.103 
CYS 'L-peptide linking' y CYSTEINE                                ?                 'C3 H7 N O2 S'   121.158 
EDO non-polymer         . 1,2-ETHANEDIOL                          'ETHYLENE GLYCOL' 'C2 H6 O2'       62.068  
GLN 'L-peptide linking' y GLUTAMINE                               ?                 'C5 H10 N2 O3'   146.144 
GLU 'L-peptide linking' y 'GLUTAMIC ACID'                         ?                 'C5 H9 N O4'     147.129 
GLY 'peptide linking'   y GLYCINE                                 ?                 'C2 H5 N O2'     75.067  
HIS 'L-peptide linking' y HISTIDINE                               ?                 'C6 H10 N3 O2 1' 156.162 
HOH non-polymer         . WATER                                   ?                 'H2 O'           18.015  
ILE 'L-peptide linking' y ISOLEUCINE                              ?                 'C6 H13 N O2'    131.173 
LEU 'L-peptide linking' y LEUCINE                                 ?                 'C6 H13 N O2'    131.173 
LYS 'L-peptide linking' y LYSINE                                  ?                 'C6 H15 N2 O2 1' 147.195 
MET 'L-peptide linking' y METHIONINE                              ?                 'C5 H11 N O2 S'  149.211 
PHE 'L-peptide linking' y PHENYLALANINE                           ?                 'C9 H11 N O2'    165.189 
PRO 'L-peptide linking' y PROLINE                                 ?                 'C5 H9 N O2'     115.130 
SER 'L-peptide linking' y SERINE                                  ?                 'C3 H7 N O3'     105.093 
THR 'L-peptide linking' y THREONINE                               ?                 'C4 H9 N O3'     119.119 
TRP 'L-peptide linking' y TRYPTOPHAN                              ?                 'C11 H12 N2 O2'  204.225 
TYR 'L-peptide linking' y TYROSINE                                ?                 'C9 H11 N O3'    181.189 
V5L non-polymer         . '1-(4-methoxyphenyl)-1,2,3,4-tetrazole' ?                 'C8 H8 N4 O'     176.175 
VAL 'L-peptide linking' y VALINE                                  ?                 'C5 H11 N O2'    117.146 
# 
_exptl.absorpt_coefficient_mu     ? 
_exptl.absorpt_correction_T_max   ? 
_exptl.absorpt_correction_T_min   ? 
_exptl.absorpt_correction_type    ? 
_exptl.absorpt_process_details    ? 
_exptl.entry_id                   8JVL 
_exptl.crystals_number            1 
_exptl.details                    ? 
_exptl.method                     'X-RAY DIFFRACTION' 
_exptl.method_details             ? 
# 
_exptl_crystal.colour                       ? 
_exptl_crystal.density_diffrn               ? 
_exptl_crystal.density_Matthews             3.89 
_exptl_crystal.density_method               ? 
_exptl_crystal.density_percent_sol          68.36 
_exptl_crystal.description                  ? 
_exptl_crystal.F_000                        ? 
_exptl_crystal.id                           1 
_exptl_crystal.preparation                  ? 
_exptl_crystal.size_max                     ? 
_exptl_crystal.size_mid                     ? 
_exptl_crystal.size_min                     ? 
_exptl_crystal.size_rad                     ? 
_exptl_crystal.colour_lustre                ? 
_exptl_crystal.colour_modifier              ? 
_exptl_crystal.colour_primary               ? 
_exptl_crystal.density_meas                 ? 
_exptl_crystal.density_meas_esd             ? 
_exptl_crystal.density_meas_gt              ? 
_exptl_crystal.density_meas_lt              ? 
_exptl_crystal.density_meas_temp            ? 
_exptl_crystal.density_meas_temp_esd        ? 
_exptl_crystal.density_meas_temp_gt         ? 
_exptl_crystal.density_meas_temp_lt         ? 
_exptl_crystal.pdbx_crystal_image_url       ? 
_exptl_crystal.pdbx_crystal_image_format    ? 
_exptl_crystal.pdbx_mosaicity               ? 
_exptl_crystal.pdbx_mosaicity_esd           ? 
_exptl_crystal.pdbx_mosaic_method           ? 
_exptl_crystal.pdbx_mosaic_block_size       ? 
_exptl_crystal.pdbx_mosaic_block_size_esd   ? 
# 
_exptl_crystal_grow.apparatus       ? 
_exptl_crystal_grow.atmosphere      ? 
_exptl_crystal_grow.crystal_id      1 
_exptl_crystal_grow.details         ? 
_exptl_crystal_grow.method          'VAPOR DIFFUSION, SITTING DROP' 
_exptl_crystal_grow.method_ref      ? 
_exptl_crystal_grow.pH              ? 
_exptl_crystal_grow.pressure        ? 
_exptl_crystal_grow.pressure_esd    ? 
_exptl_crystal_grow.seeding         ? 
_exptl_crystal_grow.seeding_ref     ? 
_exptl_crystal_grow.temp_details    ? 
_exptl_crystal_grow.temp_esd        ? 
_exptl_crystal_grow.time            ? 
_exptl_crystal_grow.pdbx_details    '2.8 M Sodium formate pH 7.0' 
_exptl_crystal_grow.pdbx_pH_range   ? 
_exptl_crystal_grow.temp            293 
# 
_diffrn.ambient_environment              ? 
_diffrn.ambient_temp                     100 
_diffrn.ambient_temp_details             ? 
_diffrn.ambient_temp_esd                 ? 
_diffrn.crystal_id                       1 
_diffrn.crystal_support                  ? 
_diffrn.crystal_treatment                ? 
_diffrn.details                          ? 
_diffrn.id                               1 
_diffrn.ambient_pressure                 ? 
_diffrn.ambient_pressure_esd             ? 
_diffrn.ambient_pressure_gt              ? 
_diffrn.ambient_pressure_lt              ? 
_diffrn.ambient_temp_gt                  ? 
_diffrn.ambient_temp_lt                  ? 
_diffrn.pdbx_serial_crystal_experiment   N 
# 
_diffrn_detector.details                      ? 
_diffrn_detector.detector                     CCD 
_diffrn_detector.diffrn_id                    1 
_diffrn_detector.type                         'ADSC QUANTUM 315r' 
_diffrn_detector.area_resol_mean              ? 
_diffrn_detector.dtime                        ? 
_diffrn_detector.pdbx_frames_total            ? 
_diffrn_detector.pdbx_collection_time_total   ? 
_diffrn_detector.pdbx_collection_date         2022-07-23 
_diffrn_detector.pdbx_frequency               ? 
_diffrn_detector.id                           ? 
_diffrn_detector.number_of_axes               ? 
# 
_diffrn_radiation.collimation                      ? 
_diffrn_radiation.diffrn_id                        1 
_diffrn_radiation.filter_edge                      ? 
_diffrn_radiation.inhomogeneity                    ? 
_diffrn_radiation.monochromator                    ? 
_diffrn_radiation.polarisn_norm                    ? 
_diffrn_radiation.polarisn_ratio                   ? 
_diffrn_radiation.probe                            ? 
_diffrn_radiation.type                             ? 
_diffrn_radiation.xray_symbol                      ? 
_diffrn_radiation.wavelength_id                    1 
_diffrn_radiation.pdbx_monochromatic_or_laue_m_l   M 
_diffrn_radiation.pdbx_wavelength_list             ? 
_diffrn_radiation.pdbx_wavelength                  ? 
_diffrn_radiation.pdbx_diffrn_protocol             'SINGLE WAVELENGTH' 
_diffrn_radiation.pdbx_analyzer                    ? 
_diffrn_radiation.pdbx_scattering_type             x-ray 
# 
_diffrn_radiation_wavelength.id           1 
_diffrn_radiation_wavelength.wavelength   0.95365 
_diffrn_radiation_wavelength.wt           1.0 
# 
_diffrn_source.current                     ? 
_diffrn_source.details                     ? 
_diffrn_source.diffrn_id                   1 
_diffrn_source.power                       ? 
_diffrn_source.size                        ? 
_diffrn_source.source                      SYNCHROTRON 
_diffrn_source.target                      ? 
_diffrn_source.type                        'AUSTRALIAN SYNCHROTRON BEAMLINE MX2' 
_diffrn_source.voltage                     ? 
_diffrn_source.take-off_angle              ? 
_diffrn_source.pdbx_wavelength_list        0.95365 
_diffrn_source.pdbx_wavelength             ? 
_diffrn_source.pdbx_synchrotron_beamline   MX2 
_diffrn_source.pdbx_synchrotron_site       'Australian Synchrotron' 
# 
_reflns.B_iso_Wilson_estimate                          ? 
_reflns.entry_id                                       8JVL 
_reflns.data_reduction_details                         ? 
_reflns.data_reduction_method                          ? 
_reflns.d_resolution_high                              2.06 
_reflns.d_resolution_low                               47.14 
_reflns.details                                        ? 
_reflns.limit_h_max                                    ? 
_reflns.limit_h_min                                    ? 
_reflns.limit_k_max                                    ? 
_reflns.limit_k_min                                    ? 
_reflns.limit_l_max                                    ? 
_reflns.limit_l_min                                    ? 
_reflns.number_all                                     ? 
_reflns.number_obs                                     18267 
_reflns.observed_criterion                             ? 
_reflns.observed_criterion_F_max                       ? 
_reflns.observed_criterion_F_min                       ? 
_reflns.observed_criterion_I_max                       ? 
_reflns.observed_criterion_I_min                       ? 
_reflns.observed_criterion_sigma_F                     ? 
_reflns.observed_criterion_sigma_I                     ? 
_reflns.percent_possible_obs                           99.6 
_reflns.R_free_details                                 ? 
_reflns.Rmerge_F_all                                   ? 
_reflns.Rmerge_F_obs                                   ? 
_reflns.Friedel_coverage                               ? 
_reflns.number_gt                                      ? 
_reflns.threshold_expression                           ? 
_reflns.pdbx_redundancy                                25.6 
_reflns.pdbx_netI_over_av_sigmaI                       ? 
_reflns.pdbx_netI_over_sigmaI                          15.6 
_reflns.pdbx_res_netI_over_av_sigmaI_2                 ? 
_reflns.pdbx_res_netI_over_sigmaI_2                    ? 
_reflns.pdbx_chi_squared                               0.54 
_reflns.pdbx_scaling_rejects                           ? 
_reflns.pdbx_d_res_high_opt                            ? 
_reflns.pdbx_d_res_low_opt                             ? 
_reflns.pdbx_d_res_opt_method                          ? 
_reflns.phase_calculation_details                      ? 
_reflns.pdbx_Rrim_I_all                                0.144 
_reflns.pdbx_Rpim_I_all                                0.028 
_reflns.pdbx_d_opt                                     ? 
_reflns.pdbx_number_measured_all                       467470 
_reflns.pdbx_diffrn_id                                 1 
_reflns.pdbx_ordinal                                   1 
_reflns.pdbx_CC_half                                   0.999 
_reflns.pdbx_CC_star                                   ? 
_reflns.pdbx_R_split                                   ? 
_reflns.pdbx_Rmerge_I_obs                              0.017 
_reflns.pdbx_Rmerge_I_all                              ? 
_reflns.pdbx_Rsym_value                                ? 
_reflns.pdbx_CC_split_method                           ? 
_reflns.pdbx_aniso_diffraction_limit_axis_1_ortho[1]   ? 
_reflns.pdbx_aniso_diffraction_limit_axis_1_ortho[2]   ? 
_reflns.pdbx_aniso_diffraction_limit_axis_1_ortho[3]   ? 
_reflns.pdbx_aniso_diffraction_limit_axis_2_ortho[1]   ? 
_reflns.pdbx_aniso_diffraction_limit_axis_2_ortho[2]   ? 
_reflns.pdbx_aniso_diffraction_limit_axis_2_ortho[3]   ? 
_reflns.pdbx_aniso_diffraction_limit_axis_3_ortho[1]   ? 
_reflns.pdbx_aniso_diffraction_limit_axis_3_ortho[2]   ? 
_reflns.pdbx_aniso_diffraction_limit_axis_3_ortho[3]   ? 
_reflns.pdbx_aniso_diffraction_limit_1                 ? 
_reflns.pdbx_aniso_diffraction_limit_2                 ? 
_reflns.pdbx_aniso_diffraction_limit_3                 ? 
_reflns.pdbx_aniso_B_tensor_eigenvector_1_ortho[1]     ? 
_reflns.pdbx_aniso_B_tensor_eigenvector_1_ortho[2]     ? 
_reflns.pdbx_aniso_B_tensor_eigenvector_1_ortho[3]     ? 
_reflns.pdbx_aniso_B_tensor_eigenvector_2_ortho[1]     ? 
_reflns.pdbx_aniso_B_tensor_eigenvector_2_ortho[2]     ? 
_reflns.pdbx_aniso_B_tensor_eigenvector_2_ortho[3]     ? 
_reflns.pdbx_aniso_B_tensor_eigenvector_3_ortho[1]     ? 
_reflns.pdbx_aniso_B_tensor_eigenvector_3_ortho[2]     ? 
_reflns.pdbx_aniso_B_tensor_eigenvector_3_ortho[3]     ? 
_reflns.pdbx_aniso_B_tensor_eigenvalue_1               ? 
_reflns.pdbx_aniso_B_tensor_eigenvalue_2               ? 
_reflns.pdbx_aniso_B_tensor_eigenvalue_3               ? 
_reflns.pdbx_orthogonalization_convention              ? 
_reflns.pdbx_percent_possible_ellipsoidal              ? 
_reflns.pdbx_percent_possible_spherical                ? 
_reflns.pdbx_percent_possible_ellipsoidal_anomalous    ? 
_reflns.pdbx_percent_possible_spherical_anomalous      ? 
_reflns.pdbx_redundancy_anomalous                      ? 
_reflns.pdbx_CC_half_anomalous                         ? 
_reflns.pdbx_absDiff_over_sigma_anomalous              ? 
_reflns.pdbx_percent_possible_anomalous                ? 
_reflns.pdbx_observed_signal_threshold                 ? 
_reflns.pdbx_signal_type                               ? 
_reflns.pdbx_signal_details                            ? 
_reflns.pdbx_signal_software_id                        ? 
# 
_reflns_shell.d_res_high                                    2.06 
_reflns_shell.d_res_low                                     2.12 
_reflns_shell.meanI_over_sigI_all                           ? 
_reflns_shell.meanI_over_sigI_obs                           ? 
_reflns_shell.number_measured_all                           32302 
_reflns_shell.number_measured_obs                           ? 
_reflns_shell.number_possible                               ? 
_reflns_shell.number_unique_all                             ? 
_reflns_shell.number_unique_obs                             1322 
_reflns_shell.percent_possible_obs                          94.8 
_reflns_shell.Rmerge_F_all                                  ? 
_reflns_shell.Rmerge_F_obs                                  ? 
_reflns_shell.meanI_over_sigI_gt                            ? 
_reflns_shell.meanI_over_uI_all                             ? 
_reflns_shell.meanI_over_uI_gt                              ? 
_reflns_shell.number_measured_gt                            ? 
_reflns_shell.number_unique_gt                              ? 
_reflns_shell.percent_possible_gt                           ? 
_reflns_shell.Rmerge_F_gt                                   ? 
_reflns_shell.Rmerge_I_gt                                   ? 
_reflns_shell.pdbx_redundancy                               24.4 
_reflns_shell.pdbx_chi_squared                              0.46 
_reflns_shell.pdbx_netI_over_sigmaI_all                     ? 
_reflns_shell.pdbx_netI_over_sigmaI_obs                     1.7 
_reflns_shell.pdbx_Rrim_I_all                               0.02092 
_reflns_shell.pdbx_Rpim_I_all                               0.409 
_reflns_shell.pdbx_rejects                                  ? 
_reflns_shell.pdbx_ordinal                                  1 
_reflns_shell.pdbx_diffrn_id                                1 
_reflns_shell.pdbx_CC_half                                  0.871 
_reflns_shell.pdbx_CC_star                                  ? 
_reflns_shell.pdbx_R_split                                  ? 
_reflns_shell.percent_possible_all                          ? 
_reflns_shell.Rmerge_I_all                                  ? 
_reflns_shell.Rmerge_I_obs                                  2.050 
_reflns_shell.pdbx_Rsym_value                               ? 
_reflns_shell.pdbx_percent_possible_ellipsoidal             ? 
_reflns_shell.pdbx_percent_possible_spherical               ? 
_reflns_shell.pdbx_percent_possible_ellipsoidal_anomalous   ? 
_reflns_shell.pdbx_percent_possible_spherical_anomalous     ? 
_reflns_shell.pdbx_redundancy_anomalous                     ? 
_reflns_shell.pdbx_CC_half_anomalous                        ? 
_reflns_shell.pdbx_absDiff_over_sigma_anomalous             ? 
_reflns_shell.pdbx_percent_possible_anomalous               ? 
# 
_refine.aniso_B[1][1]                            ? 
_refine.aniso_B[1][2]                            ? 
_refine.aniso_B[1][3]                            ? 
_refine.aniso_B[2][2]                            ? 
_refine.aniso_B[2][3]                            ? 
_refine.aniso_B[3][3]                            ? 
_refine.B_iso_max                                ? 
_refine.B_iso_mean                               ? 
_refine.B_iso_min                                ? 
_refine.correlation_coeff_Fo_to_Fc               ? 
_refine.correlation_coeff_Fo_to_Fc_free          ? 
_refine.details                                  ? 
_refine.diff_density_max                         ? 
_refine.diff_density_max_esd                     ? 
_refine.diff_density_min                         ? 
_refine.diff_density_min_esd                     ? 
_refine.diff_density_rms                         ? 
_refine.diff_density_rms_esd                     ? 
_refine.entry_id                                 8JVL 
_refine.pdbx_refine_id                           'X-RAY DIFFRACTION' 
_refine.ls_abs_structure_details                 ? 
_refine.ls_abs_structure_Flack                   ? 
_refine.ls_abs_structure_Flack_esd               ? 
_refine.ls_abs_structure_Rogers                  ? 
_refine.ls_abs_structure_Rogers_esd              ? 
_refine.ls_d_res_high                            2.06 
_refine.ls_d_res_low                             47.14 
_refine.ls_extinction_coef                       ? 
_refine.ls_extinction_coef_esd                   ? 
_refine.ls_extinction_expression                 ? 
_refine.ls_extinction_method                     ? 
_refine.ls_goodness_of_fit_all                   ? 
_refine.ls_goodness_of_fit_all_esd               ? 
_refine.ls_goodness_of_fit_obs                   ? 
_refine.ls_goodness_of_fit_obs_esd               ? 
_refine.ls_hydrogen_treatment                    ? 
_refine.ls_matrix_type                           ? 
_refine.ls_number_constraints                    ? 
_refine.ls_number_parameters                     ? 
_refine.ls_number_reflns_all                     ? 
_refine.ls_number_reflns_obs                     18128 
_refine.ls_number_reflns_R_free                  1813 
_refine.ls_number_reflns_R_work                  ? 
_refine.ls_number_restraints                     ? 
_refine.ls_percent_reflns_obs                    99.58 
_refine.ls_percent_reflns_R_free                 10.00 
_refine.ls_R_factor_all                          ? 
_refine.ls_R_factor_obs                          0.2061 
_refine.ls_R_factor_R_free                       0.2265 
_refine.ls_R_factor_R_free_error                 ? 
_refine.ls_R_factor_R_free_error_details         ? 
_refine.ls_R_factor_R_work                       0.2037 
_refine.ls_R_Fsqd_factor_obs                     ? 
_refine.ls_R_I_factor_obs                        ? 
_refine.ls_redundancy_reflns_all                 ? 
_refine.ls_redundancy_reflns_obs                 ? 
_refine.ls_restrained_S_all                      ? 
_refine.ls_restrained_S_obs                      ? 
_refine.ls_shift_over_esd_max                    ? 
_refine.ls_shift_over_esd_mean                   ? 
_refine.ls_structure_factor_coef                 ? 
_refine.ls_weighting_details                     ? 
_refine.ls_weighting_scheme                      ? 
_refine.ls_wR_factor_all                         ? 
_refine.ls_wR_factor_obs                         ? 
_refine.ls_wR_factor_R_free                      ? 
_refine.ls_wR_factor_R_work                      ? 
_refine.occupancy_max                            ? 
_refine.occupancy_min                            ? 
_refine.solvent_model_details                    'FLAT BULK SOLVENT MODEL' 
_refine.solvent_model_param_bsol                 ? 
_refine.solvent_model_param_ksol                 ? 
_refine.pdbx_R_complete                          ? 
_refine.ls_R_factor_gt                           ? 
_refine.ls_goodness_of_fit_gt                    ? 
_refine.ls_goodness_of_fit_ref                   ? 
_refine.ls_shift_over_su_max                     ? 
_refine.ls_shift_over_su_max_lt                  ? 
_refine.ls_shift_over_su_mean                    ? 
_refine.ls_shift_over_su_mean_lt                 ? 
_refine.pdbx_ls_sigma_I                          ? 
_refine.pdbx_ls_sigma_F                          1.34 
_refine.pdbx_ls_sigma_Fsqd                       ? 
_refine.pdbx_data_cutoff_high_absF               ? 
_refine.pdbx_data_cutoff_high_rms_absF           ? 
_refine.pdbx_data_cutoff_low_absF                ? 
_refine.pdbx_isotropic_thermal_model             ? 
_refine.pdbx_ls_cross_valid_method               'FREE R-VALUE' 
_refine.pdbx_method_to_determine_struct          'MOLECULAR REPLACEMENT' 
_refine.pdbx_starting_model                      ? 
_refine.pdbx_stereochemistry_target_values       ML 
_refine.pdbx_R_Free_selection_details            ? 
_refine.pdbx_stereochem_target_val_spec_case     ? 
_refine.pdbx_overall_ESU_R                       ? 
_refine.pdbx_overall_ESU_R_Free                  ? 
_refine.pdbx_solvent_vdw_probe_radii             1.11 
_refine.pdbx_solvent_ion_probe_radii             ? 
_refine.pdbx_solvent_shrinkage_radii             0.90 
_refine.pdbx_real_space_R                        ? 
_refine.pdbx_density_correlation                 ? 
_refine.pdbx_pd_number_of_powder_patterns        ? 
_refine.pdbx_pd_number_of_points                 ? 
_refine.pdbx_pd_meas_number_of_points            ? 
_refine.pdbx_pd_proc_ls_prof_R_factor            ? 
_refine.pdbx_pd_proc_ls_prof_wR_factor           ? 
_refine.pdbx_pd_Marquardt_correlation_coeff      ? 
_refine.pdbx_pd_Fsqrd_R_factor                   ? 
_refine.pdbx_pd_ls_matrix_band_width             ? 
_refine.pdbx_overall_phase_error                 24.28 
_refine.pdbx_overall_SU_R_free_Cruickshank_DPI   ? 
_refine.pdbx_overall_SU_R_free_Blow_DPI          ? 
_refine.pdbx_overall_SU_R_Blow_DPI               ? 
_refine.pdbx_TLS_residual_ADP_flag               ? 
_refine.pdbx_diffrn_id                           1 
_refine.overall_SU_B                             ? 
_refine.overall_SU_ML                            0.20 
_refine.overall_SU_R_Cruickshank_DPI             ? 
_refine.overall_SU_R_free                        ? 
_refine.overall_FOM_free_R_set                   ? 
_refine.overall_FOM_work_R_set                   ? 
_refine.pdbx_average_fsc_overall                 ? 
_refine.pdbx_average_fsc_work                    ? 
_refine.pdbx_average_fsc_free                    ? 
# 
_refine_hist.pdbx_refine_id                   'X-RAY DIFFRACTION' 
_refine_hist.cycle_id                         LAST 
_refine_hist.pdbx_number_atoms_protein        1222 
_refine_hist.pdbx_number_atoms_nucleic_acid   0 
_refine_hist.pdbx_number_atoms_ligand         17 
_refine_hist.number_atoms_solvent             104 
_refine_hist.number_atoms_total               1343 
_refine_hist.d_res_high                       2.06 
_refine_hist.d_res_low                        47.14 
# 
loop_
_refine_ls_restr.pdbx_refine_id 
_refine_ls_restr.criterion 
_refine_ls_restr.dev_ideal 
_refine_ls_restr.dev_ideal_target 
_refine_ls_restr.number 
_refine_ls_restr.rejects 
_refine_ls_restr.type 
_refine_ls_restr.weight 
_refine_ls_restr.pdbx_restraint_function 
'X-RAY DIFFRACTION' ? 0.006  ? ?   ? f_bond_d           ? ? 
'X-RAY DIFFRACTION' ? 0.855  ? ?   ? f_angle_d          ? ? 
'X-RAY DIFFRACTION' ? 15.379 ? 171 ? f_dihedral_angle_d ? ? 
'X-RAY DIFFRACTION' ? 0.051  ? 186 ? f_chiral_restr     ? ? 
'X-RAY DIFFRACTION' ? 0.008  ? 229 ? f_plane_restr      ? ? 
# 
loop_
_refine_ls_shell.pdbx_refine_id 
_refine_ls_shell.d_res_high 
_refine_ls_shell.d_res_low 
_refine_ls_shell.number_reflns_all 
_refine_ls_shell.number_reflns_obs 
_refine_ls_shell.number_reflns_R_free 
_refine_ls_shell.number_reflns_R_work 
_refine_ls_shell.percent_reflns_obs 
_refine_ls_shell.percent_reflns_R_free 
_refine_ls_shell.R_factor_all 
_refine_ls_shell.R_factor_obs 
_refine_ls_shell.R_factor_R_free_error 
_refine_ls_shell.R_factor_R_work 
_refine_ls_shell.redundancy_reflns_all 
_refine_ls_shell.redundancy_reflns_obs 
_refine_ls_shell.wR_factor_all 
_refine_ls_shell.wR_factor_obs 
_refine_ls_shell.wR_factor_R_free 
_refine_ls_shell.wR_factor_R_work 
_refine_ls_shell.pdbx_R_complete 
_refine_ls_shell.pdbx_total_number_of_bins_used 
_refine_ls_shell.pdbx_phase_error 
_refine_ls_shell.pdbx_fsc_work 
_refine_ls_shell.pdbx_fsc_free 
_refine_ls_shell.R_factor_R_free 
'X-RAY DIFFRACTION' 2.06 2.12  . . 132 1183 96.00  . . . . 0.2724 . . . . . . . . . . . 0.3005 
'X-RAY DIFFRACTION' 2.12 2.18  . . 135 1208 100.00 . . . . 0.2441 . . . . . . . . . . . 0.2759 
'X-RAY DIFFRACTION' 2.18 2.25  . . 135 1220 100.00 . . . . 0.2550 . . . . . . . . . . . 0.2754 
'X-RAY DIFFRACTION' 2.25 2.33  . . 137 1231 100.00 . . . . 0.2478 . . . . . . . . . . . 0.3072 
'X-RAY DIFFRACTION' 2.33 2.43  . . 138 1244 100.00 . . . . 0.2343 . . . . . . . . . . . 0.2549 
'X-RAY DIFFRACTION' 2.43 2.54  . . 135 1226 100.00 . . . . 0.2256 . . . . . . . . . . . 0.2575 
'X-RAY DIFFRACTION' 2.54 2.67  . . 139 1248 100.00 . . . . 0.2233 . . . . . . . . . . . 0.2649 
'X-RAY DIFFRACTION' 2.67 2.84  . . 138 1243 100.00 . . . . 0.2387 . . . . . . . . . . . 0.2680 
'X-RAY DIFFRACTION' 2.84 3.06  . . 140 1262 100.00 . . . . 0.2393 . . . . . . . . . . . 0.2575 
'X-RAY DIFFRACTION' 3.06 3.36  . . 140 1251 100.00 . . . . 0.2115 . . . . . . . . . . . 0.2581 
'X-RAY DIFFRACTION' 3.36 3.85  . . 142 1287 100.00 . . . . 0.1947 . . . . . . . . . . . 0.1949 
'X-RAY DIFFRACTION' 3.85 4.85  . . 146 1310 100.00 . . . . 0.1572 . . . . . . . . . . . 0.1911 
'X-RAY DIFFRACTION' 4.86 47.14 . . 156 1402 100.00 . . . . 0.1847 . . . . . . . . . . . 0.1856 
# 
_struct.entry_id                     8JVL 
_struct.title                        
'Identification and characterization of inhibitors covalently modifying catalytic cysteine of UBE2T and blocking ubiquitin transfer' 
_struct.pdbx_model_details           ? 
_struct.pdbx_formula_weight          ? 
_struct.pdbx_formula_weight_method   ? 
_struct.pdbx_model_type_details      ? 
_struct.pdbx_CASP_flag               N 
# 
_struct_keywords.entry_id        8JVL 
_struct_keywords.text            'UBE2T, structure; drug discovery, covalent inhibitor, Fanconi anemia, LIGASE-inhibitor complex' 
_struct_keywords.pdbx_keywords   LIGASE/INHIBITOR 
# 
loop_
_struct_asym.id 
_struct_asym.pdbx_blank_PDB_chainid_flag 
_struct_asym.pdbx_modified 
_struct_asym.entity_id 
_struct_asym.details 
A N N 1 ? 
B N N 2 ? 
C N N 3 ? 
D N N 4 ? 
# 
loop_
_struct_conf.conf_type_id 
_struct_conf.id 
_struct_conf.pdbx_PDB_helix_id 
_struct_conf.beg_label_comp_id 
_struct_conf.beg_label_asym_id 
_struct_conf.beg_label_seq_id 
_struct_conf.pdbx_beg_PDB_ins_code 
_struct_conf.end_label_comp_id 
_struct_conf.end_label_asym_id 
_struct_conf.end_label_seq_id 
_struct_conf.pdbx_end_PDB_ins_code 
_struct_conf.beg_auth_comp_id 
_struct_conf.beg_auth_asym_id 
_struct_conf.beg_auth_seq_id 
_struct_conf.end_auth_comp_id 
_struct_conf.end_auth_asym_id 
_struct_conf.end_auth_seq_id 
_struct_conf.pdbx_PDB_helix_class 
_struct_conf.details 
_struct_conf.pdbx_PDB_helix_length 
HELX_P HELX_P1 AA1 SER A 2   ? GLU A 19  ? SER A 0   GLU A 17  1 ? 18 
HELX_P HELX_P2 AA2 LEU A 89  ? LYS A 93  ? LEU A 87  LYS A 91  5 ? 5  
HELX_P HELX_P3 AA3 ASN A 105 ? GLU A 119 ? ASN A 103 GLU A 117 1 ? 15 
HELX_P HELX_P4 AA4 MET A 127 ? ASN A 137 ? MET A 125 ASN A 135 1 ? 11 
HELX_P HELX_P5 AA5 ASN A 137 ? ALA A 153 ? ASN A 135 ALA A 151 1 ? 17 
# 
_struct_conf_type.id          HELX_P 
_struct_conf_type.criteria    ? 
_struct_conf_type.reference   ? 
# 
loop_
_struct_mon_prot_cis.pdbx_id 
_struct_mon_prot_cis.label_comp_id 
_struct_mon_prot_cis.label_seq_id 
_struct_mon_prot_cis.label_asym_id 
_struct_mon_prot_cis.label_alt_id 
_struct_mon_prot_cis.pdbx_PDB_ins_code 
_struct_mon_prot_cis.auth_comp_id 
_struct_mon_prot_cis.auth_seq_id 
_struct_mon_prot_cis.auth_asym_id 
_struct_mon_prot_cis.pdbx_label_comp_id_2 
_struct_mon_prot_cis.pdbx_label_seq_id_2 
_struct_mon_prot_cis.pdbx_label_asym_id_2 
_struct_mon_prot_cis.pdbx_PDB_ins_code_2 
_struct_mon_prot_cis.pdbx_auth_comp_id_2 
_struct_mon_prot_cis.pdbx_auth_seq_id_2 
_struct_mon_prot_cis.pdbx_auth_asym_id_2 
_struct_mon_prot_cis.pdbx_PDB_model_num 
_struct_mon_prot_cis.pdbx_omega_angle 
1 TYR 63 A . ? TYR 61 A PRO 64 A ? PRO 62 A 1 8.25 
2 PRO 95 A . ? PRO 93 A PRO 96 A ? PRO 94 A 1 8.85 
# 
_struct_sheet.id               AA1 
_struct_sheet.type             ? 
_struct_sheet.number_strands   4 
_struct_sheet.details          ? 
# 
loop_
_struct_sheet_order.sheet_id 
_struct_sheet_order.range_id_1 
_struct_sheet_order.range_id_2 
_struct_sheet_order.offset 
_struct_sheet_order.sense 
AA1 1 2 ? anti-parallel 
AA1 2 3 ? anti-parallel 
AA1 3 4 ? anti-parallel 
# 
loop_
_struct_sheet_range.sheet_id 
_struct_sheet_range.id 
_struct_sheet_range.beg_label_comp_id 
_struct_sheet_range.beg_label_asym_id 
_struct_sheet_range.beg_label_seq_id 
_struct_sheet_range.pdbx_beg_PDB_ins_code 
_struct_sheet_range.end_label_comp_id 
_struct_sheet_range.end_label_asym_id 
_struct_sheet_range.end_label_seq_id 
_struct_sheet_range.pdbx_end_PDB_ins_code 
_struct_sheet_range.beg_auth_comp_id 
_struct_sheet_range.beg_auth_asym_id 
_struct_sheet_range.beg_auth_seq_id 
_struct_sheet_range.end_auth_comp_id 
_struct_sheet_range.end_auth_asym_id 
_struct_sheet_range.end_auth_seq_id 
AA1 1 ILE A 24 ? GLN A 28 ? ILE A 22 GLN A 26 
AA1 2 ASP A 35 ? LEU A 41 ? ASP A 33 LEU A 39 
AA1 3 VAL A 52 ? ILE A 58 ? VAL A 50 ILE A 56 
AA1 4 GLN A 69 ? PHE A 72 ? GLN A 67 PHE A 70 
# 
loop_
_pdbx_struct_sheet_hbond.sheet_id 
_pdbx_struct_sheet_hbond.range_id_1 
_pdbx_struct_sheet_hbond.range_id_2 
_pdbx_struct_sheet_hbond.range_1_label_atom_id 
_pdbx_struct_sheet_hbond.range_1_label_comp_id 
_pdbx_struct_sheet_hbond.range_1_label_asym_id 
_pdbx_struct_sheet_hbond.range_1_label_seq_id 
_pdbx_struct_sheet_hbond.range_1_PDB_ins_code 
_pdbx_struct_sheet_hbond.range_1_auth_atom_id 
_pdbx_struct_sheet_hbond.range_1_auth_comp_id 
_pdbx_struct_sheet_hbond.range_1_auth_asym_id 
_pdbx_struct_sheet_hbond.range_1_auth_seq_id 
_pdbx_struct_sheet_hbond.range_2_label_atom_id 
_pdbx_struct_sheet_hbond.range_2_label_comp_id 
_pdbx_struct_sheet_hbond.range_2_label_asym_id 
_pdbx_struct_sheet_hbond.range_2_label_seq_id 
_pdbx_struct_sheet_hbond.range_2_PDB_ins_code 
_pdbx_struct_sheet_hbond.range_2_auth_atom_id 
_pdbx_struct_sheet_hbond.range_2_auth_comp_id 
_pdbx_struct_sheet_hbond.range_2_auth_asym_id 
_pdbx_struct_sheet_hbond.range_2_auth_seq_id 
AA1 1 2 N THR A 25 ? N THR A 23 O GLN A 39 ? O GLN A 37 
AA1 2 3 N ALA A 38 ? N ALA A 36 O LEU A 55 ? O LEU A 53 
AA1 3 4 N ILE A 58 ? N ILE A 56 O GLN A 69 ? O GLN A 67 
# 
_atom_sites.entry_id                    8JVL 
_atom_sites.Cartn_transf_matrix[1][1]   ? 
_atom_sites.Cartn_transf_matrix[1][2]   ? 
_atom_sites.Cartn_transf_matrix[1][3]   ? 
_atom_sites.Cartn_transf_matrix[2][1]   ? 
_atom_sites.Cartn_transf_matrix[2][2]   ? 
_atom_sites.Cartn_transf_matrix[2][3]   ? 
_atom_sites.Cartn_transf_matrix[3][1]   ? 
_atom_sites.Cartn_transf_matrix[3][2]   ? 
_atom_sites.Cartn_transf_matrix[3][3]   ? 
_atom_sites.Cartn_transf_vector[1]      ? 
_atom_sites.Cartn_transf_vector[2]      ? 
_atom_sites.Cartn_transf_vector[3]      ? 
_atom_sites.fract_transf_matrix[1][1]   -0.01610623 
_atom_sites.fract_transf_matrix[1][2]   0.00515997 
_atom_sites.fract_transf_matrix[1][3]   0.00677196 
_atom_sites.fract_transf_matrix[2][1]   -0.00676775 
_atom_sites.fract_transf_matrix[2][2]   0.00103225 
_atom_sites.fract_transf_matrix[2][3]   -0.01688276 
_atom_sites.fract_transf_matrix[3][1]   -0.00154046 
_atom_sites.fract_transf_matrix[3][2]   -0.00520142 
_atom_sites.fract_transf_matrix[3][3]   0.00029949 
_atom_sites.fract_transf_vector[1]      -0.316807 
_atom_sites.fract_transf_vector[2]      -0.040224 
_atom_sites.fract_transf_vector[3]      -0.062723 
_atom_sites.solution_primary            ? 
_atom_sites.solution_secondary          ? 
_atom_sites.solution_hydrogens          ? 
_atom_sites.special_details             ? 
# 
loop_
_atom_type.symbol 
C 
N 
O 
S 
# 
loop_
_atom_site.group_PDB 
_atom_site.id 
_atom_site.type_symbol 
_atom_site.label_atom_id 
_atom_site.label_alt_id 
_atom_site.label_comp_id 
_atom_site.label_asym_id 
_atom_site.label_entity_id 
_atom_site.label_seq_id 
_atom_site.pdbx_PDB_ins_code 
_atom_site.Cartn_x 
_atom_site.Cartn_y 
_atom_site.Cartn_z 
_atom_site.occupancy 
_atom_site.B_iso_or_equiv 
_atom_site.pdbx_formal_charge 
_atom_site.auth_seq_id 
_atom_site.auth_comp_id 
_atom_site.auth_asym_id 
_atom_site.auth_atom_id 
_atom_site.pdbx_PDB_model_num 
ATOM   1    N N   . SER A 1 2   ? -4.289  23.044  10.553  1.00 68.89  ? 0   SER A N   1 
ATOM   2    C CA  . SER A 1 2   ? -2.920  23.504  10.783  1.00 68.88  ? 0   SER A CA  1 
ATOM   3    C C   . SER A 1 2   ? -2.228  23.885  9.466   1.00 70.64  ? 0   SER A C   1 
ATOM   4    O O   . SER A 1 2   ? -2.198  23.089  8.509   1.00 61.03  ? 0   SER A O   1 
ATOM   5    C CB  . SER A 1 2   ? -2.120  22.423  11.524  1.00 66.02  ? 0   SER A CB  1 
ATOM   6    O OG  . SER A 1 2   ? -0.753  22.426  11.139  1.00 62.08  ? 0   SER A OG  1 
ATOM   7    N N   . MET A 1 3   ? -1.672  25.105  9.420   1.00 64.29  ? 1   MET A N   1 
ATOM   8    C CA  . MET A 1 3   ? -1.045  25.582  8.190   1.00 65.73  ? 1   MET A CA  1 
ATOM   9    C C   . MET A 1 3   ? 0.218   24.791  7.852   1.00 59.89  ? 1   MET A C   1 
ATOM   10   O O   . MET A 1 3   ? 0.525   24.603  6.668   1.00 58.39  ? 1   MET A O   1 
ATOM   11   C CB  . MET A 1 3   ? -0.740  27.088  8.289   1.00 64.21  ? 1   MET A CB  1 
ATOM   12   C CG  . MET A 1 3   ? 0.293   27.634  7.269   1.00 75.85  ? 1   MET A CG  1 
ATOM   13   S SD  . MET A 1 3   ? 2.056   27.468  7.710   1.00 102.25 ? 1   MET A SD  1 
ATOM   14   C CE  . MET A 1 3   ? 2.887   28.199  6.287   1.00 73.77  ? 1   MET A CE  1 
ATOM   15   N N   . GLN A 1 4   ? 0.967   24.327  8.862   1.00 59.91  ? 2   GLN A N   1 
ATOM   16   C CA  . GLN A 1 4   ? 2.127   23.482  8.583   1.00 58.95  ? 2   GLN A CA  1 
ATOM   17   C C   . GLN A 1 4   ? 1.714   22.213  7.841   1.00 47.07  ? 2   GLN A C   1 
ATOM   18   O O   . GLN A 1 4   ? 2.394   21.791  6.899   1.00 47.12  ? 2   GLN A O   1 
ATOM   19   C CB  . GLN A 1 4   ? 2.862   23.137  9.883   1.00 56.48  ? 2   GLN A CB  1 
ATOM   20   N N   . ARG A 1 5   ? 0.588   21.612  8.238   1.00 43.54  ? 3   ARG A N   1 
ATOM   21   C CA  . ARG A 1 5   ? 0.072   20.423  7.563   1.00 45.76  ? 3   ARG A CA  1 
ATOM   22   C C   . ARG A 1 5   ? -0.309  20.717  6.116   1.00 48.70  ? 3   ARG A C   1 
ATOM   23   O O   . ARG A 1 5   ? -0.009  19.931  5.213   1.00 44.81  ? 3   ARG A O   1 
ATOM   24   C CB  . ARG A 1 5   ? -1.132  19.882  8.326   1.00 45.56  ? 3   ARG A CB  1 
ATOM   25   C CG  . ARG A 1 5   ? -1.763  18.607  7.754   1.00 41.23  ? 3   ARG A CG  1 
ATOM   26   C CD  . ARG A 1 5   ? -2.749  18.066  8.768   1.00 42.78  ? 3   ARG A CD  1 
ATOM   27   N NE  . ARG A 1 5   ? -3.675  17.036  8.288   1.00 43.88  ? 3   ARG A NE  1 
ATOM   28   C CZ  . ARG A 1 5   ? -4.692  17.280  7.474   1.00 45.39  ? 3   ARG A CZ  1 
ATOM   29   N NH1 . ARG A 1 5   ? -4.890  18.488  6.960   1.00 44.54  ? 3   ARG A NH1 1 
ATOM   30   N NH2 . ARG A 1 5   ? -5.540  16.299  7.182   1.00 43.27  ? 3   ARG A NH2 1 
ATOM   31   N N   . ALA A 1 6   ? -0.981  21.849  5.878   1.00 52.29  ? 4   ALA A N   1 
ATOM   32   C CA  . ALA A 1 6   ? -1.411  22.187  4.524   1.00 45.14  ? 4   ALA A CA  1 
ATOM   33   C C   . ALA A 1 6   ? -0.219  22.445  3.608   1.00 45.82  ? 4   ALA A C   1 
ATOM   34   O O   . ALA A 1 6   ? -0.186  21.956  2.470   1.00 41.81  ? 4   ALA A O   1 
ATOM   35   C CB  . ALA A 1 6   ? -2.335  23.403  4.559   1.00 44.65  ? 4   ALA A CB  1 
ATOM   36   N N   . SER A 1 7   ? 0.765   23.225  4.072   1.00 40.01  ? 5   SER A N   1 
ATOM   37   C CA  . SER A 1 7   ? 1.948   23.475  3.252   1.00 42.03  ? 5   SER A CA  1 
ATOM   38   C C   . SER A 1 7   ? 2.706   22.182  2.964   1.00 43.59  ? 5   SER A C   1 
ATOM   39   O O   . SER A 1 7   ? 3.250   21.999  1.865   1.00 40.70  ? 5   SER A O   1 
ATOM   40   C CB  . SER A 1 7   ? 2.859   24.493  3.935   1.00 40.73  ? 5   SER A CB  1 
ATOM   41   O OG  . SER A 1 7   ? 2.112   25.620  4.369   1.00 59.28  ? 5   SER A OG  1 
ATOM   42   N N   . ARG A 1 8   ? 2.764   21.272  3.938   1.00 37.90  ? 6   ARG A N   1 
ATOM   43   C CA  . ARG A 1 8   ? 3.424   19.992  3.701   1.00 41.26  ? 6   ARG A CA  1 
ATOM   44   C C   . ARG A 1 8   ? 2.660   19.163  2.673   1.00 37.25  ? 6   ARG A C   1 
ATOM   45   O O   . ARG A 1 8   ? 3.256   18.595  1.748   1.00 36.44  ? 6   ARG A O   1 
ATOM   46   C CB  . ARG A 1 8   ? 3.571   19.218  5.010   1.00 42.75  ? 6   ARG A CB  1 
ATOM   47   C CG  . ARG A 1 8   ? 3.768   17.715  4.809   1.00 44.25  ? 6   ARG A CG  1 
ATOM   48   C CD  . ARG A 1 8   ? 4.992   17.200  5.514   1.00 39.98  ? 6   ARG A CD  1 
ATOM   49   N NE  . ARG A 1 8   ? 5.130   15.754  5.349   1.00 40.10  ? 6   ARG A NE  1 
ATOM   50   C CZ  . ARG A 1 8   ? 6.015   15.015  6.008   1.00 42.34  ? 6   ARG A CZ  1 
ATOM   51   N NH1 . ARG A 1 8   ? 6.848   15.559  6.883   1.00 39.23  ? 6   ARG A NH1 1 
ATOM   52   N NH2 . ARG A 1 8   ? 6.056   13.698  5.794   1.00 34.03  ? 6   ARG A NH2 1 
ATOM   53   N N   . LEU A 1 9   ? 1.331   19.097  2.807   1.00 33.36  ? 7   LEU A N   1 
ATOM   54   C CA  . LEU A 1 9   ? 0.537   18.324  1.854   1.00 38.10  ? 7   LEU A CA  1 
ATOM   55   C C   . LEU A 1 9   ? 0.626   18.915  0.450   1.00 38.63  ? 7   LEU A C   1 
ATOM   56   O O   . LEU A 1 9   ? 0.678   18.172  -0.538  1.00 35.85  ? 7   LEU A O   1 
ATOM   57   C CB  . LEU A 1 9   ? -0.911  18.236  2.327   1.00 38.86  ? 7   LEU A CB  1 
ATOM   58   C CG  . LEU A 1 9   ? -1.170  17.224  3.454   1.00 40.38  ? 7   LEU A CG  1 
ATOM   59   C CD1 . LEU A 1 9   ? -2.633  17.249  3.840   1.00 39.60  ? 7   LEU A CD1 1 
ATOM   60   C CD2 . LEU A 1 9   ? -0.756  15.786  3.060   1.00 37.63  ? 7   LEU A CD2 1 
ATOM   61   N N   . LYS A 1 10  ? 0.693   20.249  0.339   1.00 36.59  ? 8   LYS A N   1 
ATOM   62   C CA  . LYS A 1 10  ? 0.843   20.867  -0.975  1.00 33.25  ? 8   LYS A CA  1 
ATOM   63   C C   . LYS A 1 10  ? 2.149   20.440  -1.630  1.00 34.23  ? 8   LYS A C   1 
ATOM   64   O O   . LYS A 1 10  ? 2.184   20.151  -2.831  1.00 35.38  ? 8   LYS A O   1 
ATOM   65   C CB  . LYS A 1 10  ? 0.787   22.398  -0.861  1.00 38.15  ? 8   LYS A CB  1 
ATOM   66   C CG  . LYS A 1 10  ? -0.613  22.979  -0.708  1.00 33.45  ? 8   LYS A CG  1 
ATOM   67   C CD  . LYS A 1 10  ? -0.628  24.473  -1.039  1.00 43.55  ? 8   LYS A CD  1 
ATOM   68   C CE  . LYS A 1 10  ? -0.987  25.294  0.179   1.00 51.54  ? 8   LYS A CE  1 
ATOM   69   N NZ  . LYS A 1 10  ? -2.461  25.419  0.314   1.00 54.23  ? 8   LYS A NZ  1 
ATOM   70   N N   . ARG A 1 11  ? 3.239   20.402  -0.856  1.00 32.84  ? 9   ARG A N   1 
ATOM   71   C CA  . ARG A 1 11  ? 4.524   19.993  -1.419  1.00 35.90  ? 9   ARG A CA  1 
ATOM   72   C C   . ARG A 1 11  ? 4.495   18.525  -1.836  1.00 35.72  ? 9   ARG A C   1 
ATOM   73   O O   . ARG A 1 11  ? 5.017   18.155  -2.897  1.00 31.84  ? 9   ARG A O   1 
ATOM   74   C CB  . ARG A 1 11  ? 5.635   20.239  -0.399  1.00 41.58  ? 9   ARG A CB  1 
ATOM   75   C CG  . ARG A 1 11  ? 6.965   19.547  -0.695  1.00 49.59  ? 9   ARG A CG  1 
ATOM   76   C CD  . ARG A 1 11  ? 7.987   19.704  0.455   1.00 60.25  ? 9   ARG A CD  1 
ATOM   77   N NE  . ARG A 1 11  ? 7.757   18.750  1.546   1.00 70.49  ? 9   ARG A NE  1 
ATOM   78   C CZ  . ARG A 1 11  ? 8.123   17.469  1.548   1.00 72.56  ? 9   ARG A CZ  1 
ATOM   79   N NH1 . ARG A 1 11  ? 8.693   16.906  0.493   1.00 70.05  ? 9   ARG A NH1 1 
ATOM   80   N NH2 . ARG A 1 11  ? 7.896   16.728  2.633   1.00 69.91  ? 9   ARG A NH2 1 
ATOM   81   N N   . GLU A 1 12  ? 3.880   17.678  -1.014  1.00 30.55  ? 10  GLU A N   1 
ATOM   82   C CA  . GLU A 1 12  ? 3.818   16.257  -1.338  1.00 39.68  ? 10  GLU A CA  1 
ATOM   83   C C   . GLU A 1 12  ? 3.011   16.023  -2.606  1.00 31.12  ? 10  GLU A C   1 
ATOM   84   O O   . GLU A 1 12  ? 3.449   15.283  -3.488  1.00 35.02  ? 10  GLU A O   1 
ATOM   85   C CB  . GLU A 1 12  ? 3.234   15.465  -0.165  1.00 33.16  ? 10  GLU A CB  1 
ATOM   86   C CG  . GLU A 1 12  ? 4.159   15.430  1.062   1.00 38.41  ? 10  GLU A CG  1 
ATOM   87   C CD  . GLU A 1 12  ? 3.960   14.214  1.973   1.00 42.50  ? 10  GLU A CD  1 
ATOM   88   O OE1 . GLU A 1 12  ? 3.920   13.066  1.478   1.00 34.19  ? 10  GLU A OE1 1 
ATOM   89   O OE2 . GLU A 1 12  ? 3.847   14.416  3.201   1.00 43.78  ? 10  GLU A OE2 1 
ATOM   90   N N   . LEU A 1 13  ? 1.845   16.665  -2.730  1.00 34.74  ? 11  LEU A N   1 
ATOM   91   C CA  . LEU A 1 13  ? 1.070   16.527  -3.963  1.00 34.04  ? 11  LEU A CA  1 
ATOM   92   C C   . LEU A 1 13  ? 1.865   16.990  -5.178  1.00 34.83  ? 11  LEU A C   1 
ATOM   93   O O   . LEU A 1 13  ? 1.799   16.363  -6.238  1.00 33.36  ? 11  LEU A O   1 
ATOM   94   C CB  . LEU A 1 13  ? -0.251  17.284  -3.854  1.00 32.63  ? 11  LEU A CB  1 
ATOM   95   C CG  . LEU A 1 13  ? -1.243  16.566  -2.937  1.00 39.13  ? 11  LEU A CG  1 
ATOM   96   C CD1 . LEU A 1 13  ? -2.434  17.455  -2.595  1.00 38.20  ? 11  LEU A CD1 1 
ATOM   97   C CD2 . LEU A 1 13  ? -1.712  15.275  -3.594  1.00 35.14  ? 11  LEU A CD2 1 
ATOM   98   N N   . HIS A 1 14  ? 2.644   18.068  -5.051  1.00 32.78  ? 12  HIS A N   1 
ATOM   99   C CA  . HIS A 1 14  ? 3.478   18.465  -6.181  1.00 32.20  ? 12  HIS A CA  1 
ATOM   100  C C   . HIS A 1 14  ? 4.514   17.392  -6.501  1.00 34.53  ? 12  HIS A C   1 
ATOM   101  O O   . HIS A 1 14  ? 4.756   17.065  -7.671  1.00 35.75  ? 12  HIS A O   1 
ATOM   102  C CB  . HIS A 1 14  ? 4.167   19.814  -5.913  1.00 33.33  ? 12  HIS A CB  1 
ATOM   103  C CG  . HIS A 1 14  ? 5.148   20.178  -6.975  1.00 33.52  ? 12  HIS A CG  1 
ATOM   104  N ND1 . HIS A 1 14  ? 6.465   19.766  -6.940  1.00 40.65  ? 12  HIS A ND1 1 
ATOM   105  C CD2 . HIS A 1 14  ? 4.995   20.851  -8.141  1.00 31.59  ? 12  HIS A CD2 1 
ATOM   106  C CE1 . HIS A 1 14  ? 7.089   20.202  -8.022  1.00 36.03  ? 12  HIS A CE1 1 
ATOM   107  N NE2 . HIS A 1 14  ? 6.217   20.856  -8.768  1.00 34.65  ? 12  HIS A NE2 1 
ATOM   108  N N   . MET A 1 15  ? 5.143   16.830  -5.472  1.00 30.69  ? 13  MET A N   1 
ATOM   109  C CA  . MET A 1 15  ? 6.163   15.819  -5.714  1.00 32.38  ? 13  MET A CA  1 
ATOM   110  C C   . MET A 1 15  ? 5.548   14.520  -6.231  1.00 34.47  ? 13  MET A C   1 
ATOM   111  O O   . MET A 1 15  ? 6.175   13.809  -7.023  1.00 35.85  ? 13  MET A O   1 
ATOM   112  C CB  . MET A 1 15  ? 6.948   15.571  -4.426  1.00 35.71  ? 13  MET A CB  1 
ATOM   113  C CG  . MET A 1 15  ? 7.704   16.828  -3.957  1.00 38.09  ? 13  MET A CG  1 
ATOM   114  S SD  . MET A 1 15  ? 9.026   17.199  -5.102  1.00 40.50  ? 13  MET A SD  1 
ATOM   115  C CE  . MET A 1 15  ? 10.024  15.722  -4.985  1.00 41.31  ? 13  MET A CE  1 
ATOM   116  N N   . LEU A 1 16  ? 4.327   14.199  -5.806  1.00 31.74  ? 14  LEU A N   1 
ATOM   117  C CA  . LEU A 1 16  ? 3.673   12.984  -6.295  1.00 37.35  ? 14  LEU A CA  1 
ATOM   118  C C   . LEU A 1 16  ? 3.234   13.145  -7.743  1.00 39.07  ? 14  LEU A C   1 
ATOM   119  O O   . LEU A 1 16  ? 3.175   12.163  -8.485  1.00 38.71  ? 14  LEU A O   1 
ATOM   120  C CB  . LEU A 1 16  ? 2.472   12.646  -5.422  1.00 30.07  ? 14  LEU A CB  1 
ATOM   121  C CG  . LEU A 1 16  ? 2.756   12.172  -3.997  1.00 36.03  ? 14  LEU A CG  1 
ATOM   122  C CD1 . LEU A 1 16  ? 1.494   12.274  -3.175  1.00 29.47  ? 14  LEU A CD1 1 
ATOM   123  C CD2 . LEU A 1 16  ? 3.276   10.741  -3.978  1.00 40.41  ? 14  LEU A CD2 1 
ATOM   124  N N   . ALA A 1 17  ? 2.931   14.375  -8.156  1.00 34.20  ? 15  ALA A N   1 
ATOM   125  C CA  . ALA A 1 17  ? 2.515   14.637  -9.526  1.00 39.37  ? 15  ALA A CA  1 
ATOM   126  C C   . ALA A 1 17  ? 3.696   14.648  -10.484 1.00 38.92  ? 15  ALA A C   1 
ATOM   127  O O   . ALA A 1 17  ? 3.583   14.165  -11.613 1.00 45.57  ? 15  ALA A O   1 
ATOM   128  C CB  . ALA A 1 17  ? 1.769   15.969  -9.596  1.00 39.89  ? 15  ALA A CB  1 
ATOM   129  N N   . THR A 1 18  ? 4.841   15.176  -10.047 1.00 40.32  ? 16  THR A N   1 
ATOM   130  C CA  . THR A 1 18  ? 5.968   15.428  -10.937 1.00 36.37  ? 16  THR A CA  1 
ATOM   131  C C   . THR A 1 18  ? 7.103   14.428  -10.804 1.00 41.20  ? 16  THR A C   1 
ATOM   132  O O   . THR A 1 18  ? 7.841   14.215  -11.774 1.00 42.59  ? 16  THR A O   1 
ATOM   133  C CB  . THR A 1 18  ? 6.528   16.833  -10.682 1.00 41.83  ? 16  THR A CB  1 
ATOM   134  O OG1 . THR A 1 18  ? 7.076   16.889  -9.357  1.00 35.54  ? 16  THR A OG1 1 
ATOM   135  C CG2 . THR A 1 18  ? 5.421   17.851  -10.811 1.00 36.39  ? 16  THR A CG2 1 
ATOM   136  N N   . GLU A 1 19  ? 7.288   13.831  -9.629  1.00 36.62  ? 17  GLU A N   1 
ATOM   137  C CA  . GLU A 1 19  ? 8.302   12.798  -9.429  1.00 38.73  ? 17  GLU A CA  1 
ATOM   138  C C   . GLU A 1 19  ? 7.695   11.549  -8.794  1.00 39.55  ? 17  GLU A C   1 
ATOM   139  O O   . GLU A 1 19  ? 8.166   11.090  -7.752  1.00 41.57  ? 17  GLU A O   1 
ATOM   140  C CB  . GLU A 1 19  ? 9.444   13.326  -8.562  1.00 38.54  ? 17  GLU A CB  1 
ATOM   141  C CG  . GLU A 1 19  ? 10.378  14.307  -9.264  1.00 46.76  ? 17  GLU A CG  1 
ATOM   142  C CD  . GLU A 1 19  ? 11.523  14.750  -8.374  1.00 46.91  ? 17  GLU A CD  1 
ATOM   143  O OE1 . GLU A 1 19  ? 11.735  14.119  -7.311  1.00 50.09  ? 17  GLU A OE1 1 
ATOM   144  O OE2 . GLU A 1 19  ? 12.233  15.708  -8.750  1.00 49.10  ? 17  GLU A OE2 1 
ATOM   145  N N   . PRO A 1 20  ? 6.672   10.951  -9.403  1.00 38.38  ? 18  PRO A N   1 
ATOM   146  C CA  . PRO A 1 20  ? 6.069   9.740   -8.803  1.00 35.46  ? 18  PRO A CA  1 
ATOM   147  C C   . PRO A 1 20  ? 7.035   8.574   -8.871  1.00 39.15  ? 18  PRO A C   1 
ATOM   148  O O   . PRO A 1 20  ? 7.740   8.407   -9.878  1.00 41.19  ? 18  PRO A O   1 
ATOM   149  C CB  . PRO A 1 20  ? 4.833   9.487   -9.676  1.00 34.21  ? 18  PRO A CB  1 
ATOM   150  C CG  . PRO A 1 20  ? 5.231   10.010  -11.019 1.00 42.29  ? 18  PRO A CG  1 
ATOM   151  C CD  . PRO A 1 20  ? 6.126   11.220  -10.745 1.00 38.95  ? 18  PRO A CD  1 
ATOM   152  N N   . PRO A 1 21  ? 7.100   7.741   -7.834  1.00 40.75  ? 19  PRO A N   1 
ATOM   153  C CA  . PRO A 1 21  ? 7.923   6.536   -7.920  1.00 36.62  ? 19  PRO A CA  1 
ATOM   154  C C   . PRO A 1 21  ? 7.433   5.644   -9.044  1.00 35.87  ? 19  PRO A C   1 
ATOM   155  O O   . PRO A 1 21  ? 6.229   5.638   -9.372  1.00 37.16  ? 19  PRO A O   1 
ATOM   156  C CB  . PRO A 1 21  ? 7.742   5.870   -6.551  1.00 37.02  ? 19  PRO A CB  1 
ATOM   157  C CG  . PRO A 1 21  ? 7.080   6.888   -5.673  1.00 43.29  ? 19  PRO A CG  1 
ATOM   158  C CD  . PRO A 1 21  ? 6.350   7.832   -6.569  1.00 38.33  ? 19  PRO A CD  1 
ATOM   159  N N   . PRO A 1 22  ? 8.330   4.898   -9.685  1.00 40.10  ? 20  PRO A N   1 
ATOM   160  C CA  . PRO A 1 22  ? 7.916   3.975   -10.745 1.00 42.18  ? 20  PRO A CA  1 
ATOM   161  C C   . PRO A 1 22  ? 6.827   3.025   -10.267 1.00 41.28  ? 20  PRO A C   1 
ATOM   162  O O   . PRO A 1 22  ? 6.896   2.471   -9.165  1.00 41.69  ? 20  PRO A O   1 
ATOM   163  C CB  . PRO A 1 22  ? 9.204   3.218   -11.077 1.00 44.14  ? 20  PRO A CB  1 
ATOM   164  C CG  . PRO A 1 22  ? 10.300  4.162   -10.707 1.00 45.25  ? 20  PRO A CG  1 
ATOM   165  C CD  . PRO A 1 22  ? 9.793   4.926   -9.511  1.00 45.98  ? 20  PRO A CD  1 
ATOM   166  N N   . GLY A 1 23  ? 5.821   2.830   -11.117 1.00 38.06  ? 21  GLY A N   1 
ATOM   167  C CA  . GLY A 1 23  ? 4.709   1.962   -10.803 1.00 40.40  ? 21  GLY A CA  1 
ATOM   168  C C   . GLY A 1 23  ? 3.663   2.575   -9.906  1.00 41.24  ? 21  GLY A C   1 
ATOM   169  O O   . GLY A 1 23  ? 2.628   1.939   -9.671  1.00 39.86  ? 21  GLY A O   1 
ATOM   170  N N   . ILE A 1 24  ? 3.873   3.803   -9.423  1.00 36.76  ? 22  ILE A N   1 
ATOM   171  C CA  . ILE A 1 24  ? 3.024   4.403   -8.402  1.00 38.13  ? 22  ILE A CA  1 
ATOM   172  C C   . ILE A 1 24  ? 2.464   5.733   -8.892  1.00 37.48  ? 22  ILE A C   1 
ATOM   173  O O   . ILE A 1 24  ? 3.175   6.538   -9.505  1.00 36.95  ? 22  ILE A O   1 
ATOM   174  C CB  . ILE A 1 24  ? 3.790   4.589   -7.078  1.00 39.24  ? 22  ILE A CB  1 
ATOM   175  C CG1 . ILE A 1 24  ? 4.188   3.220   -6.519  1.00 36.10  ? 22  ILE A CG1 1 
ATOM   176  C CG2 . ILE A 1 24  ? 2.925   5.292   -6.062  1.00 32.27  ? 22  ILE A CG2 1 
ATOM   177  C CD1 . ILE A 1 24  ? 5.103   3.311   -5.333  1.00 39.29  ? 22  ILE A CD1 1 
ATOM   178  N N   . THR A 1 25  ? 1.186   5.958   -8.596  1.00 35.97  ? 23  THR A N   1 
ATOM   179  C CA  . THR A 1 25  ? 0.463   7.170   -8.934  1.00 39.01  ? 23  THR A CA  1 
ATOM   180  C C   . THR A 1 25  ? -0.393  7.494   -7.722  1.00 36.46  ? 23  THR A C   1 
ATOM   181  O O   . THR A 1 25  ? -0.943  6.589   -7.098  1.00 32.47  ? 23  THR A O   1 
ATOM   182  C CB  . THR A 1 25  ? -0.417  6.965   -10.187 1.00 39.13  ? 23  THR A CB  1 
ATOM   183  O OG1 . THR A 1 25  ? 0.372   6.387   -11.239 1.00 38.47  ? 23  THR A OG1 1 
ATOM   184  C CG2 . THR A 1 25  ? -0.960  8.287   -10.686 1.00 34.18  ? 23  THR A CG2 1 
ATOM   185  N N   . CYS A 1 26  ? -0.477  8.765   -7.361  1.00 28.68  ? 24  CYS A N   1 
ATOM   186  C CA  . CYS A 1 26  ? -1.258  9.163   -6.191  1.00 37.76  ? 24  CYS A CA  1 
ATOM   187  C C   . CYS A 1 26  ? -1.854  10.531  -6.481  1.00 38.08  ? 24  CYS A C   1 
ATOM   188  O O   . CYS A 1 26  ? -1.150  11.401  -6.990  1.00 32.70  ? 24  CYS A O   1 
ATOM   189  C CB  . CYS A 1 26  ? -0.393  9.215   -4.918  1.00 34.24  ? 24  CYS A CB  1 
ATOM   190  S SG  . CYS A 1 26  ? -1.325  9.666   -3.417  1.00 39.27  ? 24  CYS A SG  1 
ATOM   191  N N   . TRP A 1 27  ? -3.140  10.712  -6.184  1.00 37.03  ? 25  TRP A N   1 
ATOM   192  C CA  . TRP A 1 27  ? -3.811  11.930  -6.604  1.00 34.38  ? 25  TRP A CA  1 
ATOM   193  C C   . TRP A 1 27  ? -4.909  12.280  -5.618  1.00 34.00  ? 25  TRP A C   1 
ATOM   194  O O   . TRP A 1 27  ? -5.408  11.440  -4.870  1.00 33.25  ? 25  TRP A O   1 
ATOM   195  C CB  . TRP A 1 27  ? -4.423  11.817  -8.009  1.00 36.22  ? 25  TRP A CB  1 
ATOM   196  C CG  . TRP A 1 27  ? -5.510  10.758  -8.085  1.00 35.46  ? 25  TRP A CG  1 
ATOM   197  C CD1 . TRP A 1 27  ? -6.862  10.949  -7.960  1.00 38.41  ? 25  TRP A CD1 1 
ATOM   198  C CD2 . TRP A 1 27  ? -5.322  9.351   -8.286  1.00 35.70  ? 25  TRP A CD2 1 
ATOM   199  N NE1 . TRP A 1 27  ? -7.523  9.742   -8.076  1.00 33.39  ? 25  TRP A NE1 1 
ATOM   200  C CE2 . TRP A 1 27  ? -6.602  8.748   -8.275  1.00 34.10  ? 25  TRP A CE2 1 
ATOM   201  C CE3 . TRP A 1 27  ? -4.197  8.539   -8.469  1.00 39.15  ? 25  TRP A CE3 1 
ATOM   202  C CZ2 . TRP A 1 27  ? -6.788  7.365   -8.436  1.00 34.32  ? 25  TRP A CZ2 1 
ATOM   203  C CZ3 . TRP A 1 27  ? -4.385  7.163   -8.635  1.00 39.43  ? 25  TRP A CZ3 1 
ATOM   204  C CH2 . TRP A 1 27  ? -5.673  6.594   -8.617  1.00 35.92  ? 25  TRP A CH2 1 
ATOM   205  N N   . GLN A 1 28  ? -5.265  13.551  -5.646  1.00 37.43  ? 26  GLN A N   1 
ATOM   206  C CA  . GLN A 1 28  ? -6.381  14.083  -4.886  1.00 38.88  ? 26  GLN A CA  1 
ATOM   207  C C   . GLN A 1 28  ? -7.690  13.640  -5.524  1.00 39.18  ? 26  GLN A C   1 
ATOM   208  O O   . GLN A 1 28  ? -7.899  13.836  -6.726  1.00 38.61  ? 26  GLN A O   1 
ATOM   209  C CB  . GLN A 1 28  ? -6.260  15.603  -4.883  1.00 37.31  ? 26  GLN A CB  1 
ATOM   210  C CG  . GLN A 1 28  ? -7.205  16.363  -4.022  1.00 42.14  ? 26  GLN A CG  1 
ATOM   211  C CD  . GLN A 1 28  ? -6.863  17.839  -4.071  1.00 42.97  ? 26  GLN A CD  1 
ATOM   212  O OE1 . GLN A 1 28  ? -5.967  18.294  -3.369  1.00 38.54  ? 26  GLN A OE1 1 
ATOM   213  N NE2 . GLN A 1 28  ? -7.561  18.587  -4.917  1.00 37.74  ? 26  GLN A NE2 1 
ATOM   214  N N   . ASP A 1 29  ? -8.580  13.056  -4.719  1.00 38.42  ? 27  ASP A N   1 
ATOM   215  C CA  . ASP A 1 29  ? -9.801  12.478  -5.268  1.00 42.39  ? 27  ASP A CA  1 
ATOM   216  C C   . ASP A 1 29  ? -10.731 13.551  -5.818  1.00 46.05  ? 27  ASP A C   1 
ATOM   217  O O   . ASP A 1 29  ? -11.418 13.330  -6.823  1.00 40.39  ? 27  ASP A O   1 
ATOM   218  C CB  . ASP A 1 29  ? -10.526 11.665  -4.202  1.00 40.86  ? 27  ASP A CB  1 
ATOM   219  C CG  . ASP A 1 29  ? -11.889 11.211  -4.658  1.00 45.69  ? 27  ASP A CG  1 
ATOM   220  O OD1 . ASP A 1 29  ? -12.888 11.851  -4.267  1.00 52.86  ? 27  ASP A OD1 1 
ATOM   221  O OD2 . ASP A 1 29  ? -11.954 10.204  -5.399  1.00 44.04  ? 27  ASP A OD2 1 
ATOM   222  N N   . LYS A 1 30  ? -10.798 14.700  -5.149  1.00 41.37  ? 28  LYS A N   1 
ATOM   223  C CA  . LYS A 1 30  ? -11.642 15.794  -5.610  1.00 43.22  ? 28  LYS A CA  1 
ATOM   224  C C   . LYS A 1 30  ? -11.016 17.131  -5.241  1.00 44.62  ? 28  LYS A C   1 
ATOM   225  O O   . LYS A 1 30  ? -10.186 17.650  -5.991  1.00 44.34  ? 28  LYS A O   1 
ATOM   226  C CB  . LYS A 1 30  ? -13.059 15.678  -5.039  1.00 45.98  ? 28  LYS A CB  1 
ATOM   227  C CG  . LYS A 1 30  ? -14.106 16.376  -5.911  1.00 52.70  ? 28  LYS A CG  1 
ATOM   228  C CD  . LYS A 1 30  ? -15.498 16.357  -5.292  1.00 51.37  ? 28  LYS A CD  1 
ATOM   229  C CE  . LYS A 1 30  ? -16.312 17.568  -5.735  1.00 55.97  ? 28  LYS A CE  1 
ATOM   230  N NZ  . LYS A 1 30  ? -17.709 17.506  -5.202  1.00 64.51  ? 28  LYS A NZ  1 
ATOM   231  N N   . ASP A 1 31  ? -11.381 17.694  -4.085  1.00 43.54  ? 29  ASP A N   1 
ATOM   232  C CA  . ASP A 1 31  ? -10.886 19.015  -3.710  1.00 47.82  ? 29  ASP A CA  1 
ATOM   233  C C   . ASP A 1 31  ? -10.328 19.062  -2.290  1.00 46.77  ? 29  ASP A C   1 
ATOM   234  O O   . ASP A 1 31  ? -10.200 20.148  -1.728  1.00 47.42  ? 29  ASP A O   1 
ATOM   235  C CB  . ASP A 1 31  ? -11.995 20.060  -3.868  1.00 47.04  ? 29  ASP A CB  1 
ATOM   236  C CG  . ASP A 1 31  ? -13.281 19.655  -3.161  1.00 55.54  ? 29  ASP A CG  1 
ATOM   237  O OD1 . ASP A 1 31  ? -13.366 18.498  -2.679  1.00 50.90  ? 29  ASP A OD1 1 
ATOM   238  O OD2 . ASP A 1 31  ? -14.210 20.492  -3.099  1.00 59.84  ? 29  ASP A OD2 1 
ATOM   239  N N   . GLN A 1 32  ? -9.996  17.918  -1.693  1.00 43.75  ? 30  GLN A N   1 
ATOM   240  C CA  . GLN A 1 32  ? -9.463  17.860  -0.333  1.00 37.98  ? 30  GLN A CA  1 
ATOM   241  C C   . GLN A 1 32  ? -8.084  17.224  -0.393  1.00 41.56  ? 30  GLN A C   1 
ATOM   242  O O   . GLN A 1 32  ? -7.941  16.093  -0.869  1.00 40.16  ? 30  GLN A O   1 
ATOM   243  C CB  . GLN A 1 32  ? -10.384 17.060  0.596   1.00 43.51  ? 30  GLN A CB  1 
ATOM   244  C CG  . GLN A 1 32  ? -11.840 17.527  0.630   1.00 49.16  ? 30  GLN A CG  1 
ATOM   245  C CD  . GLN A 1 32  ? -11.987 18.995  1.007   1.00 59.65  ? 30  GLN A CD  1 
ATOM   246  O OE1 . GLN A 1 32  ? -11.136 19.561  1.696   1.00 57.58  ? 30  GLN A OE1 1 
ATOM   247  N NE2 . GLN A 1 32  ? -13.056 19.627  0.528   1.00 61.20  ? 30  GLN A NE2 1 
ATOM   248  N N   . MET A 1 33  ? -7.069  17.948  0.080   1.00 40.21  ? 31  MET A N   1 
ATOM   249  C CA  . MET A 1 33  ? -5.707  17.431  0.042   1.00 40.69  ? 31  MET A CA  1 
ATOM   250  C C   . MET A 1 33  ? -5.486  16.245  0.979   1.00 40.91  ? 31  MET A C   1 
ATOM   251  O O   . MET A 1 33  ? -4.415  15.631  0.921   1.00 38.65  ? 31  MET A O   1 
ATOM   252  C CB  . MET A 1 33  ? -4.710  18.534  0.387   1.00 39.90  ? 31  MET A CB  1 
ATOM   253  C CG  . MET A 1 33  ? -4.636  19.648  -0.632  1.00 45.58  ? 31  MET A CG  1 
ATOM   254  S SD  . MET A 1 33  ? -3.144  20.608  -0.363  1.00 50.88  ? 31  MET A SD  1 
ATOM   255  C CE  . MET A 1 33  ? -3.464  21.193  1.311   1.00 43.85  ? 31  MET A CE  1 
ATOM   256  N N   . ASP A 1 34  ? -6.448  15.910  1.841   1.00 35.92  ? 32  ASP A N   1 
ATOM   257  C CA  . ASP A 1 34  ? -6.285  14.774  2.743   1.00 42.19  ? 32  ASP A CA  1 
ATOM   258  C C   . ASP A 1 34  ? -7.229  13.619  2.425   1.00 44.96  ? 32  ASP A C   1 
ATOM   259  O O   . ASP A 1 34  ? -7.355  12.691  3.234   1.00 42.57  ? 32  ASP A O   1 
ATOM   260  C CB  . ASP A 1 34  ? -6.450  15.214  4.204   1.00 45.11  ? 32  ASP A CB  1 
ATOM   261  C CG  . ASP A 1 34  ? -7.709  16.035  4.456   1.00 47.99  ? 32  ASP A CG  1 
ATOM   262  O OD1 . ASP A 1 34  ? -8.582  16.139  3.570   1.00 45.53  ? 32  ASP A OD1 1 
ATOM   263  O OD2 . ASP A 1 34  ? -7.813  16.591  5.569   1.00 49.93  ? 32  ASP A OD2 1 
ATOM   264  N N   . ASP A 1 35  ? -7.886  13.652  1.266   1.00 43.33  ? 33  ASP A N   1 
ATOM   265  C CA  . ASP A 1 35  ? -8.741  12.574  0.766   1.00 40.42  ? 33  ASP A CA  1 
ATOM   266  C C   . ASP A 1 35  ? -8.149  12.155  -0.579  1.00 38.00  ? 33  ASP A C   1 
ATOM   267  O O   . ASP A 1 35  ? -8.515  12.690  -1.629  1.00 43.34  ? 33  ASP A O   1 
ATOM   268  C CB  . ASP A 1 35  ? -10.202 13.028  0.641   1.00 41.25  ? 33  ASP A CB  1 
ATOM   269  C CG  . ASP A 1 35  ? -11.157 11.871  0.382   1.00 46.39  ? 33  ASP A CG  1 
ATOM   270  O OD1 . ASP A 1 35  ? -10.693 10.713  0.295   1.00 42.83  ? 33  ASP A OD1 1 
ATOM   271  O OD2 . ASP A 1 35  ? -12.374 12.121  0.261   1.00 50.93  ? 33  ASP A OD2 1 
ATOM   272  N N   . LEU A 1 36  ? -7.215  11.210  -0.544  1.00 35.06  ? 34  LEU A N   1 
ATOM   273  C CA  . LEU A 1 36  ? -6.440  10.831  -1.712  1.00 37.02  ? 34  LEU A CA  1 
ATOM   274  C C   . LEU A 1 36  ? -6.725  9.388   -2.120  1.00 36.59  ? 34  LEU A C   1 
ATOM   275  O O   . LEU A 1 36  ? -7.266  8.582   -1.350  1.00 37.47  ? 34  LEU A O   1 
ATOM   276  C CB  . LEU A 1 36  ? -4.931  11.010  -1.451  1.00 39.05  ? 34  LEU A CB  1 
ATOM   277  C CG  . LEU A 1 36  ? -4.445  12.343  -0.845  1.00 37.14  ? 34  LEU A CG  1 
ATOM   278  C CD1 . LEU A 1 36  ? -2.936  12.300  -0.620  1.00 31.87  ? 34  LEU A CD1 1 
ATOM   279  C CD2 . LEU A 1 36  ? -4.828  13.558  -1.697  1.00 32.24  ? 34  LEU A CD2 1 
ATOM   280  N N   . ARG A 1 37  ? -6.365  9.079   -3.362  1.00 34.44  ? 35  ARG A N   1 
ATOM   281  C CA  . ARG A 1 37  ? -6.356  7.720   -3.873  1.00 33.48  ? 35  ARG A CA  1 
ATOM   282  C C   . ARG A 1 37  ? -4.974  7.462   -4.443  1.00 34.56  ? 35  ARG A C   1 
ATOM   283  O O   . ARG A 1 37  ? -4.203  8.391   -4.679  1.00 33.46  ? 35  ARG A O   1 
ATOM   284  C CB  . ARG A 1 37  ? -7.420  7.488   -4.961  1.00 35.38  ? 35  ARG A CB  1 
ATOM   285  C CG  . ARG A 1 37  ? -8.826  7.838   -4.526  1.00 37.27  ? 35  ARG A CG  1 
ATOM   286  C CD  . ARG A 1 37  ? -9.347  6.835   -3.524  1.00 42.57  ? 35  ARG A CD  1 
ATOM   287  N NE  . ARG A 1 37  ? -10.735 7.104   -3.166  1.00 42.59  ? 35  ARG A NE  1 
ATOM   288  C CZ  . ARG A 1 37  ? -11.110 8.045   -2.310  1.00 46.17  ? 35  ARG A CZ  1 
ATOM   289  N NH1 . ARG A 1 37  ? -10.219 8.779   -1.657  1.00 41.17  ? 35  ARG A NH1 1 
ATOM   290  N NH2 . ARG A 1 37  ? -12.409 8.253   -2.106  1.00 47.45  ? 35  ARG A NH2 1 
ATOM   291  N N   . ALA A 1 38  ? -4.658  6.192   -4.654  1.00 33.24  ? 36  ALA A N   1 
ATOM   292  C CA  . ALA A 1 38  ? -3.385  5.844   -5.257  1.00 27.81  ? 36  ALA A CA  1 
ATOM   293  C C   . ALA A 1 38  ? -3.575  4.597   -6.097  1.00 33.38  ? 36  ALA A C   1 
ATOM   294  O O   . ALA A 1 38  ? -4.586  3.897   -5.999  1.00 33.56  ? 36  ALA A O   1 
ATOM   295  C CB  . ALA A 1 38  ? -2.295  5.629   -4.210  1.00 29.87  ? 36  ALA A CB  1 
ATOM   296  N N   . GLN A 1 39  ? -2.579  4.323   -6.928  1.00 32.66  ? 37  GLN A N   1 
ATOM   297  C CA  . GLN A 1 39  ? -2.595  3.170   -7.810  1.00 40.12  ? 37  GLN A CA  1 
ATOM   298  C C   . GLN A 1 39  ? -1.188  2.602   -7.848  1.00 33.32  ? 37  GLN A C   1 
ATOM   299  O O   . GLN A 1 39  ? -0.224  3.348   -8.040  1.00 35.88  ? 37  GLN A O   1 
ATOM   300  C CB  . GLN A 1 39  ? -3.066  3.578   -9.211  1.00 42.32  ? 37  GLN A CB  1 
ATOM   301  C CG  . GLN A 1 39  ? -2.837  2.540   -10.270 1.00 42.07  ? 37  GLN A CG  1 
ATOM   302  C CD  . GLN A 1 39  ? -3.290  3.010   -11.637 1.00 40.91  ? 37  GLN A CD  1 
ATOM   303  O OE1 . GLN A 1 39  ? -4.488  3.172   -11.885 1.00 40.39  ? 37  GLN A OE1 1 
ATOM   304  N NE2 . GLN A 1 39  ? -2.334  3.223   -12.535 1.00 35.25  ? 37  GLN A NE2 1 
ATOM   305  N N   . ILE A 1 40  ? -1.069  1.298   -7.636  1.00 35.36  ? 38  ILE A N   1 
ATOM   306  C CA  . ILE A 1 40  ? 0.205   0.591   -7.700  1.00 33.06  ? 38  ILE A CA  1 
ATOM   307  C C   . ILE A 1 40  ? 0.080   -0.488  -8.769  1.00 35.88  ? 38  ILE A C   1 
ATOM   308  O O   . ILE A 1 40  ? -0.832  -1.320  -8.713  1.00 32.24  ? 38  ILE A O   1 
ATOM   309  C CB  . ILE A 1 40  ? 0.584   -0.029  -6.349  1.00 34.97  ? 38  ILE A CB  1 
ATOM   310  C CG1 . ILE A 1 40  ? 0.782   1.049   -5.289  1.00 33.31  ? 38  ILE A CG1 1 
ATOM   311  C CG2 . ILE A 1 40  ? 1.817   -0.942  -6.497  1.00 32.08  ? 38  ILE A CG2 1 
ATOM   312  C CD1 . ILE A 1 40  ? 1.052   0.462   -3.909  1.00 34.62  ? 38  ILE A CD1 1 
ATOM   313  N N   . LEU A 1 41  ? 0.985   -0.471  -9.737  1.00 36.39  ? 39  LEU A N   1 
ATOM   314  C CA  . LEU A 1 41  ? 0.955   -1.461  -10.800 1.00 37.74  ? 39  LEU A CA  1 
ATOM   315  C C   . LEU A 1 41  ? 1.537   -2.762  -10.281 1.00 37.59  ? 39  LEU A C   1 
ATOM   316  O O   . LEU A 1 41  ? 2.557   -2.757  -9.580  1.00 38.70  ? 39  LEU A O   1 
ATOM   317  C CB  . LEU A 1 41  ? 1.767   -0.980  -12.003 1.00 35.43  ? 39  LEU A CB  1 
ATOM   318  C CG  . LEU A 1 41  ? 1.311   0.290   -12.719 1.00 43.06  ? 39  LEU A CG  1 
ATOM   319  C CD1 . LEU A 1 41  ? 2.187   0.536   -13.950 1.00 41.18  ? 39  LEU A CD1 1 
ATOM   320  C CD2 . LEU A 1 41  ? -0.160  0.199   -13.098 1.00 40.08  ? 39  LEU A CD2 1 
ATOM   321  N N   . GLY A 1 42  ? 0.887   -3.875  -10.625 1.00 43.05  ? 40  GLY A N   1 
ATOM   322  C CA  . GLY A 1 42  ? 1.415   -5.182  -10.288 1.00 36.75  ? 40  GLY A CA  1 
ATOM   323  C C   . GLY A 1 42  ? 2.865   -5.322  -10.702 1.00 39.36  ? 40  GLY A C   1 
ATOM   324  O O   . GLY A 1 42  ? 3.232   -4.960  -11.821 1.00 41.77  ? 40  GLY A O   1 
ATOM   325  N N   . GLY A 1 43  ? 3.707   -5.834  -9.811  1.00 41.44  ? 41  GLY A N   1 
ATOM   326  C CA  . GLY A 1 43  ? 5.133   -5.859  -10.077 1.00 35.91  ? 41  GLY A CA  1 
ATOM   327  C C   . GLY A 1 43  ? 5.524   -6.936  -11.073 1.00 51.22  ? 41  GLY A C   1 
ATOM   328  O O   . GLY A 1 43  ? 4.943   -8.025  -11.127 1.00 44.05  ? 41  GLY A O   1 
ATOM   329  N N   . ALA A 1 44  ? 6.543   -6.623  -11.869 1.00 46.52  ? 42  ALA A N   1 
ATOM   330  C CA  . ALA A 1 44  ? 7.103   -7.613  -12.777 1.00 54.63  ? 42  ALA A CA  1 
ATOM   331  C C   . ALA A 1 44  ? 7.714   -8.766  -11.989 1.00 55.19  ? 42  ALA A C   1 
ATOM   332  O O   . ALA A 1 44  ? 8.326   -8.563  -10.938 1.00 57.66  ? 42  ALA A O   1 
ATOM   333  C CB  . ALA A 1 44  ? 8.158   -6.971  -13.677 1.00 59.03  ? 42  ALA A CB  1 
ATOM   334  N N   . ASN A 1 45  ? 7.543   -9.984  -12.506 1.00 52.43  ? 43  ASN A N   1 
ATOM   335  C CA  . ASN A 1 45  ? 8.039   -11.200 -11.847 1.00 57.07  ? 43  ASN A CA  1 
ATOM   336  C C   . ASN A 1 45  ? 7.450   -11.350 -10.444 1.00 55.62  ? 43  ASN A C   1 
ATOM   337  O O   . ASN A 1 45  ? 8.150   -11.688 -9.485  1.00 54.23  ? 43  ASN A O   1 
ATOM   338  C CB  . ASN A 1 45  ? 9.569   -11.235 -11.796 1.00 61.55  ? 43  ASN A CB  1 
ATOM   339  C CG  . ASN A 1 45  ? 10.198  -11.313 -13.169 1.00 63.61  ? 43  ASN A CG  1 
ATOM   340  O OD1 . ASN A 1 45  ? 9.567   -11.751 -14.131 1.00 70.60  ? 43  ASN A OD1 1 
ATOM   341  N ND2 . ASN A 1 45  ? 11.453  -10.890 -13.268 1.00 68.58  ? 43  ASN A ND2 1 
ATOM   342  N N   . THR A 1 46  ? 6.158   -11.060 -10.326 1.00 48.05  ? 44  THR A N   1 
ATOM   343  C CA  . THR A 1 46  ? 5.351   -11.271 -9.138  1.00 44.92  ? 44  THR A CA  1 
ATOM   344  C C   . THR A 1 46  ? 4.003   -11.765 -9.627  1.00 42.53  ? 44  THR A C   1 
ATOM   345  O O   . THR A 1 46  ? 3.614   -11.476 -10.765 1.00 45.14  ? 44  THR A O   1 
ATOM   346  C CB  . THR A 1 46  ? 5.158   -10.001 -8.279  1.00 42.20  ? 44  THR A CB  1 
ATOM   347  O OG1 . THR A 1 46  ? 4.198   -9.125  -8.890  1.00 41.83  ? 44  THR A OG1 1 
ATOM   348  C CG2 . THR A 1 46  ? 6.472   -9.261  -8.053  1.00 44.08  ? 44  THR A CG2 1 
ATOM   349  N N   . PRO A 1 47  ? 3.272   -12.514 -8.802  1.00 43.20  ? 45  PRO A N   1 
ATOM   350  C CA  . PRO A 1 47  ? 1.963   -13.018 -9.247  1.00 46.04  ? 45  PRO A CA  1 
ATOM   351  C C   . PRO A 1 47  ? 0.944   -11.916 -9.475  1.00 44.97  ? 45  PRO A C   1 
ATOM   352  O O   . PRO A 1 47  ? -0.161  -12.203 -9.957  1.00 45.52  ? 45  PRO A O   1 
ATOM   353  C CB  . PRO A 1 47  ? 1.539   -13.945 -8.102  1.00 38.24  ? 45  PRO A CB  1 
ATOM   354  C CG  . PRO A 1 47  ? 2.294   -13.410 -6.893  1.00 38.54  ? 45  PRO A CG  1 
ATOM   355  C CD  . PRO A 1 47  ? 3.615   -12.971 -7.442  1.00 39.82  ? 45  PRO A CD  1 
ATOM   356  N N   . TYR A 1 48  ? 1.265   -10.677 -9.124  1.00 41.63  ? 46  TYR A N   1 
ATOM   357  C CA  . TYR A 1 48  ? 0.375   -9.543  -9.324  1.00 42.58  ? 46  TYR A CA  1 
ATOM   358  C C   . TYR A 1 48  ? 0.616   -8.843  -10.650 1.00 43.03  ? 46  TYR A C   1 
ATOM   359  O O   . TYR A 1 48  ? -0.110  -7.897  -10.971 1.00 43.16  ? 46  TYR A O   1 
ATOM   360  C CB  . TYR A 1 48  ? 0.525   -8.554  -8.155  1.00 36.36  ? 46  TYR A CB  1 
ATOM   361  C CG  . TYR A 1 48  ? 0.496   -9.280  -6.826  1.00 39.18  ? 46  TYR A CG  1 
ATOM   362  C CD1 . TYR A 1 48  ? -0.645  -9.971  -6.427  1.00 35.99  ? 46  TYR A CD1 1 
ATOM   363  C CD2 . TYR A 1 48  ? 1.615   -9.332  -6.008  1.00 37.54  ? 46  TYR A CD2 1 
ATOM   364  C CE1 . TYR A 1 48  ? -0.686  -10.667 -5.226  1.00 34.89  ? 46  TYR A CE1 1 
ATOM   365  C CE2 . TYR A 1 48  ? 1.583   -10.029 -4.809  1.00 40.09  ? 46  TYR A CE2 1 
ATOM   366  C CZ  . TYR A 1 48  ? 0.430   -10.699 -4.432  1.00 33.29  ? 46  TYR A CZ  1 
ATOM   367  O OH  . TYR A 1 48  ? 0.390   -11.377 -3.239  1.00 39.91  ? 46  TYR A OH  1 
ATOM   368  N N   . GLU A 1 49  ? 1.605   -9.302  -11.422 1.00 47.45  ? 47  GLU A N   1 
ATOM   369  C CA  . GLU A 1 49  ? 1.951   -8.686  -12.701 1.00 52.72  ? 47  GLU A CA  1 
ATOM   370  C C   . GLU A 1 49  ? 0.713   -8.538  -13.578 1.00 48.66  ? 47  GLU A C   1 
ATOM   371  O O   . GLU A 1 49  ? -0.170  -9.396  -13.575 1.00 49.49  ? 47  GLU A O   1 
ATOM   372  C CB  . GLU A 1 49  ? 2.999   -9.548  -13.406 1.00 51.18  ? 47  GLU A CB  1 
ATOM   373  C CG  . GLU A 1 49  ? 3.964   -8.802  -14.311 1.00 62.83  ? 47  GLU A CG  1 
ATOM   374  C CD  . GLU A 1 49  ? 4.959   -9.749  -14.975 1.00 67.04  ? 47  GLU A CD  1 
ATOM   375  O OE1 . GLU A 1 49  ? 5.996   -10.077 -14.348 1.00 67.27  ? 47  GLU A OE1 1 
ATOM   376  O OE2 . GLU A 1 49  ? 4.700   -10.175 -16.121 1.00 74.78  ? 47  GLU A OE2 1 
ATOM   377  N N   . LYS A 1 50  ? 0.638   -7.421  -14.297 1.00 47.73  ? 48  LYS A N   1 
ATOM   378  C CA  . LYS A 1 50  ? -0.495  -7.112  -15.167 1.00 53.74  ? 48  LYS A CA  1 
ATOM   379  C C   . LYS A 1 50  ? -1.740  -6.712  -14.369 1.00 56.25  ? 48  LYS A C   1 
ATOM   380  O O   . LYS A 1 50  ? -2.732  -6.262  -14.954 1.00 57.50  ? 48  LYS A O   1 
ATOM   381  C CB  . LYS A 1 50  ? -0.819  -8.285  -16.109 1.00 54.41  ? 48  LYS A CB  1 
ATOM   382  N N   . GLY A 1 51  ? -1.713  -6.856  -13.042 1.00 45.56  ? 49  GLY A N   1 
ATOM   383  C CA  . GLY A 1 51  ? -2.775  -6.295  -12.229 1.00 37.76  ? 49  GLY A CA  1 
ATOM   384  C C   . GLY A 1 51  ? -2.563  -4.810  -11.976 1.00 41.07  ? 49  GLY A C   1 
ATOM   385  O O   . GLY A 1 51  ? -1.435  -4.311  -11.973 1.00 37.45  ? 49  GLY A O   1 
ATOM   386  N N   . VAL A 1 52  ? -3.673  -4.093  -11.787 1.00 37.78  ? 50  VAL A N   1 
ATOM   387  C CA  . VAL A 1 52  ? -3.667  -2.681  -11.404 1.00 39.15  ? 50  VAL A CA  1 
ATOM   388  C C   . VAL A 1 52  ? -4.461  -2.559  -10.111 1.00 39.05  ? 50  VAL A C   1 
ATOM   389  O O   . VAL A 1 52  ? -5.655  -2.877  -10.082 1.00 37.72  ? 50  VAL A O   1 
ATOM   390  C CB  . VAL A 1 52  ? -4.265  -1.782  -12.499 1.00 40.94  ? 50  VAL A CB  1 
ATOM   391  C CG1 . VAL A 1 52  ? -4.372  -0.337  -12.006 1.00 40.08  ? 50  VAL A CG1 1 
ATOM   392  C CG2 . VAL A 1 52  ? -3.426  -1.849  -13.755 1.00 40.89  ? 50  VAL A CG2 1 
ATOM   393  N N   . PHE A 1 53  ? -3.805  -2.101  -9.045  1.00 37.51  ? 51  PHE A N   1 
ATOM   394  C CA  . PHE A 1 53  ? -4.375  -2.115  -7.700  1.00 34.89  ? 51  PHE A CA  1 
ATOM   395  C C   . PHE A 1 53  ? -4.610  -0.688  -7.217  1.00 37.97  ? 51  PHE A C   1 
ATOM   396  O O   . PHE A 1 53  ? -3.671  0.116   -7.161  1.00 34.58  ? 51  PHE A O   1 
ATOM   397  C CB  . PHE A 1 53  ? -3.453  -2.873  -6.740  1.00 36.22  ? 51  PHE A CB  1 
ATOM   398  C CG  . PHE A 1 53  ? -3.235  -4.317  -7.136  1.00 35.48  ? 51  PHE A CG  1 
ATOM   399  C CD1 . PHE A 1 53  ? -4.037  -5.320  -6.611  1.00 34.69  ? 51  PHE A CD1 1 
ATOM   400  C CD2 . PHE A 1 53  ? -2.250  -4.663  -8.054  1.00 34.55  ? 51  PHE A CD2 1 
ATOM   401  C CE1 . PHE A 1 53  ? -3.849  -6.654  -6.986  1.00 34.77  ? 51  PHE A CE1 1 
ATOM   402  C CE2 . PHE A 1 53  ? -2.061  -5.990  -8.433  1.00 38.61  ? 51  PHE A CE2 1 
ATOM   403  C CZ  . PHE A 1 53  ? -2.859  -6.984  -7.896  1.00 33.89  ? 51  PHE A CZ  1 
ATOM   404  N N   . LYS A 1 54  ? -5.850  -0.388  -6.847  1.00 34.15  ? 52  LYS A N   1 
ATOM   405  C CA  . LYS A 1 54  ? -6.234  0.934   -6.376  1.00 39.18  ? 52  LYS A CA  1 
ATOM   406  C C   . LYS A 1 54  ? -6.255  0.947   -4.854  1.00 37.55  ? 52  LYS A C   1 
ATOM   407  O O   . LYS A 1 54  ? -6.618  -0.049  -4.224  1.00 37.00  ? 52  LYS A O   1 
ATOM   408  C CB  . LYS A 1 54  ? -7.610  1.328   -6.920  1.00 40.80  ? 52  LYS A CB  1 
ATOM   409  C CG  . LYS A 1 54  ? -7.922  2.811   -6.780  1.00 51.60  ? 52  LYS A CG  1 
ATOM   410  C CD  . LYS A 1 54  ? -9.322  3.143   -7.282  1.00 57.13  ? 52  LYS A CD  1 
ATOM   411  C CE  . LYS A 1 54  ? -9.637  4.623   -7.111  1.00 51.10  ? 52  LYS A CE  1 
ATOM   412  N NZ  . LYS A 1 54  ? -10.990 4.945   -7.635  1.00 56.16  ? 52  LYS A NZ  1 
ATOM   413  N N   . LEU A 1 55  ? -5.852  2.069   -4.266  1.00 35.53  ? 53  LEU A N   1 
ATOM   414  C CA  . LEU A 1 55  ? -5.833  2.218   -2.818  1.00 34.19  ? 53  LEU A CA  1 
ATOM   415  C C   . LEU A 1 55  ? -6.464  3.543   -2.422  1.00 36.01  ? 53  LEU A C   1 
ATOM   416  O O   . LEU A 1 55  ? -6.503  4.503   -3.202  1.00 34.81  ? 53  LEU A O   1 
ATOM   417  C CB  . LEU A 1 55  ? -4.415  2.156   -2.235  1.00 31.76  ? 53  LEU A CB  1 
ATOM   418  C CG  . LEU A 1 55  ? -3.551  0.955   -2.597  1.00 33.62  ? 53  LEU A CG  1 
ATOM   419  C CD1 . LEU A 1 55  ? -2.730  1.243   -3.842  1.00 35.65  ? 53  LEU A CD1 1 
ATOM   420  C CD2 . LEU A 1 55  ? -2.665  0.563   -1.428  1.00 35.82  ? 53  LEU A CD2 1 
ATOM   421  N N   . GLU A 1 56  ? -6.967  3.569   -1.192  1.00 32.34  ? 54  GLU A N   1 
ATOM   422  C CA  . GLU A 1 56  ? -7.463  4.772   -0.545  1.00 32.80  ? 54  GLU A CA  1 
ATOM   423  C C   . GLU A 1 56  ? -6.393  5.279   0.416   1.00 36.76  ? 54  GLU A C   1 
ATOM   424  O O   . GLU A 1 56  ? -5.835  4.497   1.194   1.00 35.05  ? 54  GLU A O   1 
ATOM   425  C CB  . GLU A 1 56  ? -8.759  4.468   0.208   1.00 40.66  ? 54  GLU A CB  1 
ATOM   426  C CG  . GLU A 1 56  ? -9.428  5.677   0.823   1.00 45.11  ? 54  GLU A CG  1 
ATOM   427  C CD  . GLU A 1 56  ? -10.507 5.283   1.806   1.00 48.97  ? 54  GLU A CD  1 
ATOM   428  O OE1 . GLU A 1 56  ? -10.175 4.700   2.863   1.00 48.62  ? 54  GLU A OE1 1 
ATOM   429  O OE2 . GLU A 1 56  ? -11.689 5.543   1.510   1.00 50.63  ? 54  GLU A OE2 1 
ATOM   430  N N   . VAL A 1 57  ? -6.095  6.574   0.357   1.00 35.57  ? 55  VAL A N   1 
ATOM   431  C CA  . VAL A 1 57  ? -5.019  7.161   1.149   1.00 36.69  ? 55  VAL A CA  1 
ATOM   432  C C   . VAL A 1 57  ? -5.608  8.341   1.910   1.00 39.40  ? 55  VAL A C   1 
ATOM   433  O O   . VAL A 1 57  ? -5.767  9.434   1.353   1.00 38.30  ? 55  VAL A O   1 
ATOM   434  C CB  . VAL A 1 57  ? -3.830  7.596   0.292   1.00 33.82  ? 55  VAL A CB  1 
ATOM   435  C CG1 . VAL A 1 57  ? -2.813  8.348   1.157   1.00 26.37  ? 55  VAL A CG1 1 
ATOM   436  C CG2 . VAL A 1 57  ? -3.188  6.387   -0.370  1.00 32.17  ? 55  VAL A CG2 1 
ATOM   437  N N   . ILE A 1 58  ? -5.931  8.126   3.182   1.00 39.05  ? 56  ILE A N   1 
ATOM   438  C CA  . ILE A 1 58  ? -6.527  9.143   4.040   1.00 42.19  ? 56  ILE A CA  1 
ATOM   439  C C   . ILE A 1 58  ? -5.433  9.750   4.902   1.00 43.04  ? 56  ILE A C   1 
ATOM   440  O O   . ILE A 1 58  ? -4.684  9.024   5.569   1.00 40.03  ? 56  ILE A O   1 
ATOM   441  C CB  . ILE A 1 58  ? -7.644  8.548   4.915   1.00 40.52  ? 56  ILE A CB  1 
ATOM   442  C CG1 . ILE A 1 58  ? -8.766  7.996   4.032   1.00 42.46  ? 56  ILE A CG1 1 
ATOM   443  C CG2 . ILE A 1 58  ? -8.169  9.594   5.900   1.00 42.06  ? 56  ILE A CG2 1 
ATOM   444  C CD1 . ILE A 1 58  ? -9.369  9.025   3.119   1.00 42.63  ? 56  ILE A CD1 1 
ATOM   445  N N   . ILE A 1 59  ? -5.331  11.073  4.890   1.00 37.40  ? 57  ILE A N   1 
ATOM   446  C CA  . ILE A 1 59  ? -4.319  11.792  5.654   1.00 40.39  ? 57  ILE A CA  1 
ATOM   447  C C   . ILE A 1 59  ? -4.963  12.247  6.958   1.00 43.71  ? 57  ILE A C   1 
ATOM   448  O O   . ILE A 1 59  ? -5.941  13.011  6.914   1.00 45.28  ? 57  ILE A O   1 
ATOM   449  C CB  . ILE A 1 59  ? -3.754  12.979  4.860   1.00 38.87  ? 57  ILE A CB  1 
ATOM   450  C CG1 . ILE A 1 59  ? -3.214  12.502  3.507   1.00 35.12  ? 57  ILE A CG1 1 
ATOM   451  C CG2 . ILE A 1 59  ? -2.682  13.699  5.656   1.00 36.00  ? 57  ILE A CG2 1 
ATOM   452  C CD1 . ILE A 1 59  ? -2.126  11.449  3.610   1.00 37.90  ? 57  ILE A CD1 1 
ATOM   453  N N   . PRO A 1 60  ? -4.489  11.798  8.112   1.00 39.72  ? 58  PRO A N   1 
ATOM   454  C CA  . PRO A 1 60  ? -5.169  12.112  9.370   1.00 43.52  ? 58  PRO A CA  1 
ATOM   455  C C   . PRO A 1 60  ? -4.868  13.538  9.830   1.00 43.02  ? 58  PRO A C   1 
ATOM   456  O O   . PRO A 1 60  ? -3.986  14.227  9.309   1.00 38.89  ? 58  PRO A O   1 
ATOM   457  C CB  . PRO A 1 60  ? -4.609  11.062  10.336  1.00 41.33  ? 58  PRO A CB  1 
ATOM   458  C CG  . PRO A 1 60  ? -3.221  10.799  9.814   1.00 43.56  ? 58  PRO A CG  1 
ATOM   459  C CD  . PRO A 1 60  ? -3.287  10.970  8.313   1.00 40.69  ? 58  PRO A CD  1 
ATOM   460  N N   . GLU A 1 61  ? -5.633  13.979  10.831  1.00 45.82  ? 59  GLU A N   1 
ATOM   461  C CA  . GLU A 1 61  ? -5.529  15.366  11.287  1.00 45.44  ? 59  GLU A CA  1 
ATOM   462  C C   . GLU A 1 61  ? -4.122  15.702  11.774  1.00 40.53  ? 59  GLU A C   1 
ATOM   463  O O   . GLU A 1 61  ? -3.615  16.804  11.520  1.00 35.19  ? 59  GLU A O   1 
ATOM   464  C CB  . GLU A 1 61  ? -6.552  15.624  12.391  1.00 55.18  ? 59  GLU A CB  1 
ATOM   465  C CG  . GLU A 1 61  ? -7.208  16.993  12.341  1.00 64.42  ? 59  GLU A CG  1 
ATOM   466  C CD  . GLU A 1 61  ? -8.303  17.142  13.388  1.00 77.06  ? 59  GLU A CD  1 
ATOM   467  O OE1 . GLU A 1 61  ? -9.494  17.043  13.012  1.00 76.44  ? 59  GLU A OE1 1 
ATOM   468  O OE2 . GLU A 1 61  ? -7.981  17.368  14.576  1.00 82.00  ? 59  GLU A OE2 1 
ATOM   469  N N   . ARG A 1 62  ? -3.460  14.766  12.451  1.00 38.52  ? 60  ARG A N   1 
ATOM   470  C CA  . ARG A 1 62  ? -2.164  15.059  13.056  1.00 40.37  ? 60  ARG A CA  1 
ATOM   471  C C   . ARG A 1 62  ? -0.977  14.770  12.132  1.00 40.49  ? 60  ARG A C   1 
ATOM   472  O O   . ARG A 1 62  ? 0.176   14.876  12.571  1.00 38.40  ? 60  ARG A O   1 
ATOM   473  C CB  . ARG A 1 62  ? -2.016  14.304  14.382  1.00 42.27  ? 60  ARG A CB  1 
ATOM   474  C CG  . ARG A 1 62  ? -2.954  14.840  15.465  1.00 46.88  ? 60  ARG A CG  1 
ATOM   475  C CD  . ARG A 1 62  ? -3.001  13.976  16.719  1.00 48.69  ? 60  ARG A CD  1 
ATOM   476  N NE  . ARG A 1 62  ? -1.724  13.954  17.425  1.00 58.29  ? 60  ARG A NE  1 
ATOM   477  C CZ  . ARG A 1 62  ? -1.313  14.917  18.242  1.00 56.16  ? 60  ARG A CZ  1 
ATOM   478  N NH1 . ARG A 1 62  ? -2.035  16.011  18.440  1.00 49.91  ? 60  ARG A NH1 1 
ATOM   479  N NH2 . ARG A 1 62  ? -0.147  14.785  18.870  1.00 54.07  ? 60  ARG A NH2 1 
ATOM   480  N N   . TYR A 1 63  ? -1.227  14.422  10.871  1.00 41.43  ? 61  TYR A N   1 
ATOM   481  C CA  . TYR A 1 63  ? -0.143  14.278  9.907   1.00 38.12  ? 61  TYR A CA  1 
ATOM   482  C C   . TYR A 1 63  ? 0.693   15.559  9.886   1.00 37.91  ? 61  TYR A C   1 
ATOM   483  O O   . TYR A 1 63  ? 0.130   16.659  9.937   1.00 39.88  ? 61  TYR A O   1 
ATOM   484  C CB  . TYR A 1 63  ? -0.717  13.994  8.513   1.00 35.24  ? 61  TYR A CB  1 
ATOM   485  C CG  . TYR A 1 63  ? 0.323   13.651  7.469   1.00 37.86  ? 61  TYR A CG  1 
ATOM   486  C CD1 . TYR A 1 63  ? 0.811   12.361  7.371   1.00 36.61  ? 61  TYR A CD1 1 
ATOM   487  C CD2 . TYR A 1 63  ? 0.839   14.623  6.606   1.00 34.34  ? 61  TYR A CD2 1 
ATOM   488  C CE1 . TYR A 1 63  ? 1.750   12.022  6.449   1.00 34.38  ? 61  TYR A CE1 1 
ATOM   489  C CE2 . TYR A 1 63  ? 1.800   14.288  5.661   1.00 35.26  ? 61  TYR A CE2 1 
ATOM   490  C CZ  . TYR A 1 63  ? 2.240   12.965  5.593   1.00 39.19  ? 61  TYR A CZ  1 
ATOM   491  O OH  . TYR A 1 63  ? 3.198   12.551  4.695   1.00 38.68  ? 61  TYR A OH  1 
ATOM   492  N N   . PRO A 1 64  ? 2.033   15.471  9.793   1.00 39.87  ? 62  PRO A N   1 
ATOM   493  C CA  . PRO A 1 64  ? 2.887   14.296  9.541   1.00 38.59  ? 62  PRO A CA  1 
ATOM   494  C C   . PRO A 1 64  ? 3.296   13.518  10.793  1.00 40.66  ? 62  PRO A C   1 
ATOM   495  O O   . PRO A 1 64  ? 4.235   12.720  10.752  1.00 37.89  ? 62  PRO A O   1 
ATOM   496  C CB  . PRO A 1 64  ? 4.116   14.920  8.855   1.00 33.11  ? 62  PRO A CB  1 
ATOM   497  C CG  . PRO A 1 64  ? 4.228   16.286  9.471   1.00 37.07  ? 62  PRO A CG  1 
ATOM   498  C CD  . PRO A 1 64  ? 2.826   16.710  9.871   1.00 34.70  ? 62  PRO A CD  1 
ATOM   499  N N   . PHE A 1 65  ? 2.616   13.709  11.919  1.00 39.42  ? 63  PHE A N   1 
ATOM   500  C CA  . PHE A 1 65  ? 3.041   13.065  13.153  1.00 42.87  ? 63  PHE A CA  1 
ATOM   501  C C   . PHE A 1 65  ? 2.351   11.722  13.388  1.00 42.20  ? 63  PHE A C   1 
ATOM   502  O O   . PHE A 1 65  ? 2.780   10.970  14.273  1.00 40.37  ? 63  PHE A O   1 
ATOM   503  C CB  . PHE A 1 65  ? 2.836   14.032  14.330  1.00 33.88  ? 63  PHE A CB  1 
ATOM   504  C CG  . PHE A 1 65  ? 3.542   15.359  14.129  1.00 44.01  ? 63  PHE A CG  1 
ATOM   505  C CD1 . PHE A 1 65  ? 4.931   15.418  14.084  1.00 37.42  ? 63  PHE A CD1 1 
ATOM   506  C CD2 . PHE A 1 65  ? 2.824   16.526  13.922  1.00 38.79  ? 63  PHE A CD2 1 
ATOM   507  C CE1 . PHE A 1 65  ? 5.586   16.611  13.863  1.00 43.90  ? 63  PHE A CE1 1 
ATOM   508  C CE2 . PHE A 1 65  ? 3.474   17.726  13.698  1.00 44.35  ? 63  PHE A CE2 1 
ATOM   509  C CZ  . PHE A 1 65  ? 4.857   17.772  13.671  1.00 44.74  ? 63  PHE A CZ  1 
ATOM   510  N N   . GLU A 1 66  ? 1.317   11.405  12.605  1.00 43.30  ? 64  GLU A N   1 
ATOM   511  C CA  . GLU A 1 66  ? 0.669   10.112  12.442  1.00 37.69  ? 64  GLU A CA  1 
ATOM   512  C C   . GLU A 1 66  ? 0.759   9.676   10.980  1.00 40.66  ? 64  GLU A C   1 
ATOM   513  O O   . GLU A 1 66  ? 0.761   10.519  10.078  1.00 39.22  ? 64  GLU A O   1 
ATOM   514  C CB  . GLU A 1 66  ? -0.805  10.161  12.857  1.00 40.28  ? 64  GLU A CB  1 
ATOM   515  C CG  . GLU A 1 66  ? -1.040  10.396  14.328  1.00 47.05  ? 64  GLU A CG  1 
ATOM   516  C CD  . GLU A 1 66  ? -2.512  10.549  14.645  1.00 50.02  ? 64  GLU A CD  1 
ATOM   517  O OE1 . GLU A 1 66  ? -2.874  10.605  15.841  1.00 54.91  ? 64  GLU A OE1 1 
ATOM   518  O OE2 . GLU A 1 66  ? -3.306  10.632  13.690  1.00 54.08  ? 64  GLU A OE2 1 
ATOM   519  N N   . PRO A 1 67  ? 0.839   8.378   10.710  1.00 36.00  ? 65  PRO A N   1 
ATOM   520  C CA  . PRO A 1 67  ? 1.041   7.919   9.329   1.00 35.49  ? 65  PRO A CA  1 
ATOM   521  C C   . PRO A 1 67  ? -0.218  8.077   8.494   1.00 35.73  ? 65  PRO A C   1 
ATOM   522  O O   . PRO A 1 67  ? -1.338  8.162   9.028   1.00 34.12  ? 65  PRO A O   1 
ATOM   523  C CB  . PRO A 1 67  ? 1.411   6.432   9.495   1.00 32.46  ? 65  PRO A CB  1 
ATOM   524  C CG  . PRO A 1 67  ? 0.799   6.035   10.814  1.00 39.70  ? 65  PRO A CG  1 
ATOM   525  C CD  . PRO A 1 67  ? 0.966   7.277   11.681  1.00 38.97  ? 65  PRO A CD  1 
ATOM   526  N N   . PRO A 1 68  ? -0.078  8.108   7.173   1.00 35.05  ? 66  PRO A N   1 
ATOM   527  C CA  . PRO A 1 68  ? -1.256  8.013   6.310   1.00 34.27  ? 66  PRO A CA  1 
ATOM   528  C C   . PRO A 1 68  ? -1.995  6.715   6.582   1.00 33.39  ? 66  PRO A C   1 
ATOM   529  O O   . PRO A 1 68  ? -1.389  5.690   6.903   1.00 36.57  ? 66  PRO A O   1 
ATOM   530  C CB  . PRO A 1 68  ? -0.664  8.031   4.897   1.00 34.55  ? 66  PRO A CB  1 
ATOM   531  C CG  . PRO A 1 68  ? 0.709   8.651   5.061   1.00 36.76  ? 66  PRO A CG  1 
ATOM   532  C CD  . PRO A 1 68  ? 1.175   8.179   6.405   1.00 33.57  ? 66  PRO A CD  1 
ATOM   533  N N   . GLN A 1 69  ? -3.321  6.767   6.447   1.00 38.03  ? 67  GLN A N   1 
ATOM   534  C CA  . GLN A 1 69  ? -4.188  5.603   6.622   1.00 37.81  ? 67  GLN A CA  1 
ATOM   535  C C   . GLN A 1 69  ? -4.520  5.044   5.243   1.00 38.87  ? 67  GLN A C   1 
ATOM   536  O O   . GLN A 1 69  ? -5.266  5.665   4.482   1.00 37.07  ? 67  GLN A O   1 
ATOM   537  C CB  . GLN A 1 69  ? -5.449  5.992   7.385   1.00 38.84  ? 67  GLN A CB  1 
ATOM   538  C CG  . GLN A 1 69  ? -5.142  6.550   8.767   1.00 52.28  ? 67  GLN A CG  1 
ATOM   539  C CD  . GLN A 1 69  ? -6.309  7.293   9.383   1.00 58.44  ? 67  GLN A CD  1 
ATOM   540  O OE1 . GLN A 1 69  ? -7.244  7.687   8.688   1.00 59.97  ? 67  GLN A OE1 1 
ATOM   541  N NE2 . GLN A 1 69  ? -6.244  7.513   10.691  1.00 65.54  ? 67  GLN A NE2 1 
ATOM   542  N N   . ILE A 1 70  ? -3.968  3.875   4.922   1.00 37.72  ? 68  ILE A N   1 
ATOM   543  C CA  . ILE A 1 70  ? -3.968  3.344   3.562   1.00 33.90  ? 68  ILE A CA  1 
ATOM   544  C C   . ILE A 1 70  ? -4.557  1.944   3.578   1.00 38.43  ? 68  ILE A C   1 
ATOM   545  O O   . ILE A 1 70  ? -4.173  1.110   4.406   1.00 37.36  ? 68  ILE A O   1 
ATOM   546  C CB  . ILE A 1 70  ? -2.552  3.327   2.953   1.00 34.56  ? 68  ILE A CB  1 
ATOM   547  C CG1 . ILE A 1 70  ? -1.963  4.752   2.912   1.00 32.83  ? 68  ILE A CG1 1 
ATOM   548  C CG2 . ILE A 1 70  ? -2.551  2.665   1.570   1.00 31.00  ? 68  ILE A CG2 1 
ATOM   549  C CD1 . ILE A 1 70  ? -0.574  4.810   2.302   1.00 28.66  ? 68  ILE A CD1 1 
ATOM   550  N N   . ARG A 1 71  ? -5.500  1.697   2.676   1.00 32.84  ? 69  ARG A N   1 
ATOM   551  C CA  . ARG A 1 71  ? -6.110  0.391   2.526   1.00 30.90  ? 69  ARG A CA  1 
ATOM   552  C C   . ARG A 1 71  ? -6.272  0.124   1.038   1.00 37.28  ? 69  ARG A C   1 
ATOM   553  O O   . ARG A 1 71  ? -6.469  1.056   0.251   1.00 34.06  ? 69  ARG A O   1 
ATOM   554  C CB  . ARG A 1 71  ? -7.464  0.329   3.246   1.00 33.30  ? 69  ARG A CB  1 
ATOM   555  C CG  . ARG A 1 71  ? -8.484  1.264   2.641   1.00 42.79  ? 69  ARG A CG  1 
ATOM   556  C CD  . ARG A 1 71  ? -9.920  0.906   2.986   1.00 54.78  ? 69  ARG A CD  1 
ATOM   557  N NE  . ARG A 1 71  ? -10.772 2.090   3.074   1.00 61.95  ? 69  ARG A NE  1 
ATOM   558  C CZ  . ARG A 1 71  ? -12.063 2.084   2.770   1.00 65.37  ? 69  ARG A CZ  1 
ATOM   559  N NH1 . ARG A 1 71  ? -12.667 0.976   2.363   1.00 56.65  ? 69  ARG A NH1 1 
ATOM   560  N NH2 . ARG A 1 71  ? -12.755 3.221   2.846   1.00 61.19  ? 69  ARG A NH2 1 
ATOM   561  N N   . PHE A 1 72  ? -6.146  -1.146  0.649   1.00 33.45  ? 70  PHE A N   1 
ATOM   562  C CA  . PHE A 1 72  ? -6.409  -1.531  -0.734  1.00 35.09  ? 70  PHE A CA  1 
ATOM   563  C C   . PHE A 1 72  ? -7.908  -1.452  -1.008  1.00 37.67  ? 70  PHE A C   1 
ATOM   564  O O   . PHE A 1 72  ? -8.723  -1.887  -0.186  1.00 37.38  ? 70  PHE A O   1 
ATOM   565  C CB  . PHE A 1 72  ? -5.904  -2.955  -1.018  1.00 32.02  ? 70  PHE A CB  1 
ATOM   566  C CG  . PHE A 1 72  ? -4.428  -3.042  -1.350  1.00 31.09  ? 70  PHE A CG  1 
ATOM   567  C CD1 . PHE A 1 72  ? -3.996  -3.098  -2.668  1.00 29.84  ? 70  PHE A CD1 1 
ATOM   568  C CD2 . PHE A 1 72  ? -3.476  -3.098  -0.343  1.00 27.72  ? 70  PHE A CD2 1 
ATOM   569  C CE1 . PHE A 1 72  ? -2.643  -3.187  -2.981  1.00 31.76  ? 70  PHE A CE1 1 
ATOM   570  C CE2 . PHE A 1 72  ? -2.115  -3.179  -0.645  1.00 30.97  ? 70  PHE A CE2 1 
ATOM   571  C CZ  . PHE A 1 72  ? -1.695  -3.228  -1.962  1.00 27.60  ? 70  PHE A CZ  1 
ATOM   572  N N   . LEU A 1 73  ? -8.271  -0.867  -2.153  1.00 35.49  ? 71  LEU A N   1 
ATOM   573  C CA  . LEU A 1 73  ? -9.638  -0.920  -2.659  1.00 34.10  ? 71  LEU A CA  1 
ATOM   574  C C   . LEU A 1 73  ? -9.831  -2.082  -3.628  1.00 41.13  ? 71  LEU A C   1 
ATOM   575  O O   . LEU A 1 73  ? -10.922 -2.657  -3.691  1.00 42.58  ? 71  LEU A O   1 
ATOM   576  C CB  . LEU A 1 73  ? -10.007 0.408   -3.344  1.00 31.60  ? 71  LEU A CB  1 
ATOM   577  C CG  . LEU A 1 73  ? -10.043 1.650   -2.441  1.00 37.90  ? 71  LEU A CG  1 
ATOM   578  C CD1 . LEU A 1 73  ? -10.264 2.956   -3.225  1.00 31.95  ? 71  LEU A CD1 1 
ATOM   579  C CD2 . LEU A 1 73  ? -11.113 1.509   -1.360  1.00 35.03  ? 71  LEU A CD2 1 
ATOM   580  N N   . THR A 1 74  ? -8.792  -2.432  -4.370  1.00 39.17  ? 72  THR A N   1 
ATOM   581  C CA  . THR A 1 74  ? -8.774  -3.644  -5.183  1.00 36.96  ? 72  THR A CA  1 
ATOM   582  C C   . THR A 1 74  ? -8.404  -4.842  -4.320  1.00 39.39  ? 72  THR A C   1 
ATOM   583  O O   . THR A 1 74  ? -7.359  -4.809  -3.661  1.00 33.54  ? 72  THR A O   1 
ATOM   584  C CB  . THR A 1 74  ? -7.749  -3.479  -6.294  1.00 40.23  ? 72  THR A CB  1 
ATOM   585  O OG1 . THR A 1 74  ? -8.037  -2.278  -7.015  1.00 37.66  ? 72  THR A OG1 1 
ATOM   586  C CG2 . THR A 1 74  ? -7.781  -4.653  -7.252  1.00 35.99  ? 72  THR A CG2 1 
ATOM   587  N N   . PRO A 1 75  ? -9.210  -5.916  -4.300  1.00 41.09  ? 73  PRO A N   1 
ATOM   588  C CA  . PRO A 1 75  ? -8.814  -7.127  -3.560  1.00 36.68  ? 73  PRO A CA  1 
ATOM   589  C C   . PRO A 1 75  ? -7.470  -7.650  -4.045  1.00 37.77  ? 73  PRO A C   1 
ATOM   590  O O   . PRO A 1 75  ? -7.157  -7.608  -5.237  1.00 34.90  ? 73  PRO A O   1 
ATOM   591  C CB  . PRO A 1 75  ? -9.944  -8.125  -3.867  1.00 34.68  ? 73  PRO A CB  1 
ATOM   592  C CG  . PRO A 1 75  ? -11.109 -7.288  -4.263  1.00 37.47  ? 73  PRO A CG  1 
ATOM   593  C CD  . PRO A 1 75  ? -10.529 -6.067  -4.948  1.00 41.94  ? 73  PRO A CD  1 
ATOM   594  N N   . ILE A 1 76  ? -6.669  -8.138  -3.103  1.00 33.92  ? 74  ILE A N   1 
ATOM   595  C CA  . ILE A 1 76  ? -5.361  -8.703  -3.397  1.00 30.97  ? 74  ILE A CA  1 
ATOM   596  C C   . ILE A 1 76  ? -5.146  -9.878  -2.449  1.00 36.76  ? 74  ILE A C   1 
ATOM   597  O O   . ILE A 1 76  ? -5.590  -9.857  -1.297  1.00 37.64  ? 74  ILE A O   1 
ATOM   598  C CB  . ILE A 1 76  ? -4.231  -7.647  -3.274  1.00 30.82  ? 74  ILE A CB  1 
ATOM   599  C CG1 . ILE A 1 76  ? -2.866  -8.249  -3.620  1.00 34.13  ? 74  ILE A CG1 1 
ATOM   600  C CG2 . ILE A 1 76  ? -4.210  -7.019  -1.884  1.00 30.72  ? 74  ILE A CG2 1 
ATOM   601  C CD1 . ILE A 1 76  ? -1.789  -7.217  -3.868  1.00 34.80  ? 74  ILE A CD1 1 
ATOM   602  N N   . TYR A 1 77  ? -4.482  -10.916 -2.956  1.00 33.42  ? 75  TYR A N   1 
ATOM   603  C CA  . TYR A 1 77  ? -4.267  -12.174 -2.240  1.00 33.60  ? 75  TYR A CA  1 
ATOM   604  C C   . TYR A 1 77  ? -2.828  -12.191 -1.743  1.00 36.17  ? 75  TYR A C   1 
ATOM   605  O O   . TYR A 1 77  ? -1.899  -12.374 -2.532  1.00 32.90  ? 75  TYR A O   1 
ATOM   606  C CB  . TYR A 1 77  ? -4.557  -13.355 -3.169  1.00 39.32  ? 75  TYR A CB  1 
ATOM   607  C CG  . TYR A 1 77  ? -4.473  -14.753 -2.569  1.00 35.45  ? 75  TYR A CG  1 
ATOM   608  C CD1 . TYR A 1 77  ? -5.604  -15.384 -2.088  1.00 37.54  ? 75  TYR A CD1 1 
ATOM   609  C CD2 . TYR A 1 77  ? -3.272  -15.450 -2.530  1.00 37.07  ? 75  TYR A CD2 1 
ATOM   610  C CE1 . TYR A 1 77  ? -5.559  -16.676 -1.568  1.00 41.72  ? 75  TYR A CE1 1 
ATOM   611  C CE2 . TYR A 1 77  ? -3.209  -16.760 -2.000  1.00 37.37  ? 75  TYR A CE2 1 
ATOM   612  C CZ  . TYR A 1 77  ? -4.360  -17.356 -1.517  1.00 41.15  ? 75  TYR A CZ  1 
ATOM   613  O OH  . TYR A 1 77  ? -4.334  -18.641 -0.993  1.00 39.50  ? 75  TYR A OH  1 
ATOM   614  N N   . HIS A 1 78  ? -2.645  -12.014 -0.430  1.00 34.60  ? 76  HIS A N   1 
ATOM   615  C CA  . HIS A 1 78  ? -1.331  -11.678 0.101   1.00 34.90  ? 76  HIS A CA  1 
ATOM   616  C C   . HIS A 1 78  ? -1.303  -11.981 1.588   1.00 30.50  ? 76  HIS A C   1 
ATOM   617  O O   . HIS A 1 78  ? -2.309  -11.751 2.270   1.00 33.01  ? 76  HIS A O   1 
ATOM   618  C CB  . HIS A 1 78  ? -1.030  -10.186 -0.146  1.00 32.01  ? 76  HIS A CB  1 
ATOM   619  C CG  . HIS A 1 78  ? 0.389   -9.785  0.121   1.00 30.78  ? 76  HIS A CG  1 
ATOM   620  N ND1 . HIS A 1 78  ? 0.872   -9.558  1.394   1.00 35.24  ? 76  HIS A ND1 1 
ATOM   621  C CD2 . HIS A 1 78  ? 1.422   -9.538  -0.720  1.00 35.85  ? 76  HIS A CD2 1 
ATOM   622  C CE1 . HIS A 1 78  ? 2.142   -9.198  1.325   1.00 33.73  ? 76  HIS A CE1 1 
ATOM   623  N NE2 . HIS A 1 78  ? 2.500   -9.178  0.053   1.00 36.46  ? 76  HIS A NE2 1 
ATOM   624  N N   . PRO A 1 79  ? -0.185  -12.454 2.129   1.00 30.17  ? 77  PRO A N   1 
ATOM   625  C CA  . PRO A 1 79  ? -0.148  -12.748 3.569   1.00 30.63  ? 77  PRO A CA  1 
ATOM   626  C C   . PRO A 1 79  ? -0.428  -11.545 4.458   1.00 35.12  ? 77  PRO A C   1 
ATOM   627  O O   . PRO A 1 79  ? -0.987  -11.724 5.545   1.00 30.58  ? 77  PRO A O   1 
ATOM   628  C CB  . PRO A 1 79  ? 1.279   -13.278 3.778   1.00 32.46  ? 77  PRO A CB  1 
ATOM   629  C CG  . PRO A 1 79  ? 1.705   -13.778 2.438   1.00 30.40  ? 77  PRO A CG  1 
ATOM   630  C CD  . PRO A 1 79  ? 1.040   -12.883 1.433   1.00 31.05  ? 77  PRO A CD  1 
ATOM   631  N N   . ASN A 1 80  ? -0.057  -10.324 4.051   1.00 32.09  ? 78  ASN A N   1 
ATOM   632  C CA  . ASN A 1 80  ? -0.120  -9.181  4.953   1.00 33.83  ? 78  ASN A CA  1 
ATOM   633  C C   . ASN A 1 80  ? -1.288  -8.238  4.670   1.00 37.04  ? 78  ASN A C   1 
ATOM   634  O O   . ASN A 1 80  ? -1.347  -7.158  5.254   1.00 34.10  ? 78  ASN A O   1 
ATOM   635  C CB  . ASN A 1 80  ? 1.207   -8.404  4.919   1.00 34.18  ? 78  ASN A CB  1 
ATOM   636  C CG  . ASN A 1 80  ? 2.420   -9.311  5.153   1.00 34.95  ? 78  ASN A CG  1 
ATOM   637  O OD1 . ASN A 1 80  ? 3.131   -9.681  4.215   1.00 33.20  ? 78  ASN A OD1 1 
ATOM   638  N ND2 . ASN A 1 80  ? 2.639   -9.691  6.405   1.00 33.07  ? 78  ASN A ND2 1 
ATOM   639  N N   . ILE A 1 81  ? -2.227  -8.616  3.808   1.00 36.99  ? 79  ILE A N   1 
ATOM   640  C CA  . ILE A 1 81  ? -3.346  -7.754  3.436   1.00 32.43  ? 79  ILE A CA  1 
ATOM   641  C C   . ILE A 1 81  ? -4.623  -8.565  3.591   1.00 35.83  ? 79  ILE A C   1 
ATOM   642  O O   . ILE A 1 81  ? -4.744  -9.642  3.001   1.00 32.28  ? 79  ILE A O   1 
ATOM   643  C CB  . ILE A 1 81  ? -3.202  -7.214  1.998   1.00 36.27  ? 79  ILE A CB  1 
ATOM   644  C CG1 . ILE A 1 81  ? -1.835  -6.546  1.806   1.00 33.11  ? 79  ILE A CG1 1 
ATOM   645  C CG2 . ILE A 1 81  ? -4.325  -6.239  1.652   1.00 33.60  ? 79  ILE A CG2 1 
ATOM   646  C CD1 . ILE A 1 81  ? -1.426  -6.375  0.345   1.00 31.19  ? 79  ILE A CD1 1 
ATOM   647  N N   . ASP A 1 82  ? -5.567  -8.067  4.389   1.00 35.87  ? 80  ASP A N   1 
ATOM   648  C CA  . ASP A 1 82  ? -6.738  -8.883  4.655   1.00 37.98  ? 80  ASP A CA  1 
ATOM   649  C C   . ASP A 1 82  ? -7.791  -8.643  3.571   1.00 38.80  ? 80  ASP A C   1 
ATOM   650  O O   . ASP A 1 82  ? -7.581  -7.883  2.623   1.00 38.37  ? 80  ASP A O   1 
ATOM   651  C CB  . ASP A 1 82  ? -7.253  -8.652  6.085   1.00 37.25  ? 80  ASP A CB  1 
ATOM   652  C CG  . ASP A 1 82  ? -7.963  -7.311  6.284   1.00 42.35  ? 80  ASP A CG  1 
ATOM   653  O OD1 . ASP A 1 82  ? -8.349  -6.639  5.305   1.00 38.57  ? 80  ASP A OD1 1 
ATOM   654  O OD2 . ASP A 1 82  ? -8.150  -6.938  7.466   1.00 44.63  ? 80  ASP A OD2 1 
ATOM   655  N N   . SER A 1 83  ? -8.944  -9.301  3.710   1.00 39.18  ? 81  SER A N   1 
ATOM   656  C CA  . SER A 1 83  ? -9.938  -9.280  2.642   1.00 37.78  ? 81  SER A CA  1 
ATOM   657  C C   . SER A 1 83  ? -10.666 -7.952  2.541   1.00 44.48  ? 81  SER A C   1 
ATOM   658  O O   . SER A 1 83  ? -11.352 -7.722  1.539   1.00 47.29  ? 81  SER A O   1 
ATOM   659  C CB  . SER A 1 83  ? -10.951 -10.412 2.841   1.00 46.59  ? 81  SER A CB  1 
ATOM   660  O OG  . SER A 1 83  ? -11.555 -10.315 4.117   1.00 47.88  ? 81  SER A OG  1 
ATOM   661  N N   . ALA A 1 84  ? -10.538 -7.082  3.543   1.00 41.72  ? 82  ALA A N   1 
ATOM   662  C CA  . ALA A 1 84  ? -11.038 -5.720  3.472   1.00 42.74  ? 82  ALA A CA  1 
ATOM   663  C C   . ALA A 1 84  ? -9.962  -4.732  3.028   1.00 44.08  ? 82  ALA A C   1 
ATOM   664  O O   . ALA A 1 84  ? -10.189 -3.520  3.067   1.00 43.02  ? 82  ALA A O   1 
ATOM   665  C CB  . ALA A 1 84  ? -11.611 -5.300  4.828   1.00 44.14  ? 82  ALA A CB  1 
ATOM   666  N N   . GLY A 1 85  ? -8.797  -5.224  2.620   1.00 41.94  ? 83  GLY A N   1 
ATOM   667  C CA  . GLY A 1 85  ? -7.735  -4.361  2.169   1.00 39.08  ? 83  GLY A CA  1 
ATOM   668  C C   . GLY A 1 85  ? -6.894  -3.722  3.257   1.00 38.52  ? 83  GLY A C   1 
ATOM   669  O O   . GLY A 1 85  ? -6.073  -2.853  2.934   1.00 37.52  ? 83  GLY A O   1 
ATOM   670  N N   . ARG A 1 86  ? -7.061  -4.104  4.527   1.00 37.25  ? 84  ARG A N   1 
ATOM   671  C CA  . ARG A 1 86  ? -6.169  -3.586  5.565   1.00 37.67  ? 84  ARG A CA  1 
ATOM   672  C C   . ARG A 1 86  ? -4.751  -4.093  5.333   1.00 37.94  ? 84  ARG A C   1 
ATOM   673  O O   . ARG A 1 86  ? -4.549  -5.233  4.903   1.00 38.76  ? 84  ARG A O   1 
ATOM   674  C CB  . ARG A 1 86  ? -6.635  -4.002  6.967   1.00 38.17  ? 84  ARG A CB  1 
ATOM   675  C CG  . ARG A 1 86  ? -8.046  -3.617  7.370   1.00 46.14  ? 84  ARG A CG  1 
ATOM   676  C CD  . ARG A 1 86  ? -8.207  -3.638  8.908   1.00 46.86  ? 84  ARG A CD  1 
ATOM   677  N NE  . ARG A 1 86  ? -7.968  -4.977  9.457   1.00 60.26  ? 84  ARG A NE  1 
ATOM   678  C CZ  . ARG A 1 86  ? -7.688  -5.254  10.729  1.00 59.18  ? 84  ARG A CZ  1 
ATOM   679  N NH1 . ARG A 1 86  ? -7.628  -4.302  11.648  1.00 57.48  ? 84  ARG A NH1 1 
ATOM   680  N NH2 . ARG A 1 86  ? -7.482  -6.523  11.091  1.00 57.50  ? 84  ARG A NH2 1 
ATOM   681  N N   . ILE A 1 87  ? -3.762  -3.267  5.660   1.00 30.78  ? 85  ILE A N   1 
ATOM   682  C CA  . ILE A 1 87  ? -2.361  -3.563  5.374   1.00 34.25  ? 85  ILE A CA  1 
ATOM   683  C C   . ILE A 1 87  ? -1.569  -3.652  6.671   1.00 36.43  ? 85  ILE A C   1 
ATOM   684  O O   . ILE A 1 87  ? -1.538  -2.694  7.451   1.00 37.07  ? 85  ILE A O   1 
ATOM   685  C CB  . ILE A 1 87  ? -1.725  -2.499  4.464   1.00 35.13  ? 85  ILE A CB  1 
ATOM   686  C CG1 . ILE A 1 87  ? -2.545  -2.298  3.189   1.00 34.98  ? 85  ILE A CG1 1 
ATOM   687  C CG2 . ILE A 1 87  ? -0.288  -2.870  4.173   1.00 29.70  ? 85  ILE A CG2 1 
ATOM   688  C CD1 . ILE A 1 87  ? -2.140  -1.040  2.415   1.00 34.99  ? 85  ILE A CD1 1 
ATOM   689  N N   . CYS A 1 88  ? -0.856  -4.760  6.861   1.00 32.86  ? 86  CYS A N   1 
ATOM   690  C CA  . CYS A 1 88  ? 0.042   -4.897  8.007   1.00 34.23  ? 86  CYS A CA  1 
ATOM   691  C C   . CYS A 1 88  ? 1.457   -4.574  7.558   1.00 35.82  ? 86  CYS A C   1 
ATOM   692  O O   . CYS A 1 88  ? 2.086   -5.385  6.868   1.00 35.16  ? 86  CYS A O   1 
ATOM   693  C CB  . CYS A 1 88  ? -0.012  -6.292  8.627   1.00 38.11  ? 86  CYS A CB  1 
ATOM   694  S SG  . CYS A 1 88  ? 1.051   -6.401  10.094  1.00 42.15  ? 86  CYS A SG  1 
ATOM   695  N N   . LEU A 1 89  ? 1.965   -3.405  7.977   1.00 29.39  ? 87  LEU A N   1 
ATOM   696  C CA  . LEU A 1 89  ? 3.251   -2.894  7.513   1.00 32.19  ? 87  LEU A CA  1 
ATOM   697  C C   . LEU A 1 89  ? 3.793   -1.881  8.516   1.00 32.37  ? 87  LEU A C   1 
ATOM   698  O O   . LEU A 1 89  ? 3.064   -0.970  8.913   1.00 30.79  ? 87  LEU A O   1 
ATOM   699  C CB  . LEU A 1 89  ? 3.077   -2.252  6.133   1.00 35.39  ? 87  LEU A CB  1 
ATOM   700  C CG  . LEU A 1 89  ? 4.224   -1.501  5.465   1.00 33.03  ? 87  LEU A CG  1 
ATOM   701  C CD1 . LEU A 1 89  ? 5.393   -2.440  5.244   1.00 32.37  ? 87  LEU A CD1 1 
ATOM   702  C CD2 . LEU A 1 89  ? 3.778   -0.911  4.145   1.00 32.04  ? 87  LEU A CD2 1 
ATOM   703  N N   . ASP A 1 90  ? 5.074   -2.005  8.879   1.00 33.40  ? 88  ASP A N   1 
ATOM   704  C CA  . ASP A 1 90  ? 5.616   -1.193  9.978   1.00 38.23  ? 88  ASP A CA  1 
ATOM   705  C C   . ASP A 1 90  ? 5.451   0.305   9.732   1.00 34.56  ? 88  ASP A C   1 
ATOM   706  O O   . ASP A 1 90  ? 4.967   1.033   10.609  1.00 33.12  ? 88  ASP A O   1 
ATOM   707  C CB  . ASP A 1 90  ? 7.094   -1.529  10.250  1.00 35.46  ? 88  ASP A CB  1 
ATOM   708  C CG  . ASP A 1 90  ? 7.965   -1.519  9.001   1.00 38.99  ? 88  ASP A CG  1 
ATOM   709  O OD1 . ASP A 1 90  ? 7.483   -1.139  7.915   1.00 39.23  ? 88  ASP A OD1 1 
ATOM   710  O OD2 . ASP A 1 90  ? 9.146   -1.919  9.107   1.00 39.76  ? 88  ASP A OD2 1 
ATOM   711  N N   . VAL A 1 91  ? 5.840   0.789   8.549   1.00 32.51  ? 89  VAL A N   1 
ATOM   712  C CA  . VAL A 1 91  ? 5.838   2.231   8.302   1.00 36.73  ? 89  VAL A CA  1 
ATOM   713  C C   . VAL A 1 91  ? 4.441   2.828   8.337   1.00 35.85  ? 89  VAL A C   1 
ATOM   714  O O   . VAL A 1 91  ? 4.311   4.049   8.322   1.00 35.80  ? 89  VAL A O   1 
ATOM   715  C CB  . VAL A 1 91  ? 6.523   2.594   6.960   1.00 34.28  ? 89  VAL A CB  1 
ATOM   716  C CG1 . VAL A 1 91  ? 7.999   2.246   7.000   1.00 33.31  ? 89  VAL A CG1 1 
ATOM   717  C CG2 . VAL A 1 91  ? 5.821   1.918   5.763   1.00 30.58  ? 89  VAL A CG2 1 
ATOM   718  N N   . LEU A 1 92  ? 3.394   2.007   8.408   1.00 30.84  ? 90  LEU A N   1 
ATOM   719  C CA  . LEU A 1 92  ? 2.038   2.519   8.535   1.00 33.98  ? 90  LEU A CA  1 
ATOM   720  C C   . LEU A 1 92  ? 1.575   2.594   9.982   1.00 38.13  ? 90  LEU A C   1 
ATOM   721  O O   . LEU A 1 92  ? 0.397   2.887   10.228  1.00 30.48  ? 90  LEU A O   1 
ATOM   722  C CB  . LEU A 1 92  ? 1.048   1.649   7.740   1.00 32.76  ? 90  LEU A CB  1 
ATOM   723  C CG  . LEU A 1 92  ? 1.278   1.564   6.232   1.00 32.20  ? 90  LEU A CG  1 
ATOM   724  C CD1 . LEU A 1 92  ? 0.244   0.639   5.571   1.00 29.91  ? 90  LEU A CD1 1 
ATOM   725  C CD2 . LEU A 1 92  ? 1.242   2.962   5.650   1.00 36.39  ? 90  LEU A CD2 1 
ATOM   726  N N   . LYS A 1 93  ? 2.467   2.324   10.937  1.00 38.73  ? 91  LYS A N   1 
ATOM   727  C CA  . LYS A 1 93  ? 2.148   2.379   12.358  1.00 36.86  ? 91  LYS A CA  1 
ATOM   728  C C   . LYS A 1 93  ? 3.198   3.188   13.110  1.00 35.29  ? 91  LYS A C   1 
ATOM   729  O O   . LYS A 1 93  ? 4.380   3.200   12.748  1.00 34.84  ? 91  LYS A O   1 
ATOM   730  C CB  . LYS A 1 93  ? 2.031   0.950   12.931  1.00 39.43  ? 91  LYS A CB  1 
ATOM   731  C CG  . LYS A 1 93  ? 0.741   0.695   13.688  1.00 52.11  ? 91  LYS A CG  1 
ATOM   732  C CD  . LYS A 1 93  ? -0.432  0.500   12.729  1.00 52.75  ? 91  LYS A CD  1 
ATOM   733  C CE  . LYS A 1 93  ? -1.671  0.025   13.468  1.00 58.53  ? 91  LYS A CE  1 
ATOM   734  N NZ  . LYS A 1 93  ? -2.963  0.599   12.972  1.00 56.15  ? 91  LYS A NZ  1 
ATOM   735  N N   . LEU A 1 94  ? 2.756   3.867   14.168  1.00 34.53  ? 92  LEU A N   1 
ATOM   736  C CA  . LEU A 1 94  ? 3.713   4.636   14.943  1.00 40.06  ? 92  LEU A CA  1 
ATOM   737  C C   . LEU A 1 94  ? 4.534   3.704   15.835  1.00 37.55  ? 92  LEU A C   1 
ATOM   738  O O   . LEU A 1 94  ? 4.062   2.627   16.219  1.00 35.77  ? 92  LEU A O   1 
ATOM   739  C CB  . LEU A 1 94  ? 2.994   5.672   15.807  1.00 39.47  ? 92  LEU A CB  1 
ATOM   740  C CG  . LEU A 1 94  ? 2.652   7.004   15.120  1.00 39.34  ? 92  LEU A CG  1 
ATOM   741  C CD1 . LEU A 1 94  ? 1.743   7.828   16.002  1.00 36.31  ? 92  LEU A CD1 1 
ATOM   742  C CD2 . LEU A 1 94  ? 3.894   7.816   14.759  1.00 41.33  ? 92  LEU A CD2 1 
ATOM   743  N N   . PRO A 1 95  ? 5.761   4.094   16.175  1.00 40.76  ? 93  PRO A N   1 
ATOM   744  C CA  . PRO A 1 95  ? 6.477   3.406   17.247  1.00 36.41  ? 93  PRO A CA  1 
ATOM   745  C C   . PRO A 1 95  ? 5.607   3.364   18.489  1.00 41.98  ? 93  PRO A C   1 
ATOM   746  O O   . PRO A 1 95  ? 4.715   4.210   18.652  1.00 39.36  ? 93  PRO A O   1 
ATOM   747  C CB  . PRO A 1 95  ? 7.727   4.275   17.460  1.00 39.32  ? 93  PRO A CB  1 
ATOM   748  C CG  . PRO A 1 95  ? 7.901   5.020   16.152  1.00 39.61  ? 93  PRO A CG  1 
ATOM   749  C CD  . PRO A 1 95  ? 6.505   5.270   15.672  1.00 38.26  ? 93  PRO A CD  1 
ATOM   750  N N   . PRO A 1 96  ? 5.834   2.411   19.397  1.00 34.36  ? 94  PRO A N   1 
ATOM   751  C CA  . PRO A 1 96  ? 6.957   1.461   19.457  1.00 35.97  ? 94  PRO A CA  1 
ATOM   752  C C   . PRO A 1 96  ? 6.805   0.269   18.508  1.00 39.78  ? 94  PRO A C   1 
ATOM   753  O O   . PRO A 1 96  ? 7.814   -0.280  18.062  1.00 42.68  ? 94  PRO A O   1 
ATOM   754  C CB  . PRO A 1 96  ? 6.952   1.020   20.928  1.00 36.06  ? 94  PRO A CB  1 
ATOM   755  C CG  . PRO A 1 96  ? 5.509   1.117   21.336  1.00 35.70  ? 94  PRO A CG  1 
ATOM   756  C CD  . PRO A 1 96  ? 4.947   2.299   20.569  1.00 31.22  ? 94  PRO A CD  1 
ATOM   757  N N   . LYS A 1 97  ? 5.588   -0.152  18.172  1.00 33.90  ? 95  LYS A N   1 
ATOM   758  C CA  . LYS A 1 97  ? 5.448   -1.287  17.258  1.00 44.21  ? 95  LYS A CA  1 
ATOM   759  C C   . LYS A 1 97  ? 5.849   -0.926  15.827  1.00 39.23  ? 95  LYS A C   1 
ATOM   760  O O   . LYS A 1 97  ? 6.480   -1.729  15.135  1.00 42.11  ? 95  LYS A O   1 
ATOM   761  C CB  . LYS A 1 97  ? 4.010   -1.816  17.277  1.00 36.47  ? 95  LYS A CB  1 
ATOM   762  C CG  . LYS A 1 97  ? 3.897   -3.280  16.849  1.00 53.16  ? 95  LYS A CG  1 
ATOM   763  C CD  . LYS A 1 97  ? 2.604   -3.552  16.079  1.00 56.46  ? 95  LYS A CD  1 
ATOM   764  C CE  . LYS A 1 97  ? 2.128   -5.019  16.210  1.00 52.02  ? 95  LYS A CE  1 
ATOM   765  N NZ  . LYS A 1 97  ? 3.258   -5.959  16.467  1.00 56.63  ? 95  LYS A NZ  1 
ATOM   766  N N   . GLY A 1 98  ? 5.506   0.274   15.361  1.00 38.39  ? 96  GLY A N   1 
ATOM   767  C CA  . GLY A 1 98  ? 5.710   0.654   13.981  1.00 39.75  ? 96  GLY A CA  1 
ATOM   768  C C   . GLY A 1 98  ? 6.961   1.487   13.764  1.00 40.60  ? 96  GLY A C   1 
ATOM   769  O O   . GLY A 1 98  ? 7.748   1.741   14.677  1.00 39.65  ? 96  GLY A O   1 
ATOM   770  N N   . ALA A 1 99  ? 7.123   1.938   12.515  1.00 35.91  ? 97  ALA A N   1 
ATOM   771  C CA  . ALA A 1 99  ? 8.311   2.670   12.098  1.00 34.82  ? 97  ALA A CA  1 
ATOM   772  C C   . ALA A 1 99  ? 7.998   4.019   11.443  1.00 32.85  ? 97  ALA A C   1 
ATOM   773  O O   . ALA A 1 99  ? 8.895   4.627   10.846  1.00 32.81  ? 97  ALA A O   1 
ATOM   774  C CB  . ALA A 1 99  ? 9.140   1.800   11.144  1.00 30.11  ? 97  ALA A CB  1 
ATOM   775  N N   . TRP A 1 100 ? 6.765   4.511   11.534  1.00 31.85  ? 98  TRP A N   1 
ATOM   776  C CA  . TRP A 1 100 ? 6.473   5.816   10.959  1.00 35.98  ? 98  TRP A CA  1 
ATOM   777  C C   . TRP A 1 100 ? 7.234   6.914   11.692  1.00 37.28  ? 98  TRP A C   1 
ATOM   778  O O   . TRP A 1 100 ? 7.399   6.868   12.913  1.00 37.55  ? 98  TRP A O   1 
ATOM   779  C CB  . TRP A 1 100 ? 4.980   6.130   11.009  1.00 34.05  ? 98  TRP A CB  1 
ATOM   780  C CG  . TRP A 1 100 ? 4.751   7.560   10.570  1.00 38.56  ? 98  TRP A CG  1 
ATOM   781  C CD1 . TRP A 1 100 ? 4.574   8.643   11.379  1.00 39.59  ? 98  TRP A CD1 1 
ATOM   782  C CD2 . TRP A 1 100 ? 4.749   8.062   9.224   1.00 35.61  ? 98  TRP A CD2 1 
ATOM   783  N NE1 . TRP A 1 100 ? 4.446   9.785   10.626  1.00 39.64  ? 98  TRP A NE1 1 
ATOM   784  C CE2 . TRP A 1 100 ? 4.545   9.457   9.299   1.00 36.89  ? 98  TRP A CE2 1 
ATOM   785  C CE3 . TRP A 1 100 ? 4.891   7.469   7.966   1.00 34.25  ? 98  TRP A CE3 1 
ATOM   786  C CZ2 . TRP A 1 100 ? 4.474   10.266  8.165   1.00 32.06  ? 98  TRP A CZ2 1 
ATOM   787  C CZ3 . TRP A 1 100 ? 4.822   8.276   6.838   1.00 33.91  ? 98  TRP A CZ3 1 
ATOM   788  C CH2 . TRP A 1 100 ? 4.616   9.665   6.949   1.00 36.68  ? 98  TRP A CH2 1 
ATOM   789  N N   . ARG A 1 101 ? 7.692   7.905   10.934  1.00 40.14  ? 99  ARG A N   1 
ATOM   790  C CA  . ARG A 1 101 ? 8.266   9.141   11.456  1.00 38.15  ? 99  ARG A CA  1 
ATOM   791  C C   . ARG A 1 101 ? 8.061   10.219  10.403  1.00 38.96  ? 99  ARG A C   1 
ATOM   792  O O   . ARG A 1 101 ? 7.877   9.904   9.222   1.00 36.30  ? 99  ARG A O   1 
ATOM   793  C CB  . ARG A 1 101 ? 9.746   8.941   11.803  1.00 34.54  ? 99  ARG A CB  1 
ATOM   794  C CG  . ARG A 1 101 ? 10.635  8.598   10.625  1.00 41.66  ? 99  ARG A CG  1 
ATOM   795  C CD  . ARG A 1 101 ? 11.330  7.246   10.818  1.00 39.89  ? 99  ARG A CD  1 
ATOM   796  N NE  . ARG A 1 101 ? 12.148  6.882   9.665   1.00 38.50  ? 99  ARG A NE  1 
ATOM   797  C CZ  . ARG A 1 101 ? 12.277  5.667   9.147   1.00 49.57  ? 99  ARG A CZ  1 
ATOM   798  N NH1 . ARG A 1 101 ? 11.608  4.616   9.636   1.00 36.47  ? 99  ARG A NH1 1 
ATOM   799  N NH2 . ARG A 1 101 ? 13.113  5.497   8.126   1.00 45.94  ? 99  ARG A NH2 1 
ATOM   800  N N   . PRO A 1 102 ? 8.040   11.504  10.801  1.00 39.23  ? 100 PRO A N   1 
ATOM   801  C CA  . PRO A 1 102 ? 7.711   12.577  9.836   1.00 36.37  ? 100 PRO A CA  1 
ATOM   802  C C   . PRO A 1 102 ? 8.699   12.710  8.693   1.00 38.62  ? 100 PRO A C   1 
ATOM   803  O O   . PRO A 1 102 ? 8.392   13.401  7.716   1.00 36.97  ? 100 PRO A O   1 
ATOM   804  C CB  . PRO A 1 102 ? 7.706   13.849  10.697  1.00 36.28  ? 100 PRO A CB  1 
ATOM   805  C CG  . PRO A 1 102 ? 7.521   13.376  12.100  1.00 40.01  ? 100 PRO A CG  1 
ATOM   806  C CD  . PRO A 1 102 ? 8.130   12.004  12.185  1.00 35.65  ? 100 PRO A CD  1 
ATOM   807  N N   . SER A 1 103 ? 9.870   12.076  8.791   1.00 38.93  ? 101 SER A N   1 
ATOM   808  C CA  . SER A 1 103 ? 10.828  12.036  7.695   1.00 41.02  ? 101 SER A CA  1 
ATOM   809  C C   . SER A 1 103 ? 10.355  11.164  6.541   1.00 37.40  ? 101 SER A C   1 
ATOM   810  O O   . SER A 1 103 ? 10.894  11.269  5.434   1.00 35.75  ? 101 SER A O   1 
ATOM   811  C CB  . SER A 1 103 ? 12.165  11.503  8.208   1.00 42.19  ? 101 SER A CB  1 
ATOM   812  O OG  . SER A 1 103 ? 13.007  12.564  8.585   1.00 59.52  ? 101 SER A OG  1 
ATOM   813  N N   . LEU A 1 104 ? 9.408   10.269  6.781   1.00 33.44  ? 102 LEU A N   1 
ATOM   814  C CA  . LEU A 1 104 ? 8.813   9.495   5.705   1.00 32.85  ? 102 LEU A CA  1 
ATOM   815  C C   . LEU A 1 104 ? 7.698   10.338  5.096   1.00 36.39  ? 102 LEU A C   1 
ATOM   816  O O   . LEU A 1 104 ? 7.435   11.458  5.551   1.00 38.30  ? 102 LEU A O   1 
ATOM   817  C CB  . LEU A 1 104 ? 8.304   8.145   6.227   1.00 28.97  ? 102 LEU A CB  1 
ATOM   818  C CG  . LEU A 1 104 ? 9.323   7.279   6.966   1.00 35.49  ? 102 LEU A CG  1 
ATOM   819  C CD1 . LEU A 1 104 ? 8.719   5.913   7.357   1.00 32.90  ? 102 LEU A CD1 1 
ATOM   820  C CD2 . LEU A 1 104 ? 10.573  7.089   6.113   1.00 36.25  ? 102 LEU A CD2 1 
ATOM   821  N N   . ASN A 1 105 ? 7.034   9.823   4.059   1.00 30.75  ? 103 ASN A N   1 
ATOM   822  C CA  . ASN A 1 105 ? 5.960   10.583  3.420   1.00 33.11  ? 103 ASN A CA  1 
ATOM   823  C C   . ASN A 1 105 ? 5.092   9.631   2.599   1.00 35.78  ? 103 ASN A C   1 
ATOM   824  O O   . ASN A 1 105 ? 5.332   8.422   2.557   1.00 33.18  ? 103 ASN A O   1 
ATOM   825  C CB  . ASN A 1 105 ? 6.532   11.714  2.562   1.00 34.68  ? 103 ASN A CB  1 
ATOM   826  C CG  . ASN A 1 105 ? 7.623   11.239  1.648   1.00 37.46  ? 103 ASN A CG  1 
ATOM   827  O OD1 . ASN A 1 105 ? 7.427   10.298  0.878   1.00 37.08  ? 103 ASN A OD1 1 
ATOM   828  N ND2 . ASN A 1 105 ? 8.788   11.875  1.728   1.00 35.13  ? 103 ASN A ND2 1 
ATOM   829  N N   . ILE A 1 106 ? 4.065   10.195  1.953   1.00 33.00  ? 104 ILE A N   1 
ATOM   830  C CA  . ILE A 1 106 ? 3.115   9.389   1.186   1.00 32.43  ? 104 ILE A CA  1 
ATOM   831  C C   . ILE A 1 106 ? 3.840   8.555   0.142   1.00 31.82  ? 104 ILE A C   1 
ATOM   832  O O   . ILE A 1 106 ? 3.564   7.362   -0.025  1.00 35.12  ? 104 ILE A O   1 
ATOM   833  C CB  . ILE A 1 106 ? 2.047   10.288  0.544   1.00 34.73  ? 104 ILE A CB  1 
ATOM   834  C CG1 . ILE A 1 106 ? 1.232   11.000  1.618   1.00 32.99  ? 104 ILE A CG1 1 
ATOM   835  C CG2 . ILE A 1 106 ? 1.139   9.474   -0.370  1.00 32.58  ? 104 ILE A CG2 1 
ATOM   836  C CD1 . ILE A 1 106 ? 0.405   12.186  1.079   1.00 33.67  ? 104 ILE A CD1 1 
ATOM   837  N N   . ALA A 1 107 ? 4.800   9.153   -0.553  1.00 34.13  ? 105 ALA A N   1 
ATOM   838  C CA  . ALA A 1 107 ? 5.511   8.422   -1.592  1.00 35.15  ? 105 ALA A CA  1 
ATOM   839  C C   . ALA A 1 107 ? 6.343   7.288   -1.005  1.00 33.65  ? 105 ALA A C   1 
ATOM   840  O O   . ALA A 1 107 ? 6.428   6.211   -1.599  1.00 33.61  ? 105 ALA A O   1 
ATOM   841  C CB  . ALA A 1 107 ? 6.392   9.386   -2.401  1.00 31.31  ? 105 ALA A CB  1 
ATOM   842  N N   . THR A 1 108 ? 6.969   7.513   0.156   1.00 36.47  ? 106 THR A N   1 
ATOM   843  C CA  . THR A 1 108 ? 7.793   6.482   0.783   1.00 33.11  ? 106 THR A CA  1 
ATOM   844  C C   . THR A 1 108 ? 6.939   5.290   1.201   1.00 33.29  ? 106 THR A C   1 
ATOM   845  O O   . THR A 1 108 ? 7.289   4.130   0.940   1.00 32.01  ? 106 THR A O   1 
ATOM   846  C CB  . THR A 1 108 ? 8.540   7.075   1.989   1.00 22.42  ? 106 THR A CB  1 
ATOM   847  O OG1 . THR A 1 108 ? 9.443   8.089   1.502   1.00 46.58  ? 106 THR A OG1 1 
ATOM   848  C CG2 . THR A 1 108 ? 9.338   6.041   2.688   1.00 47.67  ? 106 THR A CG2 1 
ATOM   849  N N   . VAL A 1 109 ? 5.794   5.554   1.823   1.00 29.43  ? 107 VAL A N   1 
ATOM   850  C CA  . VAL A 1 109 ? 5.019   4.426   2.317   1.00 31.60  ? 107 VAL A CA  1 
ATOM   851  C C   . VAL A 1 109 ? 4.310   3.714   1.164   1.00 31.05  ? 107 VAL A C   1 
ATOM   852  O O   . VAL A 1 109 ? 4.160   2.491   1.194   1.00 31.55  ? 107 VAL A O   1 
ATOM   853  C CB  . VAL A 1 109 ? 4.062   4.886   3.432   1.00 32.17  ? 107 VAL A CB  1 
ATOM   854  C CG1 . VAL A 1 109 ? 4.875   5.513   4.574   1.00 30.48  ? 107 VAL A CG1 1 
ATOM   855  C CG2 . VAL A 1 109 ? 3.038   5.880   2.916   1.00 31.11  ? 107 VAL A CG2 1 
ATOM   856  N N   . LEU A 1 110 ? 3.922   4.435   0.106   1.00 30.54  ? 108 LEU A N   1 
ATOM   857  C CA  . LEU A 1 110 ? 3.400   3.753   -1.079  1.00 30.44  ? 108 LEU A CA  1 
ATOM   858  C C   . LEU A 1 110 ? 4.464   2.856   -1.698  1.00 29.56  ? 108 LEU A C   1 
ATOM   859  O O   . LEU A 1 110 ? 4.168   1.738   -2.137  1.00 31.33  ? 108 LEU A O   1 
ATOM   860  C CB  . LEU A 1 110 ? 2.898   4.770   -2.107  1.00 32.55  ? 108 LEU A CB  1 
ATOM   861  C CG  . LEU A 1 110 ? 1.544   5.424   -1.806  1.00 33.62  ? 108 LEU A CG  1 
ATOM   862  C CD1 . LEU A 1 110 ? 1.177   6.462   -2.868  1.00 29.61  ? 108 LEU A CD1 1 
ATOM   863  C CD2 . LEU A 1 110 ? 0.447   4.364   -1.672  1.00 29.04  ? 108 LEU A CD2 1 
ATOM   864  N N   . THR A 1 111 ? 5.709   3.337   -1.757  1.00 30.39  ? 109 THR A N   1 
ATOM   865  C CA  . THR A 1 111 ? 6.802   2.494   -2.228  1.00 33.27  ? 109 THR A CA  1 
ATOM   866  C C   . THR A 1 111 ? 7.004   1.290   -1.307  1.00 38.52  ? 109 THR A C   1 
ATOM   867  O O   . THR A 1 111 ? 7.284   0.176   -1.773  1.00 33.31  ? 109 THR A O   1 
ATOM   868  C CB  . THR A 1 111 ? 8.083   3.323   -2.326  1.00 31.83  ? 109 THR A CB  1 
ATOM   869  O OG1 . THR A 1 111 ? 7.876   4.422   -3.224  1.00 36.86  ? 109 THR A OG1 1 
ATOM   870  C CG2 . THR A 1 111 ? 9.226   2.477   -2.842  1.00 37.25  ? 109 THR A CG2 1 
ATOM   871  N N   . SER A 1 112 ? 6.864   1.500   0.007   1.00 32.96  ? 110 SER A N   1 
ATOM   872  C CA  . SER A 1 112 ? 6.988   0.397   0.951   1.00 31.86  ? 110 SER A CA  1 
ATOM   873  C C   . SER A 1 112 ? 5.905   -0.646  0.709   1.00 33.52  ? 110 SER A C   1 
ATOM   874  O O   . SER A 1 112 ? 6.157   -1.852  0.832   1.00 32.24  ? 110 SER A O   1 
ATOM   875  C CB  . SER A 1 112 ? 6.916   0.930   2.381   1.00 33.55  ? 110 SER A CB  1 
ATOM   876  O OG  . SER A 1 112 ? 8.034   1.767   2.681   1.00 33.18  ? 110 SER A OG  1 
ATOM   877  N N   . ILE A 1 113 ? 4.691   -0.201  0.364   1.00 30.57  ? 111 ILE A N   1 
ATOM   878  C CA  . ILE A 1 113 ? 3.611   -1.145  0.071   1.00 30.70  ? 111 ILE A CA  1 
ATOM   879  C C   . ILE A 1 113 ? 3.934   -1.928  -1.197  1.00 33.58  ? 111 ILE A C   1 
ATOM   880  O O   . ILE A 1 113 ? 3.804   -3.158  -1.244  1.00 33.58  ? 111 ILE A O   1 
ATOM   881  C CB  . ILE A 1 113 ? 2.264   -0.404  -0.042  1.00 36.84  ? 111 ILE A CB  1 
ATOM   882  C CG1 . ILE A 1 113 ? 1.818   0.114   1.328   1.00 33.27  ? 111 ILE A CG1 1 
ATOM   883  C CG2 . ILE A 1 113 ? 1.192   -1.330  -0.638  1.00 27.30  ? 111 ILE A CG2 1 
ATOM   884  C CD1 . ILE A 1 113 ? 0.780   1.246   1.274   1.00 31.26  ? 111 ILE A CD1 1 
ATOM   885  N N   . GLN A 1 114 ? 4.388   -1.222  -2.238  1.00 34.39  ? 112 GLN A N   1 
ATOM   886  C CA  . GLN A 1 114 ? 4.842   -1.867  -3.464  1.00 34.12  ? 112 GLN A CA  1 
ATOM   887  C C   . GLN A 1 114 ? 5.858   -2.964  -3.175  1.00 33.23  ? 112 GLN A C   1 
ATOM   888  O O   . GLN A 1 114 ? 5.786   -4.060  -3.737  1.00 37.26  ? 112 GLN A O   1 
ATOM   889  C CB  . GLN A 1 114 ? 5.442   -0.808  -4.387  1.00 31.20  ? 112 GLN A CB  1 
ATOM   890  C CG  . GLN A 1 114 ? 5.871   -1.289  -5.762  1.00 30.78  ? 112 GLN A CG  1 
ATOM   891  C CD  . GLN A 1 114 ? 6.590   -0.177  -6.521  1.00 38.87  ? 112 GLN A CD  1 
ATOM   892  O OE1 . GLN A 1 114 ? 7.497   0.455   -5.988  1.00 35.48  ? 112 GLN A OE1 1 
ATOM   893  N NE2 . GLN A 1 114 ? 6.181   0.067   -7.759  1.00 34.29  ? 112 GLN A NE2 1 
ATOM   894  N N   . LEU A 1 115 ? 6.820   -2.681  -2.298  1.00 34.03  ? 113 LEU A N   1 
ATOM   895  C CA  . LEU A 1 115 ? 7.830   -3.683  -1.977  1.00 34.32  ? 113 LEU A CA  1 
ATOM   896  C C   . LEU A 1 115 ? 7.218   -4.834  -1.187  1.00 37.82  ? 113 LEU A C   1 
ATOM   897  O O   . LEU A 1 115 ? 7.581   -5.998  -1.389  1.00 38.47  ? 113 LEU A O   1 
ATOM   898  C CB  . LEU A 1 115 ? 8.966   -3.037  -1.191  1.00 35.83  ? 113 LEU A CB  1 
ATOM   899  C CG  . LEU A 1 115 ? 10.136  -3.947  -0.823  1.00 38.15  ? 113 LEU A CG  1 
ATOM   900  C CD1 . LEU A 1 115 ? 10.781  -4.478  -2.089  1.00 36.63  ? 113 LEU A CD1 1 
ATOM   901  C CD2 . LEU A 1 115 ? 11.143  -3.201  0.054   1.00 44.88  ? 113 LEU A CD2 1 
ATOM   902  N N   . LEU A 1 116 ? 6.298   -4.521  -0.275  1.00 37.41  ? 114 LEU A N   1 
ATOM   903  C CA  . LEU A 1 116 ? 5.595   -5.566  0.455   1.00 34.79  ? 114 LEU A CA  1 
ATOM   904  C C   . LEU A 1 116 ? 4.869   -6.511  -0.498  1.00 37.47  ? 114 LEU A C   1 
ATOM   905  O O   . LEU A 1 116 ? 4.849   -7.728  -0.283  1.00 35.27  ? 114 LEU A O   1 
ATOM   906  C CB  . LEU A 1 116 ? 4.620   -4.936  1.446   1.00 34.17  ? 114 LEU A CB  1 
ATOM   907  C CG  . LEU A 1 116 ? 3.854   -5.924  2.335   1.00 36.93  ? 114 LEU A CG  1 
ATOM   908  C CD1 . LEU A 1 116 ? 4.800   -6.564  3.354   1.00 31.99  ? 114 LEU A CD1 1 
ATOM   909  C CD2 . LEU A 1 116 ? 2.685   -5.209  3.020   1.00 29.27  ? 114 LEU A CD2 1 
ATOM   910  N N   . MET A 1 117 ? 4.274   -5.976  -1.568  1.00 36.22  ? 115 MET A N   1 
ATOM   911  C CA  . MET A 1 117 ? 3.629   -6.848  -2.544  1.00 37.77  ? 115 MET A CA  1 
ATOM   912  C C   . MET A 1 117 ? 4.619   -7.842  -3.137  1.00 40.68  ? 115 MET A C   1 
ATOM   913  O O   . MET A 1 117 ? 4.286   -9.016  -3.319  1.00 36.86  ? 115 MET A O   1 
ATOM   914  C CB  . MET A 1 117 ? 2.960   -6.023  -3.650  1.00 36.79  ? 115 MET A CB  1 
ATOM   915  C CG  . MET A 1 117 ? 1.693   -5.261  -3.226  1.00 35.83  ? 115 MET A CG  1 
ATOM   916  S SD  . MET A 1 117 ? 1.275   -3.937  -4.399  1.00 38.94  ? 115 MET A SD  1 
ATOM   917  C CE  . MET A 1 117 ? 0.537   -4.957  -5.718  1.00 32.80  ? 115 MET A CE  1 
ATOM   918  N N   . SER A 1 118 ? 5.845   -7.395  -3.419  1.00 37.53  ? 116 SER A N   1 
ATOM   919  C CA  . SER A 1 118 ? 6.867   -8.273  -3.982  1.00 39.04  ? 116 SER A CA  1 
ATOM   920  C C   . SER A 1 118 ? 7.473   -9.207  -2.946  1.00 39.87  ? 116 SER A C   1 
ATOM   921  O O   . SER A 1 118 ? 7.957   -10.282 -3.302  1.00 45.02  ? 116 SER A O   1 
ATOM   922  C CB  . SER A 1 118 ? 7.988   -7.437  -4.600  1.00 43.06  ? 116 SER A CB  1 
ATOM   923  O OG  . SER A 1 118 ? 7.637   -7.011  -5.901  1.00 54.40  ? 116 SER A OG  1 
ATOM   924  N N   . GLU A 1 119 ? 7.490   -8.811  -1.675  1.00 36.86  ? 117 GLU A N   1 
ATOM   925  C CA  . GLU A 1 119 ? 8.194   -9.551  -0.628  1.00 38.24  ? 117 GLU A CA  1 
ATOM   926  C C   . GLU A 1 119 ? 7.336   -9.564  0.622   1.00 38.02  ? 117 GLU A C   1 
ATOM   927  O O   . GLU A 1 119 ? 7.499   -8.727  1.515   1.00 38.14  ? 117 GLU A O   1 
ATOM   928  C CB  . GLU A 1 119 ? 9.565   -8.933  -0.339  1.00 38.46  ? 117 GLU A CB  1 
ATOM   929  C CG  . GLU A 1 119 ? 10.532  -9.004  -1.511  1.00 44.76  ? 117 GLU A CG  1 
ATOM   930  C CD  . GLU A 1 119 ? 11.821  -8.245  -1.254  1.00 56.02  ? 117 GLU A CD  1 
ATOM   931  O OE1 . GLU A 1 119 ? 12.134  -7.963  -0.075  1.00 63.49  ? 117 GLU A OE1 1 
ATOM   932  O OE2 . GLU A 1 119 ? 12.521  -7.918  -2.236  1.00 60.52  ? 117 GLU A OE2 1 
ATOM   933  N N   . PRO A 1 120 ? 6.403   -10.512 0.721   1.00 39.08  ? 118 PRO A N   1 
ATOM   934  C CA  . PRO A 1 120 ? 5.570   -10.602 1.924   1.00 37.33  ? 118 PRO A CA  1 
ATOM   935  C C   . PRO A 1 120 ? 6.424   -10.831 3.160   1.00 39.14  ? 118 PRO A C   1 
ATOM   936  O O   . PRO A 1 120 ? 7.544   -11.339 3.078   1.00 45.34  ? 118 PRO A O   1 
ATOM   937  C CB  . PRO A 1 120 ? 4.666   -11.809 1.642   1.00 35.40  ? 118 PRO A CB  1 
ATOM   938  C CG  . PRO A 1 120 ? 4.647   -11.929 0.154   1.00 34.67  ? 118 PRO A CG  1 
ATOM   939  C CD  . PRO A 1 120 ? 6.003   -11.487 -0.308  1.00 34.91  ? 118 PRO A CD  1 
ATOM   940  N N   . ASN A 1 121 ? 5.886   -10.431 4.316   1.00 37.29  ? 119 ASN A N   1 
ATOM   941  C CA  . ASN A 1 121 ? 6.493   -10.696 5.619   1.00 41.60  ? 119 ASN A CA  1 
ATOM   942  C C   . ASN A 1 121 ? 5.668   -11.755 6.344   1.00 44.18  ? 119 ASN A C   1 
ATOM   943  O O   . ASN A 1 121 ? 4.749   -11.418 7.107   1.00 38.49  ? 119 ASN A O   1 
ATOM   944  C CB  . ASN A 1 121 ? 6.574   -9.412  6.446   1.00 38.30  ? 119 ASN A CB  1 
ATOM   945  C CG  . ASN A 1 121 ? 7.457   -8.356  5.795   1.00 53.47  ? 119 ASN A CG  1 
ATOM   946  O OD1 . ASN A 1 121 ? 8.453   -8.678  5.132   1.00 52.97  ? 119 ASN A OD1 1 
ATOM   947  N ND2 . ASN A 1 121 ? 7.079   -7.085  5.956   1.00 51.17  ? 119 ASN A ND2 1 
ATOM   948  N N   . PRO A 1 122 ? 5.951   -13.053 6.150   1.00 48.97  ? 120 PRO A N   1 
ATOM   949  C CA  . PRO A 1 122 ? 5.085   -14.090 6.751   1.00 45.94  ? 120 PRO A CA  1 
ATOM   950  C C   . PRO A 1 122 ? 5.130   -14.128 8.269   1.00 45.92  ? 120 PRO A C   1 
ATOM   951  O O   . PRO A 1 122 ? 4.259   -14.761 8.874   1.00 48.62  ? 120 PRO A O   1 
ATOM   952  C CB  . PRO A 1 122 ? 5.617   -15.406 6.155   1.00 48.88  ? 120 PRO A CB  1 
ATOM   953  C CG  . PRO A 1 122 ? 6.496   -15.011 5.016   1.00 50.83  ? 120 PRO A CG  1 
ATOM   954  C CD  . PRO A 1 122 ? 7.020   -13.630 5.319   1.00 45.64  ? 120 PRO A CD  1 
ATOM   955  N N   . ASP A 1 123 ? 6.103   -13.475 8.903   1.00 50.46  ? 121 ASP A N   1 
ATOM   956  C CA  . ASP A 1 123 ? 6.139   -13.415 10.360  1.00 56.63  ? 121 ASP A CA  1 
ATOM   957  C C   . ASP A 1 123 ? 5.052   -12.519 10.951  1.00 52.17  ? 121 ASP A C   1 
ATOM   958  O O   . ASP A 1 123 ? 4.690   -12.703 12.116  1.00 50.17  ? 121 ASP A O   1 
ATOM   959  C CB  . ASP A 1 123 ? 7.513   -12.936 10.828  1.00 60.79  ? 121 ASP A CB  1 
ATOM   960  C CG  . ASP A 1 123 ? 8.581   -14.007 10.687  1.00 71.51  ? 121 ASP A CG  1 
ATOM   961  O OD1 . ASP A 1 123 ? 9.771   -13.699 10.913  1.00 79.63  ? 121 ASP A OD1 1 
ATOM   962  O OD2 . ASP A 1 123 ? 8.226   -15.158 10.352  1.00 66.74  ? 121 ASP A OD2 1 
ATOM   963  N N   . ASP A 1 124 ? 4.521   -11.559 10.192  1.00 46.98  ? 122 ASP A N   1 
ATOM   964  C CA  . ASP A 1 124 ? 3.479   -10.652 10.681  1.00 46.70  ? 122 ASP A CA  1 
ATOM   965  C C   . ASP A 1 124 ? 2.251   -10.674 9.776   1.00 45.25  ? 122 ASP A C   1 
ATOM   966  O O   . ASP A 1 124 ? 1.866   -9.649  9.199   1.00 42.43  ? 122 ASP A O   1 
ATOM   967  C CB  . ASP A 1 124 ? 4.030   -9.238  10.816  1.00 45.79  ? 122 ASP A CB  1 
ATOM   968  C CG  . ASP A 1 124 ? 5.214   -9.181  11.745  1.00 51.09  ? 122 ASP A CG  1 
ATOM   969  O OD1 . ASP A 1 124 ? 4.992   -9.260  12.973  1.00 56.07  ? 122 ASP A OD1 1 
ATOM   970  O OD2 . ASP A 1 124 ? 6.359   -9.101  11.246  1.00 57.31  ? 122 ASP A OD2 1 
ATOM   971  N N   . PRO A 1 125 ? 1.586   -11.816 9.658   1.00 43.15  ? 123 PRO A N   1 
ATOM   972  C CA  . PRO A 1 125 ? 0.498   -11.930 8.690   1.00 37.50  ? 123 PRO A CA  1 
ATOM   973  C C   . PRO A 1 125 ? -0.810  -11.390 9.230   1.00 38.03  ? 123 PRO A C   1 
ATOM   974  O O   . PRO A 1 125 ? -1.074  -11.423 10.431  1.00 41.89  ? 123 PRO A O   1 
ATOM   975  C CB  . PRO A 1 125 ? 0.399   -13.440 8.470   1.00 41.87  ? 123 PRO A CB  1 
ATOM   976  C CG  . PRO A 1 125 ? 0.774   -14.005 9.795   1.00 45.26  ? 123 PRO A CG  1 
ATOM   977  C CD  . PRO A 1 125 ? 1.785   -13.075 10.405  1.00 39.85  ? 123 PRO A CD  1 
ATOM   978  N N   . LEU A 1 126 ? -1.640  -10.895 8.313   1.00 37.40  ? 124 LEU A N   1 
ATOM   979  C CA  . LEU A 1 126 ? -3.059  -10.722 8.601   1.00 37.49  ? 124 LEU A CA  1 
ATOM   980  C C   . LEU A 1 126 ? -3.902  -11.893 8.123   1.00 40.95  ? 124 LEU A C   1 
ATOM   981  O O   . LEU A 1 126 ? -5.019  -12.074 8.620   1.00 42.71  ? 124 LEU A O   1 
ATOM   982  C CB  . LEU A 1 126 ? -3.606  -9.448  7.955   1.00 40.17  ? 124 LEU A CB  1 
ATOM   983  C CG  . LEU A 1 126 ? -3.213  -8.129  8.604   1.00 38.55  ? 124 LEU A CG  1 
ATOM   984  C CD1 . LEU A 1 126 ? -3.705  -6.968  7.738   1.00 42.30  ? 124 LEU A CD1 1 
ATOM   985  C CD2 . LEU A 1 126 ? -3.778  -8.061  10.012  1.00 41.55  ? 124 LEU A CD2 1 
ATOM   986  N N   . MET A 1 127 ? -3.409  -12.665 7.153   1.00 33.99  ? 125 MET A N   1 
ATOM   987  C CA  . MET A 1 127 ? -4.114  -13.836 6.625   1.00 42.10  ? 125 MET A CA  1 
ATOM   988  C C   . MET A 1 127 ? -3.259  -15.063 6.935   1.00 38.81  ? 125 MET A C   1 
ATOM   989  O O   . MET A 1 127 ? -2.332  -15.393 6.186   1.00 36.54  ? 125 MET A O   1 
ATOM   990  C CB  . MET A 1 127 ? -4.382  -13.682 5.130   1.00 36.76  ? 125 MET A CB  1 
ATOM   991  C CG  . MET A 1 127 ? -5.212  -12.440 4.769   1.00 38.77  ? 125 MET A CG  1 
ATOM   992  S SD  . MET A 1 127 ? -6.945  -12.427 5.311   1.00 42.66  ? 125 MET A SD  1 
ATOM   993  C CE  . MET A 1 127 ? -7.732  -13.296 3.949   1.00 41.18  ? 125 MET A CE  1 
ATOM   994  N N   . ALA A 1 128 ? -3.566  -15.724 8.056   1.00 38.36  ? 126 ALA A N   1 
ATOM   995  C CA  . ALA A 1 128 ? -2.739  -16.829 8.532   1.00 41.79  ? 126 ALA A CA  1 
ATOM   996  C C   . ALA A 1 128 ? -2.637  -17.942 7.494   1.00 37.30  ? 126 ALA A C   1 
ATOM   997  O O   . ALA A 1 128 ? -1.547  -18.469 7.241   1.00 43.48  ? 126 ALA A O   1 
ATOM   998  C CB  . ALA A 1 128 ? -3.301  -17.378 9.845   1.00 43.33  ? 126 ALA A CB  1 
ATOM   999  N N   . ASP A 1 129 ? -3.765  -18.320 6.890   1.00 38.12  ? 127 ASP A N   1 
ATOM   1000 C CA  . ASP A 1 129 ? -3.762  -19.439 5.948   1.00 40.91  ? 127 ASP A CA  1 
ATOM   1001 C C   . ASP A 1 129 ? -2.976  -19.105 4.689   1.00 39.25  ? 127 ASP A C   1 
ATOM   1002 O O   . ASP A 1 129 ? -2.202  -19.937 4.197   1.00 39.43  ? 127 ASP A O   1 
ATOM   1003 C CB  . ASP A 1 129 ? -5.192  -19.831 5.593   1.00 36.58  ? 127 ASP A CB  1 
ATOM   1004 C CG  . ASP A 1 129 ? -5.905  -20.527 6.739   1.00 50.06  ? 127 ASP A CG  1 
ATOM   1005 O OD1 . ASP A 1 129 ? -5.221  -20.965 7.688   1.00 49.67  ? 127 ASP A OD1 1 
ATOM   1006 O OD2 . ASP A 1 129 ? -7.150  -20.614 6.698   1.00 49.54  ? 127 ASP A OD2 1 
ATOM   1007 N N   . ILE A 1 130 ? -3.191  -17.912 4.134   1.00 35.23  ? 128 ILE A N   1 
ATOM   1008 C CA  . ILE A 1 130 ? -2.392  -17.465 2.996   1.00 30.20  ? 128 ILE A CA  1 
ATOM   1009 C C   . ILE A 1 130 ? -0.921  -17.462 3.363   1.00 36.01  ? 128 ILE A C   1 
ATOM   1010 O O   . ILE A 1 130 ? -0.054  -17.809 2.547   1.00 35.07  ? 128 ILE A O   1 
ATOM   1011 C CB  . ILE A 1 130 ? -2.855  -16.067 2.546   1.00 34.98  ? 128 ILE A CB  1 
ATOM   1012 C CG1 . ILE A 1 130 ? -4.280  -16.111 2.016   1.00 34.43  ? 128 ILE A CG1 1 
ATOM   1013 C CG2 . ILE A 1 130 ? -1.886  -15.472 1.510   1.00 32.74  ? 128 ILE A CG2 1 
ATOM   1014 C CD1 . ILE A 1 130 ? -4.812  -14.740 1.662   1.00 40.95  ? 128 ILE A CD1 1 
ATOM   1015 N N   . SER A 1 131 ? -0.619  -17.085 4.607   1.00 33.61  ? 129 SER A N   1 
ATOM   1016 C CA  . SER A 1 131 ? 0.771   -16.969 5.011   1.00 37.16  ? 129 SER A CA  1 
ATOM   1017 C C   . SER A 1 131 ? 1.422   -18.348 5.089   1.00 36.25  ? 129 SER A C   1 
ATOM   1018 O O   . SER A 1 131 ? 2.509   -18.568 4.535   1.00 37.26  ? 129 SER A O   1 
ATOM   1019 C CB  . SER A 1 131 ? 0.842   -16.242 6.341   1.00 41.20  ? 129 SER A CB  1 
ATOM   1020 O OG  . SER A 1 131 ? 2.191   -16.006 6.700   1.00 50.21  ? 129 SER A OG  1 
ATOM   1021 N N   . SER A 1 132 ? 0.754   -19.299 5.750   1.00 38.61  ? 130 SER A N   1 
ATOM   1022 C CA  . SER A 1 132 ? 1.204   -20.689 5.734   1.00 35.11  ? 130 SER A CA  1 
ATOM   1023 C C   . SER A 1 132 ? 1.366   -21.193 4.303   1.00 33.58  ? 130 SER A C   1 
ATOM   1024 O O   . SER A 1 132 ? 2.342   -21.878 3.984   1.00 33.65  ? 130 SER A O   1 
ATOM   1025 C CB  . SER A 1 132 ? 0.202   -21.559 6.496   1.00 37.14  ? 130 SER A CB  1 
ATOM   1026 O OG  . SER A 1 132 ? 0.155   -21.210 7.875   1.00 38.15  ? 130 SER A OG  1 
ATOM   1027 N N   . GLU A 1 133 ? 0.420   -20.859 3.426   1.00 31.77  ? 131 GLU A N   1 
ATOM   1028 C CA  . GLU A 1 133 ? 0.536   -21.287 2.038   1.00 32.06  ? 131 GLU A CA  1 
ATOM   1029 C C   . GLU A 1 133 ? 1.776   -20.692 1.389   1.00 42.72  ? 131 GLU A C   1 
ATOM   1030 O O   . GLU A 1 133 ? 2.533   -21.399 0.710   1.00 38.28  ? 131 GLU A O   1 
ATOM   1031 C CB  . GLU A 1 133 ? -0.724  -20.901 1.273   1.00 32.25  ? 131 GLU A CB  1 
ATOM   1032 C CG  . GLU A 1 133 ? -0.789  -21.443 -0.142  1.00 34.44  ? 131 GLU A CG  1 
ATOM   1033 C CD  . GLU A 1 133 ? -2.064  -21.001 -0.831  1.00 42.47  ? 131 GLU A CD  1 
ATOM   1034 O OE1 . GLU A 1 133 ? -2.118  -19.845 -1.311  1.00 42.82  ? 131 GLU A OE1 1 
ATOM   1035 O OE2 . GLU A 1 133 ? -3.032  -21.781 -0.852  1.00 37.93  ? 131 GLU A OE2 1 
ATOM   1036 N N   . PHE A 1 134 ? 2.004   -19.384 1.597   1.00 33.61  ? 132 PHE A N   1 
ATOM   1037 C CA  . PHE A 1 134 ? 3.207   -18.742 1.083   1.00 34.20  ? 132 PHE A CA  1 
ATOM   1038 C C   . PHE A 1 134 ? 4.465   -19.403 1.625   1.00 33.22  ? 132 PHE A C   1 
ATOM   1039 O O   . PHE A 1 134 ? 5.419   -19.614 0.883   1.00 37.92  ? 132 PHE A O   1 
ATOM   1040 C CB  . PHE A 1 134 ? 3.195   -17.242 1.418   1.00 33.92  ? 132 PHE A CB  1 
ATOM   1041 C CG  . PHE A 1 134 ? 4.454   -16.510 1.027   1.00 34.72  ? 132 PHE A CG  1 
ATOM   1042 C CD1 . PHE A 1 134 ? 4.640   -16.053 -0.267  1.00 39.62  ? 132 PHE A CD1 1 
ATOM   1043 C CD2 . PHE A 1 134 ? 5.441   -16.252 1.963   1.00 40.06  ? 132 PHE A CD2 1 
ATOM   1044 C CE1 . PHE A 1 134 ? 5.801   -15.360 -0.619  1.00 41.72  ? 132 PHE A CE1 1 
ATOM   1045 C CE2 . PHE A 1 134 ? 6.598   -15.567 1.611   1.00 41.56  ? 132 PHE A CE2 1 
ATOM   1046 C CZ  . PHE A 1 134 ? 6.774   -15.121 0.321   1.00 38.14  ? 132 PHE A CZ  1 
ATOM   1047 N N   . LYS A 1 135 ? 4.490   -19.733 2.920   1.00 33.20  ? 133 LYS A N   1 
ATOM   1048 C CA  . LYS A 1 135 ? 5.706   -20.289 3.523   1.00 37.24  ? 133 LYS A CA  1 
ATOM   1049 C C   . LYS A 1 135 ? 5.991   -21.713 3.038   1.00 44.25  ? 133 LYS A C   1 
ATOM   1050 O O   . LYS A 1 135 ? 7.148   -22.065 2.783   1.00 42.04  ? 133 LYS A O   1 
ATOM   1051 C CB  . LYS A 1 135 ? 5.586   -20.305 5.048   1.00 36.91  ? 133 LYS A CB  1 
ATOM   1052 C CG  . LYS A 1 135 ? 5.805   -19.041 5.773   1.00 48.68  ? 133 LYS A CG  1 
ATOM   1053 C CD  . LYS A 1 135 ? 5.895   -19.305 7.276   1.00 49.34  ? 133 LYS A CD  1 
ATOM   1054 C CE  . LYS A 1 135 ? 7.101   -20.187 7.600   1.00 54.51  ? 133 LYS A CE  1 
ATOM   1055 N NZ  . LYS A 1 135 ? 8.197   -19.506 8.365   1.00 60.62  ? 133 LYS A NZ  1 
ATOM   1056 N N   . TYR A 1 136 ? 4.959   -22.547 2.931   1.00 40.25  ? 134 TYR A N   1 
ATOM   1057 C CA  . TYR A 1 136 ? 5.116   -23.987 2.760   1.00 40.70  ? 134 TYR A CA  1 
ATOM   1058 C C   . TYR A 1 136 ? 4.588   -24.565 1.454   1.00 46.71  ? 134 TYR A C   1 
ATOM   1059 O O   . TYR A 1 136 ? 4.852   -25.741 1.170   1.00 58.37  ? 134 TYR A O   1 
ATOM   1060 C CB  . TYR A 1 136 ? 4.429   -24.730 3.903   1.00 33.13  ? 134 TYR A CB  1 
ATOM   1061 C CG  . TYR A 1 136 ? 4.914   -24.386 5.276   1.00 31.95  ? 134 TYR A CG  1 
ATOM   1062 C CD1 . TYR A 1 136 ? 4.052   -23.892 6.252   1.00 33.75  ? 134 TYR A CD1 1 
ATOM   1063 C CD2 . TYR A 1 136 ? 6.239   -24.584 5.611   1.00 33.13  ? 134 TYR A CD2 1 
ATOM   1064 C CE1 . TYR A 1 136 ? 4.513   -23.601 7.531   1.00 30.54  ? 134 TYR A CE1 1 
ATOM   1065 C CE2 . TYR A 1 136 ? 6.714   -24.288 6.870   1.00 37.09  ? 134 TYR A CE2 1 
ATOM   1066 C CZ  . TYR A 1 136 ? 5.851   -23.796 7.827   1.00 34.29  ? 134 TYR A CZ  1 
ATOM   1067 O OH  . TYR A 1 136 ? 6.346   -23.521 9.086   1.00 36.51  ? 134 TYR A OH  1 
ATOM   1068 N N   . ASN A 1 137 ? 3.830   -23.812 0.670   1.00 39.13  ? 135 ASN A N   1 
ATOM   1069 C CA  . ASN A 1 137 ? 3.373   -24.317 -0.616  1.00 43.28  ? 135 ASN A CA  1 
ATOM   1070 C C   . ASN A 1 137 ? 3.382   -23.170 -1.626  1.00 38.10  ? 135 ASN A C   1 
ATOM   1071 O O   . ASN A 1 137 ? 2.374   -22.842 -2.252  1.00 41.85  ? 135 ASN A O   1 
ATOM   1072 C CB  . ASN A 1 137 ? 2.003   -24.981 -0.487  1.00 41.56  ? 135 ASN A CB  1 
ATOM   1073 C CG  . ASN A 1 137 ? 1.645   -25.793 -1.704  1.00 42.41  ? 135 ASN A CG  1 
ATOM   1074 O OD1 . ASN A 1 137 ? 2.452   -25.911 -2.629  1.00 45.84  ? 135 ASN A OD1 1 
ATOM   1075 N ND2 . ASN A 1 137 ? 0.460   -26.388 -1.703  1.00 39.65  ? 135 ASN A ND2 1 
ATOM   1076 N N   . LYS A 1 138 ? 4.559   -22.562 -1.774  1.00 43.13  ? 136 LYS A N   1 
ATOM   1077 C CA  . LYS A 1 138 ? 4.701   -21.365 -2.603  1.00 41.80  ? 136 LYS A CA  1 
ATOM   1078 C C   . LYS A 1 138 ? 4.113   -21.529 -3.997  1.00 45.40  ? 136 LYS A C   1 
ATOM   1079 O O   . LYS A 1 138 ? 3.464   -20.581 -4.465  1.00 40.43  ? 136 LYS A O   1 
ATOM   1080 C CB  . LYS A 1 138 ? 6.177   -20.945 -2.687  1.00 40.33  ? 136 LYS A CB  1 
ATOM   1081 C CG  . LYS A 1 138 ? 6.417   -19.460 -2.312  1.00 53.39  ? 136 LYS A CG  1 
ATOM   1082 C CD  . LYS A 1 138 ? 7.859   -19.209 -1.894  1.00 60.30  ? 136 LYS A CD  1 
ATOM   1083 C CE  . LYS A 1 138 ? 8.010   -19.244 -0.371  1.00 54.86  ? 136 LYS A CE  1 
ATOM   1084 N NZ  . LYS A 1 138 ? 9.047   -18.338 0.175   1.00 63.86  ? 136 LYS A NZ  1 
ATOM   1085 N N   . PRO A 1 139 ? 4.245   -22.671 -4.691  1.00 49.17  ? 137 PRO A N   1 
ATOM   1086 C CA  . PRO A 1 139 ? 3.580   -22.783 -6.004  1.00 44.24  ? 137 PRO A CA  1 
ATOM   1087 C C   . PRO A 1 139 ? 2.074   -22.634 -5.942  1.00 45.20  ? 137 PRO A C   1 
ATOM   1088 O O   . PRO A 1 139 ? 1.483   -22.052 -6.859  1.00 46.58  ? 137 PRO A O   1 
ATOM   1089 C CB  . PRO A 1 139 ? 3.993   -24.180 -6.484  1.00 49.63  ? 137 PRO A CB  1 
ATOM   1090 C CG  . PRO A 1 139 ? 5.326   -24.367 -5.887  1.00 49.02  ? 137 PRO A CG  1 
ATOM   1091 C CD  . PRO A 1 139 ? 5.255   -23.734 -4.522  1.00 46.47  ? 137 PRO A CD  1 
ATOM   1092 N N   . ALA A 1 140 ? 1.426   -23.158 -4.900  1.00 41.34  ? 138 ALA A N   1 
ATOM   1093 C CA  . ALA A 1 140 ? -0.015  -22.963 -4.773  1.00 41.07  ? 138 ALA A CA  1 
ATOM   1094 C C   . ALA A 1 140 ? -0.343  -21.506 -4.455  1.00 38.95  ? 138 ALA A C   1 
ATOM   1095 O O   . ALA A 1 140 ? -1.364  -20.974 -4.912  1.00 39.27  ? 138 ALA A O   1 
ATOM   1096 C CB  . ALA A 1 140 ? -0.582  -23.887 -3.699  1.00 37.70  ? 138 ALA A CB  1 
ATOM   1097 N N   . PHE A 1 141 ? 0.496   -20.856 -3.646  1.00 34.84  ? 139 PHE A N   1 
ATOM   1098 C CA  . PHE A 1 141 ? 0.285   -19.440 -3.349  1.00 39.29  ? 139 PHE A CA  1 
ATOM   1099 C C   . PHE A 1 141 ? 0.361   -18.616 -4.626  1.00 39.98  ? 139 PHE A C   1 
ATOM   1100 O O   . PHE A 1 141 ? -0.537  -17.817 -4.923  1.00 40.29  ? 139 PHE A O   1 
ATOM   1101 C CB  . PHE A 1 141 ? 1.329   -18.930 -2.358  1.00 40.01  ? 139 PHE A CB  1 
ATOM   1102 C CG  . PHE A 1 141 ? 1.360   -17.422 -2.260  1.00 40.83  ? 139 PHE A CG  1 
ATOM   1103 C CD1 . PHE A 1 141 ? 0.320   -16.725 -1.653  1.00 37.84  ? 139 PHE A CD1 1 
ATOM   1104 C CD2 . PHE A 1 141 ? 2.352   -16.700 -2.902  1.00 39.84  ? 139 PHE A CD2 1 
ATOM   1105 C CE1 . PHE A 1 141 ? 0.335   -15.319 -1.613  1.00 34.71  ? 139 PHE A CE1 1 
ATOM   1106 C CE2 . PHE A 1 141 ? 2.369   -15.316 -2.864  1.00 38.49  ? 139 PHE A CE2 1 
ATOM   1107 C CZ  . PHE A 1 141 ? 1.364   -14.632 -2.219  1.00 34.61  ? 139 PHE A CZ  1 
ATOM   1108 N N   . LEU A 1 142 ? 1.432   -18.814 -5.403  1.00 38.66  ? 140 LEU A N   1 
ATOM   1109 C CA  . LEU A 1 142 ? 1.609   -18.062 -6.641  1.00 41.50  ? 140 LEU A CA  1 
ATOM   1110 C C   . LEU A 1 142 ? 0.431   -18.252 -7.580  1.00 43.94  ? 140 LEU A C   1 
ATOM   1111 O O   . LEU A 1 142 ? -0.052  -17.282 -8.179  1.00 44.51  ? 140 LEU A O   1 
ATOM   1112 C CB  . LEU A 1 142 ? 2.921   -18.464 -7.315  1.00 40.47  ? 140 LEU A CB  1 
ATOM   1113 C CG  . LEU A 1 142 ? 4.164   -18.046 -6.529  1.00 40.55  ? 140 LEU A CG  1 
ATOM   1114 C CD1 . LEU A 1 142 ? 5.411   -18.647 -7.137  1.00 40.60  ? 140 LEU A CD1 1 
ATOM   1115 C CD2 . LEU A 1 142 ? 4.272   -16.506 -6.492  1.00 37.84  ? 140 LEU A CD2 1 
ATOM   1116 N N   . LYS A 1 143 ? -0.067  -19.485 -7.704  1.00 41.42  ? 141 LYS A N   1 
ATOM   1117 C CA  . LYS A 1 143 ? -1.210  -19.721 -8.581  1.00 39.80  ? 141 LYS A CA  1 
ATOM   1118 C C   . LYS A 1 143 ? -2.461  -19.047 -8.040  1.00 39.12  ? 141 LYS A C   1 
ATOM   1119 O O   . LYS A 1 143 ? -3.245  -18.473 -8.804  1.00 43.75  ? 141 LYS A O   1 
ATOM   1120 C CB  . LYS A 1 143 ? -1.460  -21.226 -8.759  1.00 43.43  ? 141 LYS A CB  1 
ATOM   1121 C CG  . LYS A 1 143 ? -2.795  -21.528 -9.436  1.00 44.12  ? 141 LYS A CG  1 
ATOM   1122 C CD  . LYS A 1 143 ? -3.273  -22.980 -9.242  1.00 56.88  ? 141 LYS A CD  1 
ATOM   1123 C CE  . LYS A 1 143 ? -4.172  -23.432 -10.394 1.00 55.84  ? 141 LYS A CE  1 
ATOM   1124 N NZ  . LYS A 1 143 ? -3.570  -24.512 -11.234 1.00 70.05  ? 141 LYS A NZ  1 
ATOM   1125 N N   . ASN A 1 144 ? -2.682  -19.121 -6.733  1.00 37.70  ? 142 ASN A N   1 
ATOM   1126 C CA  . ASN A 1 144 ? -3.858  -18.466 -6.180  1.00 36.23  ? 142 ASN A CA  1 
ATOM   1127 C C   . ASN A 1 144 ? -3.740  -16.941 -6.260  1.00 40.01  ? 142 ASN A C   1 
ATOM   1128 O O   . ASN A 1 144 ? -4.748  -16.250 -6.443  1.00 37.93  ? 142 ASN A O   1 
ATOM   1129 C CB  . ASN A 1 144 ? -4.056  -18.926 -4.743  1.00 40.29  ? 142 ASN A CB  1 
ATOM   1130 C CG  . ASN A 1 144 ? -4.579  -20.342 -4.668  1.00 45.44  ? 142 ASN A CG  1 
ATOM   1131 O OD1 . ASN A 1 144 ? -5.434  -20.741 -5.462  1.00 41.82  ? 142 ASN A OD1 1 
ATOM   1132 N ND2 . ASN A 1 144 ? -4.036  -21.122 -3.743  1.00 37.65  ? 142 ASN A ND2 1 
ATOM   1133 N N   . ALA A 1 145 ? -2.524  -16.405 -6.134  1.00 37.78  ? 143 ALA A N   1 
ATOM   1134 C CA  . ALA A 1 145 ? -2.340  -14.961 -6.233  1.00 40.97  ? 143 ALA A CA  1 
ATOM   1135 C C   . ALA A 1 145 ? -2.551  -14.484 -7.664  1.00 43.18  ? 143 ALA A C   1 
ATOM   1136 O O   . ALA A 1 145 ? -3.179  -13.443 -7.887  1.00 43.20  ? 143 ALA A O   1 
ATOM   1137 C CB  . ALA A 1 145 ? -0.954  -14.566 -5.723  1.00 32.22  ? 143 ALA A CB  1 
ATOM   1138 N N   . ARG A 1 146 ? -2.064  -15.254 -8.645  1.00 43.20  ? 144 ARG A N   1 
ATOM   1139 C CA  . ARG A 1 146 ? -2.304  -14.923 -10.050 1.00 45.51  ? 144 ARG A CA  1 
ATOM   1140 C C   . ARG A 1 146 ? -3.789  -14.984 -10.393 1.00 45.27  ? 144 ARG A C   1 
ATOM   1141 O O   . ARG A 1 146 ? -4.291  -14.155 -11.163 1.00 47.96  ? 144 ARG A O   1 
ATOM   1142 C CB  . ARG A 1 146 ? -1.515  -15.865 -10.966 1.00 43.45  ? 144 ARG A CB  1 
ATOM   1143 C CG  . ARG A 1 146 ? -0.029  -15.556 -11.052 1.00 53.52  ? 144 ARG A CG  1 
ATOM   1144 C CD  . ARG A 1 146 ? 0.684   -16.361 -12.142 1.00 57.65  ? 144 ARG A CD  1 
ATOM   1145 N NE  . ARG A 1 146 ? 0.508   -17.804 -11.994 1.00 52.21  ? 144 ARG A NE  1 
ATOM   1146 C CZ  . ARG A 1 146 ? 1.381   -18.620 -11.416 1.00 55.14  ? 144 ARG A CZ  1 
ATOM   1147 N NH1 . ARG A 1 146 ? 2.524   -18.174 -10.917 1.00 53.47  ? 144 ARG A NH1 1 
ATOM   1148 N NH2 . ARG A 1 146 ? 1.098   -19.919 -11.331 1.00 51.12  ? 144 ARG A NH2 1 
ATOM   1149 N N   . GLN A 1 147 ? -4.507  -15.968 -9.842  1.00 39.71  ? 145 GLN A N   1 
ATOM   1150 C CA  . GLN A 1 147 ? -5.930  -16.100 -10.134 1.00 44.02  ? 145 GLN A CA  1 
ATOM   1151 C C   . GLN A 1 147 ? -6.729  -14.976 -9.488  1.00 41.72  ? 145 GLN A C   1 
ATOM   1152 O O   . GLN A 1 147 ? -7.667  -14.443 -10.094 1.00 44.16  ? 145 GLN A O   1 
ATOM   1153 C CB  . GLN A 1 147 ? -6.445  -17.462 -9.654  1.00 42.89  ? 145 GLN A CB  1 
ATOM   1154 C CG  . GLN A 1 147 ? -6.085  -18.618 -10.563 1.00 50.42  ? 145 GLN A CG  1 
ATOM   1155 C CD  . GLN A 1 147 ? -6.716  -19.933 -10.121 1.00 57.75  ? 145 GLN A CD  1 
ATOM   1156 O OE1 . GLN A 1 147 ? -7.100  -20.100 -8.953  1.00 56.53  ? 145 GLN A OE1 1 
ATOM   1157 N NE2 . GLN A 1 147 ? -6.828  -20.873 -11.059 1.00 51.45  ? 145 GLN A NE2 1 
ATOM   1158 N N   A TRP A 1 148 ? -6.395  -14.628 -8.244  0.62 43.58  ? 146 TRP A N   1 
ATOM   1159 N N   B TRP A 1 148 ? -6.395  -14.615 -8.248  0.38 42.60  ? 146 TRP A N   1 
ATOM   1160 C CA  A TRP A 1 148 ? -7.039  -13.486 -7.606  0.62 43.83  ? 146 TRP A CA  1 
ATOM   1161 C CA  B TRP A 1 148 ? -7.066  -13.481 -7.625  0.38 44.24  ? 146 TRP A CA  1 
ATOM   1162 C C   A TRP A 1 148 ? -6.779  -12.213 -8.401  0.62 41.79  ? 146 TRP A C   1 
ATOM   1163 C C   B TRP A 1 148 ? -6.772  -12.194 -8.381  0.38 41.80  ? 146 TRP A C   1 
ATOM   1164 O O   A TRP A 1 148 ? -7.675  -11.376 -8.564  0.62 42.24  ? 146 TRP A O   1 
ATOM   1165 O O   B TRP A 1 148 ? -7.641  -11.321 -8.485  0.38 42.42  ? 146 TRP A O   1 
ATOM   1166 C CB  A TRP A 1 148 ? -6.537  -13.344 -6.168  0.62 41.38  ? 146 TRP A CB  1 
ATOM   1167 C CB  B TRP A 1 148 ? -6.646  -13.358 -6.159  0.38 40.40  ? 146 TRP A CB  1 
ATOM   1168 C CG  A TRP A 1 148 ? -7.559  -12.806 -5.213  0.62 41.62  ? 146 TRP A CG  1 
ATOM   1169 C CG  B TRP A 1 148 ? -7.570  -14.078 -5.230  0.38 42.09  ? 146 TRP A CG  1 
ATOM   1170 C CD1 A TRP A 1 148 ? -7.459  -11.668 -4.465  0.62 39.96  ? 146 TRP A CD1 1 
ATOM   1171 C CD1 B TRP A 1 148 ? -7.577  -15.415 -4.958  0.38 42.12  ? 146 TRP A CD1 1 
ATOM   1172 C CD2 A TRP A 1 148 ? -8.831  -13.387 -4.889  0.62 44.14  ? 146 TRP A CD2 1 
ATOM   1173 C CD2 B TRP A 1 148 ? -8.629  -13.504 -4.454  0.38 43.49  ? 146 TRP A CD2 1 
ATOM   1174 N NE1 A TRP A 1 148 ? -8.586  -11.505 -3.703  0.62 41.64  ? 146 TRP A NE1 1 
ATOM   1175 N NE1 B TRP A 1 148 ? -8.573  -15.709 -4.061  0.38 42.78  ? 146 TRP A NE1 1 
ATOM   1176 C CE2 A TRP A 1 148 ? -9.445  -12.544 -3.944  0.62 43.08  ? 146 TRP A CE2 1 
ATOM   1177 C CE2 B TRP A 1 148 ? -9.235  -14.555 -3.735  0.38 41.55  ? 146 TRP A CE2 1 
ATOM   1178 C CE3 A TRP A 1 148 ? -9.508  -14.540 -5.308  0.62 45.02  ? 146 TRP A CE3 1 
ATOM   1179 C CE3 B TRP A 1 148 ? -9.126  -12.205 -4.296  0.38 42.61  ? 146 TRP A CE3 1 
ATOM   1180 C CZ2 A TRP A 1 148 ? -10.707 -12.811 -3.413  0.62 45.21  ? 146 TRP A CZ2 1 
ATOM   1181 C CZ2 B TRP A 1 148 ? -10.309 -14.347 -2.870  0.38 42.72  ? 146 TRP A CZ2 1 
ATOM   1182 C CZ3 A TRP A 1 148 ? -10.759 -14.803 -4.782  0.62 43.96  ? 146 TRP A CZ3 1 
ATOM   1183 C CZ3 B TRP A 1 148 ? -10.195 -12.001 -3.439  0.38 43.44  ? 146 TRP A CZ3 1 
ATOM   1184 C CH2 A TRP A 1 148 ? -11.345 -13.944 -3.844  0.62 46.78  ? 146 TRP A CH2 1 
ATOM   1185 C CH2 B TRP A 1 148 ? -10.773 -13.066 -2.736  0.38 44.77  ? 146 TRP A CH2 1 
ATOM   1186 N N   . THR A 1 149 ? -5.564  -12.071 -8.934  1.00 37.38  ? 147 THR A N   1 
ATOM   1187 C CA  . THR A 1 149 ? -5.222  -10.894 -9.725  1.00 44.81  ? 147 THR A CA  1 
ATOM   1188 C C   . THR A 1 149 ? -6.056  -10.827 -10.993 1.00 49.17  ? 147 THR A C   1 
ATOM   1189 O O   . THR A 1 149 ? -6.537  -9.752  -11.376 1.00 44.91  ? 147 THR A O   1 
ATOM   1190 C CB  . THR A 1 149 ? -3.735  -10.915 -10.075 1.00 41.82  ? 147 THR A CB  1 
ATOM   1191 O OG1 . THR A 1 149 ? -2.956  -10.769 -8.882  1.00 40.91  ? 147 THR A OG1 1 
ATOM   1192 C CG2 . THR A 1 149 ? -3.393  -9.793  -11.059 1.00 46.85  ? 147 THR A CG2 1 
ATOM   1193 N N   . GLU A 1 150 ? -6.236  -11.971 -11.656 1.00 46.27  ? 148 GLU A N   1 
ATOM   1194 C CA  . GLU A 1 150 ? -6.979  -11.987 -12.909 1.00 45.12  ? 148 GLU A CA  1 
ATOM   1195 C C   . GLU A 1 150 ? -8.450  -11.669 -12.676 1.00 44.92  ? 148 GLU A C   1 
ATOM   1196 O O   . GLU A 1 150 ? -9.070  -10.964 -13.480 1.00 54.14  ? 148 GLU A O   1 
ATOM   1197 C CB  . GLU A 1 150 ? -6.800  -13.341 -13.600 1.00 51.70  ? 148 GLU A CB  1 
ATOM   1198 C CG  . GLU A 1 150 ? -7.893  -13.691 -14.588 1.00 60.06  ? 148 GLU A CG  1 
ATOM   1199 C CD  . GLU A 1 150 ? -7.597  -13.135 -15.970 1.00 75.07  ? 148 GLU A CD  1 
ATOM   1200 O OE1 . GLU A 1 150 ? -6.461  -12.650 -16.185 1.00 73.88  ? 148 GLU A OE1 1 
ATOM   1201 O OE2 . GLU A 1 150 ? -8.498  -13.182 -16.838 1.00 76.67  ? 148 GLU A OE2 1 
ATOM   1202 N N   . LYS A 1 151 ? -9.014  -12.139 -11.566 1.00 43.11  ? 149 LYS A N   1 
ATOM   1203 C CA  . LYS A 1 151 ? -10.430 -11.924 -11.294 1.00 47.07  ? 149 LYS A CA  1 
ATOM   1204 C C   . LYS A 1 151 ? -10.756 -10.524 -10.799 1.00 52.01  ? 149 LYS A C   1 
ATOM   1205 O O   . LYS A 1 151 ? -11.904 -10.083 -10.951 1.00 50.29  ? 149 LYS A O   1 
ATOM   1206 C CB  . LYS A 1 151 ? -10.932 -12.932 -10.259 1.00 50.80  ? 149 LYS A CB  1 
ATOM   1207 C CG  . LYS A 1 151 ? -12.347 -13.430 -10.551 1.00 63.95  ? 149 LYS A CG  1 
ATOM   1208 C CD  . LYS A 1 151 ? -12.653 -14.780 -9.896  1.00 65.56  ? 149 LYS A CD  1 
ATOM   1209 C CE  . LYS A 1 151 ? -12.421 -14.741 -8.391  1.00 66.96  ? 149 LYS A CE  1 
ATOM   1210 N NZ  . LYS A 1 151 ? -12.954 -13.493 -7.778  1.00 65.44  ? 149 LYS A NZ  1 
ATOM   1211 N N   . HIS A 1 152 ? -9.801  -9.814  -10.204 1.00 49.29  ? 150 HIS A N   1 
ATOM   1212 C CA  . HIS A 1 152 ? -10.140 -8.586  -9.492  1.00 50.26  ? 150 HIS A CA  1 
ATOM   1213 C C   . HIS A 1 152 ? -9.341  -7.357  -9.902  1.00 47.16  ? 150 HIS A C   1 
ATOM   1214 O O   . HIS A 1 152 ? -9.794  -6.243  -9.620  1.00 43.58  ? 150 HIS A O   1 
ATOM   1215 C CB  . HIS A 1 152 ? -9.969  -8.794  -7.983  1.00 48.84  ? 150 HIS A CB  1 
ATOM   1216 C CG  . HIS A 1 152 ? -11.064 -9.593  -7.355  1.00 47.12  ? 150 HIS A CG  1 
ATOM   1217 N ND1 . HIS A 1 152 ? -12.383 -9.190  -7.370  1.00 57.38  ? 150 HIS A ND1 1 
ATOM   1218 C CD2 . HIS A 1 152 ? -11.036 -10.767 -6.676  1.00 50.01  ? 150 HIS A CD2 1 
ATOM   1219 C CE1 . HIS A 1 152 ? -13.120 -10.082 -6.730  1.00 52.55  ? 150 HIS A CE1 1 
ATOM   1220 N NE2 . HIS A 1 152 ? -12.327 -11.047 -6.296  1.00 51.68  ? 150 HIS A NE2 1 
ATOM   1221 N N   . ALA A 1 153 ? -8.188  -7.509  -10.553 1.00 46.28  ? 151 ALA A N   1 
ATOM   1222 C CA  . ALA A 1 153 ? -7.276  -6.404  -10.807 1.00 45.46  ? 151 ALA A CA  1 
ATOM   1223 C C   . ALA A 1 153 ? -6.980  -6.196  -12.284 1.00 48.57  ? 151 ALA A C   1 
ATOM   1224 O O   . ALA A 1 153 ? -6.077  -5.426  -12.614 1.00 48.20  ? 151 ALA A O   1 
ATOM   1225 C CB  . ALA A 1 153 ? -5.964  -6.630  -10.055 1.00 42.52  ? 151 ALA A CB  1 
ATOM   1226 N N   . ARG A 1 154 ? -7.700  -6.863  -13.181 1.00 55.84  ? 152 ARG A N   1 
ATOM   1227 C CA  . ARG A 1 154 ? -7.424  -6.738  -14.606 1.00 56.93  ? 152 ARG A CA  1 
ATOM   1228 C C   . ARG A 1 154 ? -8.697  -6.407  -15.372 1.00 65.11  ? 152 ARG A C   1 
ATOM   1229 O O   . ARG A 1 154 ? -9.045  -5.235  -15.516 1.00 70.57  ? 152 ARG A O   1 
ATOM   1230 C CB  . ARG A 1 154 ? -6.790  -8.023  -15.147 1.00 60.28  ? 152 ARG A CB  1 
ATOM   1231 C CG  . ARG A 1 154 ? -5.377  -8.259  -14.623 1.00 60.71  ? 152 ARG A CG  1 
ATOM   1232 C CD  . ARG A 1 154 ? -4.495  -9.038  -15.599 1.00 65.71  ? 152 ARG A CD  1 
ATOM   1233 N NE  . ARG A 1 154 ? -4.583  -8.521  -16.960 1.00 77.84  ? 152 ARG A NE  1 
ATOM   1234 C CZ  . ARG A 1 154 ? -5.172  -9.150  -17.968 1.00 82.83  ? 152 ARG A CZ  1 
ATOM   1235 N NH1 . ARG A 1 154 ? -5.238  -8.607  -19.173 1.00 85.80  ? 152 ARG A NH1 1 
ATOM   1236 N NH2 . ARG A 1 154 ? -5.702  -10.356 -17.763 1.00 83.89  ? 152 ARG A NH2 1 
HETATM 1237 C C13 . V5L B 2 .   ? 0.712   -5.342  11.465  1.00 47.10  ? 201 V5L A C13 1 
HETATM 1238 C C01 . V5L B 2 .   ? 7.459   -5.699  12.726  1.00 54.31  ? 201 V5L A C01 1 
HETATM 1239 C C03 . V5L B 2 .   ? 5.388   -4.548  12.879  1.00 49.72  ? 201 V5L A C03 1 
HETATM 1240 C C04 . V5L B 2 .   ? 4.735   -3.347  12.683  1.00 48.52  ? 201 V5L A C04 1 
HETATM 1241 C C05 . V5L B 2 .   ? 3.379   -3.307  12.438  1.00 44.30  ? 201 V5L A C05 1 
HETATM 1242 C C06 . V5L B 2 .   ? 2.675   -4.490  12.418  1.00 48.56  ? 201 V5L A C06 1 
HETATM 1243 C C07 . V5L B 2 .   ? 3.306   -5.711  12.605  1.00 45.36  ? 201 V5L A C07 1 
HETATM 1244 C C08 . V5L B 2 .   ? 4.661   -5.732  12.844  1.00 49.96  ? 201 V5L A C08 1 
HETATM 1245 N N09 . V5L B 2 .   ? 1.387   -4.437  12.173  1.00 52.26  ? 201 V5L A N09 1 
HETATM 1246 N N10 . V5L B 2 .   ? 0.527   -3.472  12.552  1.00 48.45  ? 201 V5L A N10 1 
HETATM 1247 N N11 . V5L B 2 .   ? -0.709  -3.825  12.052  1.00 48.54  ? 201 V5L A N11 1 
HETATM 1248 N N12 . V5L B 2 .   ? -0.554  -5.000  11.372  1.00 48.57  ? 201 V5L A N12 1 
HETATM 1249 O O02 . V5L B 2 .   ? 6.775   -4.540  13.128  1.00 52.83  ? 201 V5L A O02 1 
HETATM 1250 C C1  . EDO C 3 .   ? 5.175   -6.569  8.583   1.00 51.24  ? 202 EDO A C1  1 
HETATM 1251 O O1  . EDO C 3 .   ? 4.477   -6.270  7.361   1.00 40.54  ? 202 EDO A O1  1 
HETATM 1252 C C2  . EDO C 3 .   ? 5.755   -5.319  9.253   1.00 40.78  ? 202 EDO A C2  1 
HETATM 1253 O O2  . EDO C 3 .   ? 6.511   -4.533  8.310   1.00 44.22  ? 202 EDO A O2  1 
HETATM 1254 O O   . HOH D 4 .   ? -10.238 -4.555  -17.433 1.00 65.99  ? 301 HOH A O   1 
HETATM 1255 O O   . HOH D 4 .   ? -0.547  -11.649 -12.783 1.00 49.17  ? 302 HOH A O   1 
HETATM 1256 O O   . HOH D 4 .   ? -13.975 10.546  -0.654  1.00 53.19  ? 303 HOH A O   1 
HETATM 1257 O O   . HOH D 4 .   ? -7.988  -2.454  -10.762 1.00 50.18  ? 304 HOH A O   1 
HETATM 1258 O O   . HOH D 4 .   ? 4.859   -1.823  -9.375  1.00 45.42  ? 305 HOH A O   1 
HETATM 1259 O O   . HOH D 4 .   ? -5.076  12.429  13.789  1.00 48.35  ? 306 HOH A O   1 
HETATM 1260 O O   . HOH D 4 .   ? 0.298   4.314   14.581  1.00 46.67  ? 307 HOH A O   1 
HETATM 1261 O O   . HOH D 4 .   ? 8.819   2.290   -7.193  1.00 43.86  ? 308 HOH A O   1 
HETATM 1262 O O   . HOH D 4 .   ? -1.681  3.956   9.172   1.00 38.61  ? 309 HOH A O   1 
HETATM 1263 O O   . HOH D 4 .   ? -11.038 15.481  3.996   1.00 58.71  ? 310 HOH A O   1 
HETATM 1264 O O   . HOH D 4 .   ? 2.514   -4.969  -14.298 1.00 53.62  ? 311 HOH A O   1 
HETATM 1265 O O   . HOH D 4 .   ? -10.415 -2.172  -8.016  1.00 49.27  ? 312 HOH A O   1 
HETATM 1266 O O   . HOH D 4 .   ? -6.711  2.973   -10.554 1.00 50.08  ? 313 HOH A O   1 
HETATM 1267 O O   . HOH D 4 .   ? -11.308 11.984  -9.050  1.00 36.67  ? 314 HOH A O   1 
HETATM 1268 O O   . HOH D 4 .   ? -10.106 -10.672 6.256   1.00 44.43  ? 315 HOH A O   1 
HETATM 1269 O O   . HOH D 4 .   ? 9.681   0.432   4.205   1.00 48.58  ? 316 HOH A O   1 
HETATM 1270 O O   . HOH D 4 .   ? 8.628   -1.500  13.642  1.00 47.32  ? 317 HOH A O   1 
HETATM 1271 O O   . HOH D 4 .   ? 3.678   -6.558  -7.277  1.00 41.49  ? 318 HOH A O   1 
HETATM 1272 O O   . HOH D 4 .   ? 3.803   -15.887 -10.631 1.00 50.58  ? 319 HOH A O   1 
HETATM 1273 O O   . HOH D 4 .   ? -2.459  -0.320  8.134   1.00 41.89  ? 320 HOH A O   1 
HETATM 1274 O O   . HOH D 4 .   ? -4.565  -0.676  6.306   1.00 35.16  ? 321 HOH A O   1 
HETATM 1275 O O   . HOH D 4 .   ? -12.216 5.817   -4.939  1.00 52.32  ? 322 HOH A O   1 
HETATM 1276 O O   . HOH D 4 .   ? -5.115  -11.303 0.931   1.00 37.41  ? 323 HOH A O   1 
HETATM 1277 O O   . HOH D 4 .   ? -3.446  -24.247 0.116   1.00 50.07  ? 324 HOH A O   1 
HETATM 1278 O O   . HOH D 4 .   ? 1.611   12.794  -12.810 1.00 56.44  ? 325 HOH A O   1 
HETATM 1279 O O   . HOH D 4 .   ? 10.096  5.973   -3.337  1.00 45.69  ? 326 HOH A O   1 
HETATM 1280 O O   . HOH D 4 .   ? 5.481   10.669  14.174  1.00 47.17  ? 327 HOH A O   1 
HETATM 1281 O O   . HOH D 4 .   ? -6.200  -9.534  -6.909  1.00 36.99  ? 328 HOH A O   1 
HETATM 1282 O O   . HOH D 4 .   ? -0.670  16.299  -7.389  1.00 46.48  ? 329 HOH A O   1 
HETATM 1283 O O   . HOH D 4 .   ? 4.981   12.254  -0.899  1.00 35.21  ? 330 HOH A O   1 
HETATM 1284 O O   . HOH D 4 .   ? 9.179   -1.380  5.789   1.00 50.39  ? 331 HOH A O   1 
HETATM 1285 O O   . HOH D 4 .   ? -5.690  21.004  -3.556  1.00 53.02  ? 332 HOH A O   1 
HETATM 1286 O O   . HOH D 4 .   ? -2.826  -22.596 4.005   1.00 37.60  ? 333 HOH A O   1 
HETATM 1287 O O   . HOH D 4 .   ? -7.641  12.430  11.870  1.00 52.32  ? 334 HOH A O   1 
HETATM 1288 O O   . HOH D 4 .   ? 5.936   3.637   -13.740 1.00 52.34  ? 335 HOH A O   1 
HETATM 1289 O O   . HOH D 4 .   ? -1.470  17.456  20.719  1.00 39.33  ? 336 HOH A O   1 
HETATM 1290 O O   . HOH D 4 .   ? 9.066   -6.990  2.975   1.00 55.87  ? 337 HOH A O   1 
HETATM 1291 O O   . HOH D 4 .   ? -8.601  13.402  7.578   1.00 49.12  ? 338 HOH A O   1 
HETATM 1292 O O   . HOH D 4 .   ? 5.679   -5.025  -6.336  1.00 38.42  ? 339 HOH A O   1 
HETATM 1293 O O   . HOH D 4 .   ? -7.695  4.347   4.240   1.00 40.76  ? 340 HOH A O   1 
HETATM 1294 O O   . HOH D 4 .   ? 7.893   8.663   14.973  1.00 38.92  ? 341 HOH A O   1 
HETATM 1295 O O   . HOH D 4 .   ? 1.014   10.607  -9.337  1.00 36.42  ? 342 HOH A O   1 
HETATM 1296 O O   . HOH D 4 .   ? -11.090 -1.505  1.335   1.00 51.86  ? 343 HOH A O   1 
HETATM 1297 O O   . HOH D 4 .   ? -10.348 9.484   -7.584  1.00 39.78  ? 344 HOH A O   1 
HETATM 1298 O O   . HOH D 4 .   ? 0.613   3.590   -11.064 1.00 36.69  ? 345 HOH A O   1 
HETATM 1299 O O   . HOH D 4 .   ? -10.359 15.185  -2.399  1.00 41.93  ? 346 HOH A O   1 
HETATM 1300 O O   . HOH D 4 .   ? -4.073  21.228  7.499   1.00 49.98  ? 347 HOH A O   1 
HETATM 1301 O O   . HOH D 4 .   ? 9.124   -0.931  -4.129  1.00 39.09  ? 348 HOH A O   1 
HETATM 1302 O O   . HOH D 4 .   ? -3.769  15.318  -7.280  1.00 37.53  ? 349 HOH A O   1 
HETATM 1303 O O   . HOH D 4 .   ? 9.970   3.201   0.855   1.00 45.28  ? 350 HOH A O   1 
HETATM 1304 O O   . HOH D 4 .   ? -2.100  -21.447 9.584   1.00 45.40  ? 351 HOH A O   1 
HETATM 1305 O O   . HOH D 4 .   ? -8.294  -9.027  9.993   0.50 56.57  ? 352 HOH A O   1 
HETATM 1306 O O   . HOH D 4 .   ? 9.492   -12.310 1.233   1.00 48.52  ? 353 HOH A O   1 
HETATM 1307 O O   . HOH D 4 .   ? 13.808  8.664   8.171   1.00 49.34  ? 354 HOH A O   1 
HETATM 1308 O O   . HOH D 4 .   ? -12.965 13.717  -2.102  1.00 54.51  ? 355 HOH A O   1 
HETATM 1309 O O   . HOH D 4 .   ? 6.853   7.046   -12.232 1.00 48.16  ? 356 HOH A O   1 
HETATM 1310 O O   . HOH D 4 .   ? -5.139  -14.447 10.232  1.00 46.84  ? 357 HOH A O   1 
HETATM 1311 O O   . HOH D 4 .   ? -13.008 14.405  1.926   1.00 60.82  ? 358 HOH A O   1 
HETATM 1312 O O   . HOH D 4 .   ? -8.869  -10.243 -1.103  1.00 42.82  ? 359 HOH A O   1 
HETATM 1313 O O   . HOH D 4 .   ? -10.427 18.198  4.530   1.00 61.19  ? 360 HOH A O   1 
HETATM 1314 O O   . HOH D 4 .   ? 6.891   11.699  -5.118  1.00 45.17  ? 361 HOH A O   1 
HETATM 1315 O O   . HOH D 4 .   ? 2.741   11.211  17.205  1.00 47.21  ? 362 HOH A O   1 
HETATM 1316 O O   . HOH D 4 .   ? -7.939  -7.734  -0.301  1.00 39.75  ? 363 HOH A O   1 
HETATM 1317 O O   . HOH D 4 .   ? -2.864  7.239   11.381  1.00 49.14  ? 364 HOH A O   1 
HETATM 1318 O O   . HOH D 4 .   ? 0.331   -1.624  9.862   1.00 38.56  ? 365 HOH A O   1 
HETATM 1319 O O   . HOH D 4 .   ? 8.095   -3.159  2.682   1.00 42.77  ? 366 HOH A O   1 
HETATM 1320 O O   . HOH D 4 .   ? 7.772   -3.908  -12.200 1.00 53.19  ? 367 HOH A O   1 
HETATM 1321 O O   . HOH D 4 .   ? -4.022  -11.117 -5.916  1.00 35.79  ? 368 HOH A O   1 
HETATM 1322 O O   . HOH D 4 .   ? -6.323  -16.800 7.320   1.00 48.85  ? 369 HOH A O   1 
HETATM 1323 O O   . HOH D 4 .   ? 0.069   -3.750  -14.524 1.00 48.02  ? 370 HOH A O   1 
HETATM 1324 O O   . HOH D 4 .   ? 7.209   18.465  7.688   1.00 45.28  ? 371 HOH A O   1 
HETATM 1325 O O   . HOH D 4 .   ? -3.054  2.367   7.405   1.00 36.90  ? 372 HOH A O   1 
HETATM 1326 O O   . HOH D 4 .   ? 0.202   18.836  12.073  1.00 57.36  ? 373 HOH A O   1 
HETATM 1327 O O   . HOH D 4 .   ? -11.563 -9.787  -0.712  1.00 50.41  ? 374 HOH A O   1 
HETATM 1328 O O   . HOH D 4 .   ? 2.757   -21.929 -9.680  1.00 48.05  ? 375 HOH A O   1 
HETATM 1329 O O   . HOH D 4 .   ? 7.834   15.486  -14.611 1.00 51.59  ? 376 HOH A O   1 
HETATM 1330 O O   . HOH D 4 .   ? -2.573  -12.698 -13.312 1.00 56.82  ? 377 HOH A O   1 
HETATM 1331 O O   . HOH D 4 .   ? 2.279   -8.756  14.443  1.00 55.54  ? 378 HOH A O   1 
HETATM 1332 O O   . HOH D 4 .   ? -1.389  4.578   -15.259 1.00 53.53  ? 379 HOH A O   1 
HETATM 1333 O O   . HOH D 4 .   ? 9.587   14.190  3.891   1.00 49.86  ? 380 HOH A O   1 
HETATM 1334 O O   . HOH D 4 .   ? -3.942  11.180  18.990  1.00 62.43  ? 381 HOH A O   1 
HETATM 1335 O O   . HOH D 4 .   ? 2.735   3.966   -12.608 1.00 46.59  ? 382 HOH A O   1 
HETATM 1336 O O   . HOH D 4 .   ? 3.142   -14.255 -12.801 1.00 56.90  ? 383 HOH A O   1 
HETATM 1337 O O   . HOH D 4 .   ? 5.997   -14.682 -9.347  1.00 54.13  ? 384 HOH A O   1 
HETATM 1338 O O   . HOH D 4 .   ? 0.124   6.168   -14.787 1.00 55.22  ? 385 HOH A O   1 
HETATM 1339 O O   . HOH D 4 .   ? -7.824  -12.079 0.476   1.00 41.37  ? 386 HOH A O   1 
HETATM 1340 O O   . HOH D 4 .   ? -10.284 -6.610  -18.634 1.00 60.64  ? 387 HOH A O   1 
HETATM 1341 O O   . HOH D 4 .   ? -9.566  -21.115 -6.395  1.00 58.09  ? 388 HOH A O   1 
HETATM 1342 O O   . HOH D 4 .   ? -5.758  2.343   7.895   1.00 49.23  ? 389 HOH A O   1 
HETATM 1343 O O   . HOH D 4 .   ? 10.260  -0.010  -8.596  1.00 54.30  ? 390 HOH A O   1 
HETATM 1344 O O   . HOH D 4 .   ? 7.186   13.365  -1.444  1.00 49.70  ? 391 HOH A O   1 
HETATM 1345 O O   . HOH D 4 .   ? 10.760  0.834   0.104   1.00 45.67  ? 392 HOH A O   1 
HETATM 1346 O O   . HOH D 4 .   ? 13.198  6.583   0.660   1.00 55.49  ? 393 HOH A O   1 
HETATM 1347 O O   . HOH D 4 .   ? 11.250  5.078   -0.903  1.00 39.74  ? 394 HOH A O   1 
HETATM 1348 O O   . HOH D 4 .   ? 13.068  6.700   3.280   1.00 56.99  ? 395 HOH A O   1 
HETATM 1349 O O   . HOH D 4 .   ? 1.254   -13.493 -13.916 1.00 55.52  ? 396 HOH A O   1 
HETATM 1350 O O   . HOH D 4 .   ? -8.383  0.399   -11.298 1.00 54.99  ? 397 HOH A O   1 
HETATM 1351 O O   . HOH D 4 .   ? 10.268  8.896   -2.812  1.00 56.61  ? 398 HOH A O   1 
HETATM 1352 O O   . HOH D 4 .   ? 11.504  -0.131  -3.230  1.00 48.65  ? 399 HOH A O   1 
HETATM 1353 O O   . HOH D 4 .   ? -8.162  2.961   6.681   1.00 56.56  ? 400 HOH A O   1 
HETATM 1354 O O   . HOH D 4 .   ? 11.203  3.333   -6.223  1.00 51.38  ? 401 HOH A O   1 
HETATM 1355 O O   . HOH D 4 .   ? 15.085  12.665  -4.468  1.00 72.16  ? 402 HOH A O   1 
HETATM 1356 O O   . HOH D 4 .   ? 12.354  1.828   -4.708  1.00 55.86  ? 403 HOH A O   1 
HETATM 1357 O O   . HOH D 4 .   ? 9.053   18.023  -16.953 1.00 69.55  ? 404 HOH A O   1 
# 
loop_
_pdbx_poly_seq_scheme.asym_id 
_pdbx_poly_seq_scheme.entity_id 
_pdbx_poly_seq_scheme.seq_id 
_pdbx_poly_seq_scheme.mon_id 
_pdbx_poly_seq_scheme.ndb_seq_num 
_pdbx_poly_seq_scheme.pdb_seq_num 
_pdbx_poly_seq_scheme.auth_seq_num 
_pdbx_poly_seq_scheme.pdb_mon_id 
_pdbx_poly_seq_scheme.auth_mon_id 
_pdbx_poly_seq_scheme.pdb_strand_id 
_pdbx_poly_seq_scheme.pdb_ins_code 
_pdbx_poly_seq_scheme.hetero 
A 1 1   GLY 1   -1  ?   ?   ?   A . n 
A 1 2   SER 2   0   0   SER SER A . n 
A 1 3   MET 3   1   1   MET MET A . n 
A 1 4   GLN 4   2   2   GLN GLN A . n 
A 1 5   ARG 5   3   3   ARG ARG A . n 
A 1 6   ALA 6   4   4   ALA ALA A . n 
A 1 7   SER 7   5   5   SER SER A . n 
A 1 8   ARG 8   6   6   ARG ARG A . n 
A 1 9   LEU 9   7   7   LEU LEU A . n 
A 1 10  LYS 10  8   8   LYS LYS A . n 
A 1 11  ARG 11  9   9   ARG ARG A . n 
A 1 12  GLU 12  10  10  GLU GLU A . n 
A 1 13  LEU 13  11  11  LEU LEU A . n 
A 1 14  HIS 14  12  12  HIS HIS A . n 
A 1 15  MET 15  13  13  MET MET A . n 
A 1 16  LEU 16  14  14  LEU LEU A . n 
A 1 17  ALA 17  15  15  ALA ALA A . n 
A 1 18  THR 18  16  16  THR THR A . n 
A 1 19  GLU 19  17  17  GLU GLU A . n 
A 1 20  PRO 20  18  18  PRO PRO A . n 
A 1 21  PRO 21  19  19  PRO PRO A . n 
A 1 22  PRO 22  20  20  PRO PRO A . n 
A 1 23  GLY 23  21  21  GLY GLY A . n 
A 1 24  ILE 24  22  22  ILE ILE A . n 
A 1 25  THR 25  23  23  THR THR A . n 
A 1 26  CYS 26  24  24  CYS CYS A . n 
A 1 27  TRP 27  25  25  TRP TRP A . n 
A 1 28  GLN 28  26  26  GLN GLN A . n 
A 1 29  ASP 29  27  27  ASP ASP A . n 
A 1 30  LYS 30  28  28  LYS LYS A . n 
A 1 31  ASP 31  29  29  ASP ASP A . n 
A 1 32  GLN 32  30  30  GLN GLN A . n 
A 1 33  MET 33  31  31  MET MET A . n 
A 1 34  ASP 34  32  32  ASP ASP A . n 
A 1 35  ASP 35  33  33  ASP ASP A . n 
A 1 36  LEU 36  34  34  LEU LEU A . n 
A 1 37  ARG 37  35  35  ARG ARG A . n 
A 1 38  ALA 38  36  36  ALA ALA A . n 
A 1 39  GLN 39  37  37  GLN GLN A . n 
A 1 40  ILE 40  38  38  ILE ILE A . n 
A 1 41  LEU 41  39  39  LEU LEU A . n 
A 1 42  GLY 42  40  40  GLY GLY A . n 
A 1 43  GLY 43  41  41  GLY GLY A . n 
A 1 44  ALA 44  42  42  ALA ALA A . n 
A 1 45  ASN 45  43  43  ASN ASN A . n 
A 1 46  THR 46  44  44  THR THR A . n 
A 1 47  PRO 47  45  45  PRO PRO A . n 
A 1 48  TYR 48  46  46  TYR TYR A . n 
A 1 49  GLU 49  47  47  GLU GLU A . n 
A 1 50  LYS 50  48  48  LYS LYS A . n 
A 1 51  GLY 51  49  49  GLY GLY A . n 
A 1 52  VAL 52  50  50  VAL VAL A . n 
A 1 53  PHE 53  51  51  PHE PHE A . n 
A 1 54  LYS 54  52  52  LYS LYS A . n 
A 1 55  LEU 55  53  53  LEU LEU A . n 
A 1 56  GLU 56  54  54  GLU GLU A . n 
A 1 57  VAL 57  55  55  VAL VAL A . n 
A 1 58  ILE 58  56  56  ILE ILE A . n 
A 1 59  ILE 59  57  57  ILE ILE A . n 
A 1 60  PRO 60  58  58  PRO PRO A . n 
A 1 61  GLU 61  59  59  GLU GLU A . n 
A 1 62  ARG 62  60  60  ARG ARG A . n 
A 1 63  TYR 63  61  61  TYR TYR A . n 
A 1 64  PRO 64  62  62  PRO PRO A . n 
A 1 65  PHE 65  63  63  PHE PHE A . n 
A 1 66  GLU 66  64  64  GLU GLU A . n 
A 1 67  PRO 67  65  65  PRO PRO A . n 
A 1 68  PRO 68  66  66  PRO PRO A . n 
A 1 69  GLN 69  67  67  GLN GLN A . n 
A 1 70  ILE 70  68  68  ILE ILE A . n 
A 1 71  ARG 71  69  69  ARG ARG A . n 
A 1 72  PHE 72  70  70  PHE PHE A . n 
A 1 73  LEU 73  71  71  LEU LEU A . n 
A 1 74  THR 74  72  72  THR THR A . n 
A 1 75  PRO 75  73  73  PRO PRO A . n 
A 1 76  ILE 76  74  74  ILE ILE A . n 
A 1 77  TYR 77  75  75  TYR TYR A . n 
A 1 78  HIS 78  76  76  HIS HIS A . n 
A 1 79  PRO 79  77  77  PRO PRO A . n 
A 1 80  ASN 80  78  78  ASN ASN A . n 
A 1 81  ILE 81  79  79  ILE ILE A . n 
A 1 82  ASP 82  80  80  ASP ASP A . n 
A 1 83  SER 83  81  81  SER SER A . n 
A 1 84  ALA 84  82  82  ALA ALA A . n 
A 1 85  GLY 85  83  83  GLY GLY A . n 
A 1 86  ARG 86  84  84  ARG ARG A . n 
A 1 87  ILE 87  85  85  ILE ILE A . n 
A 1 88  CYS 88  86  86  CYS CYS A . n 
A 1 89  LEU 89  87  87  LEU LEU A . n 
A 1 90  ASP 90  88  88  ASP ASP A . n 
A 1 91  VAL 91  89  89  VAL VAL A . n 
A 1 92  LEU 92  90  90  LEU LEU A . n 
A 1 93  LYS 93  91  91  LYS LYS A . n 
A 1 94  LEU 94  92  92  LEU LEU A . n 
A 1 95  PRO 95  93  93  PRO PRO A . n 
A 1 96  PRO 96  94  94  PRO PRO A . n 
A 1 97  LYS 97  95  95  LYS LYS A . n 
A 1 98  GLY 98  96  96  GLY GLY A . n 
A 1 99  ALA 99  97  97  ALA ALA A . n 
A 1 100 TRP 100 98  98  TRP TRP A . n 
A 1 101 ARG 101 99  99  ARG ARG A . n 
A 1 102 PRO 102 100 100 PRO PRO A . n 
A 1 103 SER 103 101 101 SER SER A . n 
A 1 104 LEU 104 102 102 LEU LEU A . n 
A 1 105 ASN 105 103 103 ASN ASN A . n 
A 1 106 ILE 106 104 104 ILE ILE A . n 
A 1 107 ALA 107 105 105 ALA ALA A . n 
A 1 108 THR 108 106 106 THR THR A . n 
A 1 109 VAL 109 107 107 VAL VAL A . n 
A 1 110 LEU 110 108 108 LEU LEU A . n 
A 1 111 THR 111 109 109 THR THR A . n 
A 1 112 SER 112 110 110 SER SER A . n 
A 1 113 ILE 113 111 111 ILE ILE A . n 
A 1 114 GLN 114 112 112 GLN GLN A . n 
A 1 115 LEU 115 113 113 LEU LEU A . n 
A 1 116 LEU 116 114 114 LEU LEU A . n 
A 1 117 MET 117 115 115 MET MET A . n 
A 1 118 SER 118 116 116 SER SER A . n 
A 1 119 GLU 119 117 117 GLU GLU A . n 
A 1 120 PRO 120 118 118 PRO PRO A . n 
A 1 121 ASN 121 119 119 ASN ASN A . n 
A 1 122 PRO 122 120 120 PRO PRO A . n 
A 1 123 ASP 123 121 121 ASP ASP A . n 
A 1 124 ASP 124 122 122 ASP ASP A . n 
A 1 125 PRO 125 123 123 PRO PRO A . n 
A 1 126 LEU 126 124 124 LEU LEU A . n 
A 1 127 MET 127 125 125 MET MET A . n 
A 1 128 ALA 128 126 126 ALA ALA A . n 
A 1 129 ASP 129 127 127 ASP ASP A . n 
A 1 130 ILE 130 128 128 ILE ILE A . n 
A 1 131 SER 131 129 129 SER SER A . n 
A 1 132 SER 132 130 130 SER SER A . n 
A 1 133 GLU 133 131 131 GLU GLU A . n 
A 1 134 PHE 134 132 132 PHE PHE A . n 
A 1 135 LYS 135 133 133 LYS LYS A . n 
A 1 136 TYR 136 134 134 TYR TYR A . n 
A 1 137 ASN 137 135 135 ASN ASN A . n 
A 1 138 LYS 138 136 136 LYS LYS A . n 
A 1 139 PRO 139 137 137 PRO PRO A . n 
A 1 140 ALA 140 138 138 ALA ALA A . n 
A 1 141 PHE 141 139 139 PHE PHE A . n 
A 1 142 LEU 142 140 140 LEU LEU A . n 
A 1 143 LYS 143 141 141 LYS LYS A . n 
A 1 144 ASN 144 142 142 ASN ASN A . n 
A 1 145 ALA 145 143 143 ALA ALA A . n 
A 1 146 ARG 146 144 144 ARG ARG A . n 
A 1 147 GLN 147 145 145 GLN GLN A . n 
A 1 148 TRP 148 146 146 TRP TRP A . n 
A 1 149 THR 149 147 147 THR THR A . n 
A 1 150 GLU 150 148 148 GLU GLU A . n 
A 1 151 LYS 151 149 149 LYS LYS A . n 
A 1 152 HIS 152 150 150 HIS HIS A . n 
A 1 153 ALA 153 151 151 ALA ALA A . n 
A 1 154 ARG 154 152 152 ARG ARG A . n 
A 1 155 GLN 155 153 ?   ?   ?   A . n 
A 1 156 LYS 156 154 ?   ?   ?   A . n 
# 
_pdbx_contact_author.id                 2 
_pdbx_contact_author.email              bnithya@eddc.a-star.edu.sg 
_pdbx_contact_author.name_first         Nithya 
_pdbx_contact_author.name_last          Baburajendran 
_pdbx_contact_author.name_mi            ? 
_pdbx_contact_author.role               'principal investigator/group leader' 
_pdbx_contact_author.identifier_ORCID   0000-0002-7013-9580 
# 
loop_
_pdbx_nonpoly_scheme.asym_id 
_pdbx_nonpoly_scheme.entity_id 
_pdbx_nonpoly_scheme.mon_id 
_pdbx_nonpoly_scheme.ndb_seq_num 
_pdbx_nonpoly_scheme.pdb_seq_num 
_pdbx_nonpoly_scheme.auth_seq_num 
_pdbx_nonpoly_scheme.pdb_mon_id 
_pdbx_nonpoly_scheme.auth_mon_id 
_pdbx_nonpoly_scheme.pdb_strand_id 
_pdbx_nonpoly_scheme.pdb_ins_code 
B 2 V5L 1   201 201 V5L 900 A . 
C 3 EDO 1   202 1   EDO EDO A . 
D 4 HOH 1   301 89  HOH HOH A . 
D 4 HOH 2   302 44  HOH HOH A . 
D 4 HOH 3   303 36  HOH HOH A . 
D 4 HOH 4   304 70  HOH HOH A . 
D 4 HOH 5   305 28  HOH HOH A . 
D 4 HOH 6   306 35  HOH HOH A . 
D 4 HOH 7   307 54  HOH HOH A . 
D 4 HOH 8   308 24  HOH HOH A . 
D 4 HOH 9   309 25  HOH HOH A . 
D 4 HOH 10  310 71  HOH HOH A . 
D 4 HOH 11  311 42  HOH HOH A . 
D 4 HOH 12  312 90  HOH HOH A . 
D 4 HOH 13  313 60  HOH HOH A . 
D 4 HOH 14  314 20  HOH HOH A . 
D 4 HOH 15  315 8   HOH HOH A . 
D 4 HOH 16  316 33  HOH HOH A . 
D 4 HOH 17  317 55  HOH HOH A . 
D 4 HOH 18  318 12  HOH HOH A . 
D 4 HOH 19  319 21  HOH HOH A . 
D 4 HOH 20  320 27  HOH HOH A . 
D 4 HOH 21  321 7   HOH HOH A . 
D 4 HOH 22  322 76  HOH HOH A . 
D 4 HOH 23  323 5   HOH HOH A . 
D 4 HOH 24  324 74  HOH HOH A . 
D 4 HOH 25  325 29  HOH HOH A . 
D 4 HOH 26  326 48  HOH HOH A . 
D 4 HOH 27  327 73  HOH HOH A . 
D 4 HOH 28  328 10  HOH HOH A . 
D 4 HOH 29  329 92  HOH HOH A . 
D 4 HOH 30  330 2   HOH HOH A . 
D 4 HOH 31  331 56  HOH HOH A . 
D 4 HOH 32  332 67  HOH HOH A . 
D 4 HOH 33  333 14  HOH HOH A . 
D 4 HOH 34  334 43  HOH HOH A . 
D 4 HOH 35  335 59  HOH HOH A . 
D 4 HOH 36  336 19  HOH HOH A . 
D 4 HOH 37  337 86  HOH HOH A . 
D 4 HOH 38  338 34  HOH HOH A . 
D 4 HOH 39  339 11  HOH HOH A . 
D 4 HOH 40  340 39  HOH HOH A . 
D 4 HOH 41  341 4   HOH HOH A . 
D 4 HOH 42  342 3   HOH HOH A . 
D 4 HOH 43  343 38  HOH HOH A . 
D 4 HOH 44  344 13  HOH HOH A . 
D 4 HOH 45  345 9   HOH HOH A . 
D 4 HOH 46  346 1   HOH HOH A . 
D 4 HOH 47  347 52  HOH HOH A . 
D 4 HOH 48  348 26  HOH HOH A . 
D 4 HOH 49  349 6   HOH HOH A . 
D 4 HOH 50  350 30  HOH HOH A . 
D 4 HOH 51  351 61  HOH HOH A . 
D 4 HOH 52  352 22  HOH HOH A . 
D 4 HOH 53  353 31  HOH HOH A . 
D 4 HOH 54  354 16  HOH HOH A . 
D 4 HOH 55  355 45  HOH HOH A . 
D 4 HOH 56  356 63  HOH HOH A . 
D 4 HOH 57  357 91  HOH HOH A . 
D 4 HOH 58  358 66  HOH HOH A . 
D 4 HOH 59  359 17  HOH HOH A . 
D 4 HOH 60  360 98  HOH HOH A . 
D 4 HOH 61  361 47  HOH HOH A . 
D 4 HOH 62  362 84  HOH HOH A . 
D 4 HOH 63  363 32  HOH HOH A . 
D 4 HOH 64  364 68  HOH HOH A . 
D 4 HOH 65  365 64  HOH HOH A . 
D 4 HOH 66  366 75  HOH HOH A . 
D 4 HOH 67  367 83  HOH HOH A . 
D 4 HOH 68  368 23  HOH HOH A . 
D 4 HOH 69  369 49  HOH HOH A . 
D 4 HOH 70  370 72  HOH HOH A . 
D 4 HOH 71  371 62  HOH HOH A . 
D 4 HOH 72  372 18  HOH HOH A . 
D 4 HOH 73  373 95  HOH HOH A . 
D 4 HOH 74  374 81  HOH HOH A . 
D 4 HOH 75  375 69  HOH HOH A . 
D 4 HOH 76  376 37  HOH HOH A . 
D 4 HOH 77  377 101 HOH HOH A . 
D 4 HOH 78  378 94  HOH HOH A . 
D 4 HOH 79  379 51  HOH HOH A . 
D 4 HOH 80  380 82  HOH HOH A . 
D 4 HOH 81  381 85  HOH HOH A . 
D 4 HOH 82  382 58  HOH HOH A . 
D 4 HOH 83  383 77  HOH HOH A . 
D 4 HOH 84  384 80  HOH HOH A . 
D 4 HOH 85  385 87  HOH HOH A . 
D 4 HOH 86  386 41  HOH HOH A . 
D 4 HOH 87  387 93  HOH HOH A . 
D 4 HOH 88  388 79  HOH HOH A . 
D 4 HOH 89  389 78  HOH HOH A . 
D 4 HOH 90  390 100 HOH HOH A . 
D 4 HOH 91  391 40  HOH HOH A . 
D 4 HOH 92  392 50  HOH HOH A . 
D 4 HOH 93  393 99  HOH HOH A . 
D 4 HOH 94  394 15  HOH HOH A . 
D 4 HOH 95  395 96  HOH HOH A . 
D 4 HOH 96  396 53  HOH HOH A . 
D 4 HOH 97  397 103 HOH HOH A . 
D 4 HOH 98  398 97  HOH HOH A . 
D 4 HOH 99  399 57  HOH HOH A . 
D 4 HOH 100 400 88  HOH HOH A . 
D 4 HOH 101 401 46  HOH HOH A . 
D 4 HOH 102 402 104 HOH HOH A . 
D 4 HOH 103 403 65  HOH HOH A . 
D 4 HOH 104 404 102 HOH HOH A . 
# 
_pdbx_struct_assembly.id                   1 
_pdbx_struct_assembly.details              author_defined_assembly 
_pdbx_struct_assembly.method_details       ? 
_pdbx_struct_assembly.oligomeric_details   monomeric 
_pdbx_struct_assembly.oligomeric_count     1 
# 
_pdbx_struct_assembly_gen.assembly_id       1 
_pdbx_struct_assembly_gen.oper_expression   1 
_pdbx_struct_assembly_gen.asym_id_list      A,B,C,D 
# 
loop_
_pdbx_struct_assembly_prop.biol_id 
_pdbx_struct_assembly_prop.type 
_pdbx_struct_assembly_prop.value 
_pdbx_struct_assembly_prop.details 
1 'ABSA (A^2)' 230  ? 
1 MORE         4    ? 
1 'SSA (A^2)'  8480 ? 
# 
_pdbx_struct_oper_list.id                   1 
_pdbx_struct_oper_list.type                 'identity operation' 
_pdbx_struct_oper_list.name                 1_555 
_pdbx_struct_oper_list.symmetry_operation   x,y,z 
_pdbx_struct_oper_list.matrix[1][1]         1.0000000000 
_pdbx_struct_oper_list.matrix[1][2]         0.0000000000 
_pdbx_struct_oper_list.matrix[1][3]         0.0000000000 
_pdbx_struct_oper_list.vector[1]            0.0000000000 
_pdbx_struct_oper_list.matrix[2][1]         0.0000000000 
_pdbx_struct_oper_list.matrix[2][2]         1.0000000000 
_pdbx_struct_oper_list.matrix[2][3]         0.0000000000 
_pdbx_struct_oper_list.vector[2]            0.0000000000 
_pdbx_struct_oper_list.matrix[3][1]         0.0000000000 
_pdbx_struct_oper_list.matrix[3][2]         0.0000000000 
_pdbx_struct_oper_list.matrix[3][3]         1.0000000000 
_pdbx_struct_oper_list.vector[3]            0.0000000000 
# 
_pdbx_struct_special_symmetry.id              1 
_pdbx_struct_special_symmetry.PDB_model_num   1 
_pdbx_struct_special_symmetry.auth_asym_id    A 
_pdbx_struct_special_symmetry.auth_comp_id    HOH 
_pdbx_struct_special_symmetry.auth_seq_id     352 
_pdbx_struct_special_symmetry.PDB_ins_code    ? 
_pdbx_struct_special_symmetry.label_asym_id   D 
_pdbx_struct_special_symmetry.label_comp_id   HOH 
_pdbx_struct_special_symmetry.label_seq_id    . 
# 
_pdbx_audit_revision_history.ordinal             1 
_pdbx_audit_revision_history.data_content_type   'Structure model' 
_pdbx_audit_revision_history.major_revision      1 
_pdbx_audit_revision_history.minor_revision      0 
_pdbx_audit_revision_history.revision_date       2023-11-29 
# 
_pdbx_audit_revision_details.ordinal             1 
_pdbx_audit_revision_details.revision_ordinal    1 
_pdbx_audit_revision_details.data_content_type   'Structure model' 
_pdbx_audit_revision_details.provider            repository 
_pdbx_audit_revision_details.type                'Initial release' 
_pdbx_audit_revision_details.description         ? 
_pdbx_audit_revision_details.details             ? 
# 
loop_
_software.citation_id 
_software.classification 
_software.compiler_name 
_software.compiler_version 
_software.contact_author 
_software.contact_author_email 
_software.date 
_software.description 
_software.dependencies 
_software.hardware 
_software.language 
_software.location 
_software.mods 
_software.name 
_software.os 
_software.os_version 
_software.type 
_software.version 
_software.pdbx_ordinal 
? refinement       ? ? ? ? ? ? ? ? ? ? ? PHENIX  ? ? ? '(1.20.1_4487: ???)' 1 
? 'data scaling'   ? ? ? ? ? ? ? ? ? ? ? Aimless ? ? ? .                    2 
? 'data reduction' ? ? ? ? ? ? ? ? ? ? ? XDS     ? ? ? .                    3 
? phasing          ? ? ? ? ? ? ? ? ? ? ? PHASER  ? ? ? .                    4 
# 
_pdbx_entry_details.entry_id                 8JVL 
_pdbx_entry_details.has_ligand_of_interest   Y 
_pdbx_entry_details.compound_details         ? 
_pdbx_entry_details.source_details           ? 
_pdbx_entry_details.nonpolymer_details       ? 
_pdbx_entry_details.sequence_details         ? 
# 
_pdbx_validate_close_contact.id               1 
_pdbx_validate_close_contact.PDB_model_num    1 
_pdbx_validate_close_contact.auth_atom_id_1   SG 
_pdbx_validate_close_contact.auth_asym_id_1   A 
_pdbx_validate_close_contact.auth_comp_id_1   CYS 
_pdbx_validate_close_contact.auth_seq_id_1    86 
_pdbx_validate_close_contact.PDB_ins_code_1   ? 
_pdbx_validate_close_contact.label_alt_id_1   ? 
_pdbx_validate_close_contact.auth_atom_id_2   C13 
_pdbx_validate_close_contact.auth_asym_id_2   A 
_pdbx_validate_close_contact.auth_comp_id_2   V5L 
_pdbx_validate_close_contact.auth_seq_id_2    201 
_pdbx_validate_close_contact.PDB_ins_code_2   ? 
_pdbx_validate_close_contact.label_alt_id_2   ? 
_pdbx_validate_close_contact.dist             1.77 
# 
loop_
_pdbx_validate_torsion.id 
_pdbx_validate_torsion.PDB_model_num 
_pdbx_validate_torsion.auth_comp_id 
_pdbx_validate_torsion.auth_asym_id 
_pdbx_validate_torsion.auth_seq_id 
_pdbx_validate_torsion.PDB_ins_code 
_pdbx_validate_torsion.label_alt_id 
_pdbx_validate_torsion.phi 
_pdbx_validate_torsion.psi 
1 1 LYS A 28  ? ? -148.00 -92.75 
2 1 LYS A 48  ? ? 73.58   -8.52  
3 1 ASN A 135 ? ? -142.85 56.55  
# 
_pdbx_distant_solvent_atoms.id                                1 
_pdbx_distant_solvent_atoms.PDB_model_num                     1 
_pdbx_distant_solvent_atoms.auth_atom_id                      O 
_pdbx_distant_solvent_atoms.label_alt_id                      ? 
_pdbx_distant_solvent_atoms.auth_asym_id                      A 
_pdbx_distant_solvent_atoms.auth_comp_id                      HOH 
_pdbx_distant_solvent_atoms.auth_seq_id                       404 
_pdbx_distant_solvent_atoms.PDB_ins_code                      ? 
_pdbx_distant_solvent_atoms.neighbor_macromolecule_distance   6.54 
_pdbx_distant_solvent_atoms.neighbor_ligand_distance          . 
# 
loop_
_pdbx_unobs_or_zero_occ_atoms.id 
_pdbx_unobs_or_zero_occ_atoms.PDB_model_num 
_pdbx_unobs_or_zero_occ_atoms.polymer_flag 
_pdbx_unobs_or_zero_occ_atoms.occupancy_flag 
_pdbx_unobs_or_zero_occ_atoms.auth_asym_id 
_pdbx_unobs_or_zero_occ_atoms.auth_comp_id 
_pdbx_unobs_or_zero_occ_atoms.auth_seq_id 
_pdbx_unobs_or_zero_occ_atoms.PDB_ins_code 
_pdbx_unobs_or_zero_occ_atoms.auth_atom_id 
_pdbx_unobs_or_zero_occ_atoms.label_alt_id 
_pdbx_unobs_or_zero_occ_atoms.label_asym_id 
_pdbx_unobs_or_zero_occ_atoms.label_comp_id 
_pdbx_unobs_or_zero_occ_atoms.label_seq_id 
_pdbx_unobs_or_zero_occ_atoms.label_atom_id 
1 1 Y 1 A GLN 2  ? CG  ? A GLN 4  CG  
2 1 Y 1 A GLN 2  ? CD  ? A GLN 4  CD  
3 1 Y 1 A GLN 2  ? OE1 ? A GLN 4  OE1 
4 1 Y 1 A GLN 2  ? NE2 ? A GLN 4  NE2 
5 1 Y 1 A LYS 48 ? CG  ? A LYS 50 CG  
6 1 Y 1 A LYS 48 ? CD  ? A LYS 50 CD  
7 1 Y 1 A LYS 48 ? CE  ? A LYS 50 CE  
8 1 Y 1 A LYS 48 ? NZ  ? A LYS 50 NZ  
# 
loop_
_pdbx_unobs_or_zero_occ_residues.id 
_pdbx_unobs_or_zero_occ_residues.PDB_model_num 
_pdbx_unobs_or_zero_occ_residues.polymer_flag 
_pdbx_unobs_or_zero_occ_residues.occupancy_flag 
_pdbx_unobs_or_zero_occ_residues.auth_asym_id 
_pdbx_unobs_or_zero_occ_residues.auth_comp_id 
_pdbx_unobs_or_zero_occ_residues.auth_seq_id 
_pdbx_unobs_or_zero_occ_residues.PDB_ins_code 
_pdbx_unobs_or_zero_occ_residues.label_asym_id 
_pdbx_unobs_or_zero_occ_residues.label_comp_id 
_pdbx_unobs_or_zero_occ_residues.label_seq_id 
1 1 Y 1 A GLY -1  ? A GLY 1   
2 1 Y 1 A GLN 153 ? A GLN 155 
3 1 Y 1 A LYS 154 ? A LYS 156 
# 
loop_
_chem_comp_atom.comp_id 
_chem_comp_atom.atom_id 
_chem_comp_atom.type_symbol 
_chem_comp_atom.pdbx_aromatic_flag 
_chem_comp_atom.pdbx_stereo_config 
_chem_comp_atom.pdbx_ordinal 
ALA N    N N N 1   
ALA CA   C N S 2   
ALA C    C N N 3   
ALA O    O N N 4   
ALA CB   C N N 5   
ALA OXT  O N N 6   
ALA H    H N N 7   
ALA H2   H N N 8   
ALA HA   H N N 9   
ALA HB1  H N N 10  
ALA HB2  H N N 11  
ALA HB3  H N N 12  
ALA HXT  H N N 13  
ARG N    N N N 14  
ARG CA   C N S 15  
ARG C    C N N 16  
ARG O    O N N 17  
ARG CB   C N N 18  
ARG CG   C N N 19  
ARG CD   C N N 20  
ARG NE   N N N 21  
ARG CZ   C N N 22  
ARG NH1  N N N 23  
ARG NH2  N N N 24  
ARG OXT  O N N 25  
ARG H    H N N 26  
ARG H2   H N N 27  
ARG HA   H N N 28  
ARG HB2  H N N 29  
ARG HB3  H N N 30  
ARG HG2  H N N 31  
ARG HG3  H N N 32  
ARG HD2  H N N 33  
ARG HD3  H N N 34  
ARG HE   H N N 35  
ARG HH11 H N N 36  
ARG HH12 H N N 37  
ARG HH21 H N N 38  
ARG HH22 H N N 39  
ARG HXT  H N N 40  
ASN N    N N N 41  
ASN CA   C N S 42  
ASN C    C N N 43  
ASN O    O N N 44  
ASN CB   C N N 45  
ASN CG   C N N 46  
ASN OD1  O N N 47  
ASN ND2  N N N 48  
ASN OXT  O N N 49  
ASN H    H N N 50  
ASN H2   H N N 51  
ASN HA   H N N 52  
ASN HB2  H N N 53  
ASN HB3  H N N 54  
ASN HD21 H N N 55  
ASN HD22 H N N 56  
ASN HXT  H N N 57  
ASP N    N N N 58  
ASP CA   C N S 59  
ASP C    C N N 60  
ASP O    O N N 61  
ASP CB   C N N 62  
ASP CG   C N N 63  
ASP OD1  O N N 64  
ASP OD2  O N N 65  
ASP OXT  O N N 66  
ASP H    H N N 67  
ASP H2   H N N 68  
ASP HA   H N N 69  
ASP HB2  H N N 70  
ASP HB3  H N N 71  
ASP HD2  H N N 72  
ASP HXT  H N N 73  
CYS N    N N N 74  
CYS CA   C N R 75  
CYS C    C N N 76  
CYS O    O N N 77  
CYS CB   C N N 78  
CYS SG   S N N 79  
CYS OXT  O N N 80  
CYS H    H N N 81  
CYS H2   H N N 82  
CYS HA   H N N 83  
CYS HB2  H N N 84  
CYS HB3  H N N 85  
CYS HG   H N N 86  
CYS HXT  H N N 87  
EDO C1   C N N 88  
EDO O1   O N N 89  
EDO C2   C N N 90  
EDO O2   O N N 91  
EDO H11  H N N 92  
EDO H12  H N N 93  
EDO HO1  H N N 94  
EDO H21  H N N 95  
EDO H22  H N N 96  
EDO HO2  H N N 97  
GLN N    N N N 98  
GLN CA   C N S 99  
GLN C    C N N 100 
GLN O    O N N 101 
GLN CB   C N N 102 
GLN CG   C N N 103 
GLN CD   C N N 104 
GLN OE1  O N N 105 
GLN NE2  N N N 106 
GLN OXT  O N N 107 
GLN H    H N N 108 
GLN H2   H N N 109 
GLN HA   H N N 110 
GLN HB2  H N N 111 
GLN HB3  H N N 112 
GLN HG2  H N N 113 
GLN HG3  H N N 114 
GLN HE21 H N N 115 
GLN HE22 H N N 116 
GLN HXT  H N N 117 
GLU N    N N N 118 
GLU CA   C N S 119 
GLU C    C N N 120 
GLU O    O N N 121 
GLU CB   C N N 122 
GLU CG   C N N 123 
GLU CD   C N N 124 
GLU OE1  O N N 125 
GLU OE2  O N N 126 
GLU OXT  O N N 127 
GLU H    H N N 128 
GLU H2   H N N 129 
GLU HA   H N N 130 
GLU HB2  H N N 131 
GLU HB3  H N N 132 
GLU HG2  H N N 133 
GLU HG3  H N N 134 
GLU HE2  H N N 135 
GLU HXT  H N N 136 
GLY N    N N N 137 
GLY CA   C N N 138 
GLY C    C N N 139 
GLY O    O N N 140 
GLY OXT  O N N 141 
GLY H    H N N 142 
GLY H2   H N N 143 
GLY HA2  H N N 144 
GLY HA3  H N N 145 
GLY HXT  H N N 146 
HIS N    N N N 147 
HIS CA   C N S 148 
HIS C    C N N 149 
HIS O    O N N 150 
HIS CB   C N N 151 
HIS CG   C Y N 152 
HIS ND1  N Y N 153 
HIS CD2  C Y N 154 
HIS CE1  C Y N 155 
HIS NE2  N Y N 156 
HIS OXT  O N N 157 
HIS H    H N N 158 
HIS H2   H N N 159 
HIS HA   H N N 160 
HIS HB2  H N N 161 
HIS HB3  H N N 162 
HIS HD1  H N N 163 
HIS HD2  H N N 164 
HIS HE1  H N N 165 
HIS HE2  H N N 166 
HIS HXT  H N N 167 
HOH O    O N N 168 
HOH H1   H N N 169 
HOH H2   H N N 170 
ILE N    N N N 171 
ILE CA   C N S 172 
ILE C    C N N 173 
ILE O    O N N 174 
ILE CB   C N S 175 
ILE CG1  C N N 176 
ILE CG2  C N N 177 
ILE CD1  C N N 178 
ILE OXT  O N N 179 
ILE H    H N N 180 
ILE H2   H N N 181 
ILE HA   H N N 182 
ILE HB   H N N 183 
ILE HG12 H N N 184 
ILE HG13 H N N 185 
ILE HG21 H N N 186 
ILE HG22 H N N 187 
ILE HG23 H N N 188 
ILE HD11 H N N 189 
ILE HD12 H N N 190 
ILE HD13 H N N 191 
ILE HXT  H N N 192 
LEU N    N N N 193 
LEU CA   C N S 194 
LEU C    C N N 195 
LEU O    O N N 196 
LEU CB   C N N 197 
LEU CG   C N N 198 
LEU CD1  C N N 199 
LEU CD2  C N N 200 
LEU OXT  O N N 201 
LEU H    H N N 202 
LEU H2   H N N 203 
LEU HA   H N N 204 
LEU HB2  H N N 205 
LEU HB3  H N N 206 
LEU HG   H N N 207 
LEU HD11 H N N 208 
LEU HD12 H N N 209 
LEU HD13 H N N 210 
LEU HD21 H N N 211 
LEU HD22 H N N 212 
LEU HD23 H N N 213 
LEU HXT  H N N 214 
LYS N    N N N 215 
LYS CA   C N S 216 
LYS C    C N N 217 
LYS O    O N N 218 
LYS CB   C N N 219 
LYS CG   C N N 220 
LYS CD   C N N 221 
LYS CE   C N N 222 
LYS NZ   N N N 223 
LYS OXT  O N N 224 
LYS H    H N N 225 
LYS H2   H N N 226 
LYS HA   H N N 227 
LYS HB2  H N N 228 
LYS HB3  H N N 229 
LYS HG2  H N N 230 
LYS HG3  H N N 231 
LYS HD2  H N N 232 
LYS HD3  H N N 233 
LYS HE2  H N N 234 
LYS HE3  H N N 235 
LYS HZ1  H N N 236 
LYS HZ2  H N N 237 
LYS HZ3  H N N 238 
LYS HXT  H N N 239 
MET N    N N N 240 
MET CA   C N S 241 
MET C    C N N 242 
MET O    O N N 243 
MET CB   C N N 244 
MET CG   C N N 245 
MET SD   S N N 246 
MET CE   C N N 247 
MET OXT  O N N 248 
MET H    H N N 249 
MET H2   H N N 250 
MET HA   H N N 251 
MET HB2  H N N 252 
MET HB3  H N N 253 
MET HG2  H N N 254 
MET HG3  H N N 255 
MET HE1  H N N 256 
MET HE2  H N N 257 
MET HE3  H N N 258 
MET HXT  H N N 259 
PHE N    N N N 260 
PHE CA   C N S 261 
PHE C    C N N 262 
PHE O    O N N 263 
PHE CB   C N N 264 
PHE CG   C Y N 265 
PHE CD1  C Y N 266 
PHE CD2  C Y N 267 
PHE CE1  C Y N 268 
PHE CE2  C Y N 269 
PHE CZ   C Y N 270 
PHE OXT  O N N 271 
PHE H    H N N 272 
PHE H2   H N N 273 
PHE HA   H N N 274 
PHE HB2  H N N 275 
PHE HB3  H N N 276 
PHE HD1  H N N 277 
PHE HD2  H N N 278 
PHE HE1  H N N 279 
PHE HE2  H N N 280 
PHE HZ   H N N 281 
PHE HXT  H N N 282 
PRO N    N N N 283 
PRO CA   C N S 284 
PRO C    C N N 285 
PRO O    O N N 286 
PRO CB   C N N 287 
PRO CG   C N N 288 
PRO CD   C N N 289 
PRO OXT  O N N 290 
PRO H    H N N 291 
PRO HA   H N N 292 
PRO HB2  H N N 293 
PRO HB3  H N N 294 
PRO HG2  H N N 295 
PRO HG3  H N N 296 
PRO HD2  H N N 297 
PRO HD3  H N N 298 
PRO HXT  H N N 299 
SER N    N N N 300 
SER CA   C N S 301 
SER C    C N N 302 
SER O    O N N 303 
SER CB   C N N 304 
SER OG   O N N 305 
SER OXT  O N N 306 
SER H    H N N 307 
SER H2   H N N 308 
SER HA   H N N 309 
SER HB2  H N N 310 
SER HB3  H N N 311 
SER HG   H N N 312 
SER HXT  H N N 313 
THR N    N N N 314 
THR CA   C N S 315 
THR C    C N N 316 
THR O    O N N 317 
THR CB   C N R 318 
THR OG1  O N N 319 
THR CG2  C N N 320 
THR OXT  O N N 321 
THR H    H N N 322 
THR H2   H N N 323 
THR HA   H N N 324 
THR HB   H N N 325 
THR HG1  H N N 326 
THR HG21 H N N 327 
THR HG22 H N N 328 
THR HG23 H N N 329 
THR HXT  H N N 330 
TRP N    N N N 331 
TRP CA   C N S 332 
TRP C    C N N 333 
TRP O    O N N 334 
TRP CB   C N N 335 
TRP CG   C Y N 336 
TRP CD1  C Y N 337 
TRP CD2  C Y N 338 
TRP NE1  N Y N 339 
TRP CE2  C Y N 340 
TRP CE3  C Y N 341 
TRP CZ2  C Y N 342 
TRP CZ3  C Y N 343 
TRP CH2  C Y N 344 
TRP OXT  O N N 345 
TRP H    H N N 346 
TRP H2   H N N 347 
TRP HA   H N N 348 
TRP HB2  H N N 349 
TRP HB3  H N N 350 
TRP HD1  H N N 351 
TRP HE1  H N N 352 
TRP HE3  H N N 353 
TRP HZ2  H N N 354 
TRP HZ3  H N N 355 
TRP HH2  H N N 356 
TRP HXT  H N N 357 
TYR N    N N N 358 
TYR CA   C N S 359 
TYR C    C N N 360 
TYR O    O N N 361 
TYR CB   C N N 362 
TYR CG   C Y N 363 
TYR CD1  C Y N 364 
TYR CD2  C Y N 365 
TYR CE1  C Y N 366 
TYR CE2  C Y N 367 
TYR CZ   C Y N 368 
TYR OH   O N N 369 
TYR OXT  O N N 370 
TYR H    H N N 371 
TYR H2   H N N 372 
TYR HA   H N N 373 
TYR HB2  H N N 374 
TYR HB3  H N N 375 
TYR HD1  H N N 376 
TYR HD2  H N N 377 
TYR HE1  H N N 378 
TYR HE2  H N N 379 
TYR HH   H N N 380 
TYR HXT  H N N 381 
V5L C13  C Y N 382 
V5L C01  C N N 383 
V5L C03  C Y N 384 
V5L C04  C Y N 385 
V5L C05  C Y N 386 
V5L C06  C Y N 387 
V5L C07  C Y N 388 
V5L C08  C Y N 389 
V5L N09  N Y N 390 
V5L N10  N Y N 391 
V5L N11  N Y N 392 
V5L N12  N Y N 393 
V5L O02  O N N 394 
V5L H1   H N N 395 
V5L H2   H N N 396 
V5L H3   H N N 397 
V5L H4   H N N 398 
V5L H5   H N N 399 
V5L H6   H N N 400 
V5L H7   H N N 401 
V5L H8   H N N 402 
VAL N    N N N 403 
VAL CA   C N S 404 
VAL C    C N N 405 
VAL O    O N N 406 
VAL CB   C N N 407 
VAL CG1  C N N 408 
VAL CG2  C N N 409 
VAL OXT  O N N 410 
VAL H    H N N 411 
VAL H2   H N N 412 
VAL HA   H N N 413 
VAL HB   H N N 414 
VAL HG11 H N N 415 
VAL HG12 H N N 416 
VAL HG13 H N N 417 
VAL HG21 H N N 418 
VAL HG22 H N N 419 
VAL HG23 H N N 420 
VAL HXT  H N N 421 
# 
loop_
_chem_comp_bond.comp_id 
_chem_comp_bond.atom_id_1 
_chem_comp_bond.atom_id_2 
_chem_comp_bond.value_order 
_chem_comp_bond.pdbx_aromatic_flag 
_chem_comp_bond.pdbx_stereo_config 
_chem_comp_bond.pdbx_ordinal 
ALA N   CA   sing N N 1   
ALA N   H    sing N N 2   
ALA N   H2   sing N N 3   
ALA CA  C    sing N N 4   
ALA CA  CB   sing N N 5   
ALA CA  HA   sing N N 6   
ALA C   O    doub N N 7   
ALA C   OXT  sing N N 8   
ALA CB  HB1  sing N N 9   
ALA CB  HB2  sing N N 10  
ALA CB  HB3  sing N N 11  
ALA OXT HXT  sing N N 12  
ARG N   CA   sing N N 13  
ARG N   H    sing N N 14  
ARG N   H2   sing N N 15  
ARG CA  C    sing N N 16  
ARG CA  CB   sing N N 17  
ARG CA  HA   sing N N 18  
ARG C   O    doub N N 19  
ARG C   OXT  sing N N 20  
ARG CB  CG   sing N N 21  
ARG CB  HB2  sing N N 22  
ARG CB  HB3  sing N N 23  
ARG CG  CD   sing N N 24  
ARG CG  HG2  sing N N 25  
ARG CG  HG3  sing N N 26  
ARG CD  NE   sing N N 27  
ARG CD  HD2  sing N N 28  
ARG CD  HD3  sing N N 29  
ARG NE  CZ   sing N N 30  
ARG NE  HE   sing N N 31  
ARG CZ  NH1  sing N N 32  
ARG CZ  NH2  doub N N 33  
ARG NH1 HH11 sing N N 34  
ARG NH1 HH12 sing N N 35  
ARG NH2 HH21 sing N N 36  
ARG NH2 HH22 sing N N 37  
ARG OXT HXT  sing N N 38  
ASN N   CA   sing N N 39  
ASN N   H    sing N N 40  
ASN N   H2   sing N N 41  
ASN CA  C    sing N N 42  
ASN CA  CB   sing N N 43  
ASN CA  HA   sing N N 44  
ASN C   O    doub N N 45  
ASN C   OXT  sing N N 46  
ASN CB  CG   sing N N 47  
ASN CB  HB2  sing N N 48  
ASN CB  HB3  sing N N 49  
ASN CG  OD1  doub N N 50  
ASN CG  ND2  sing N N 51  
ASN ND2 HD21 sing N N 52  
ASN ND2 HD22 sing N N 53  
ASN OXT HXT  sing N N 54  
ASP N   CA   sing N N 55  
ASP N   H    sing N N 56  
ASP N   H2   sing N N 57  
ASP CA  C    sing N N 58  
ASP CA  CB   sing N N 59  
ASP CA  HA   sing N N 60  
ASP C   O    doub N N 61  
ASP C   OXT  sing N N 62  
ASP CB  CG   sing N N 63  
ASP CB  HB2  sing N N 64  
ASP CB  HB3  sing N N 65  
ASP CG  OD1  doub N N 66  
ASP CG  OD2  sing N N 67  
ASP OD2 HD2  sing N N 68  
ASP OXT HXT  sing N N 69  
CYS N   CA   sing N N 70  
CYS N   H    sing N N 71  
CYS N   H2   sing N N 72  
CYS CA  C    sing N N 73  
CYS CA  CB   sing N N 74  
CYS CA  HA   sing N N 75  
CYS C   O    doub N N 76  
CYS C   OXT  sing N N 77  
CYS CB  SG   sing N N 78  
CYS CB  HB2  sing N N 79  
CYS CB  HB3  sing N N 80  
CYS SG  HG   sing N N 81  
CYS OXT HXT  sing N N 82  
EDO C1  O1   sing N N 83  
EDO C1  C2   sing N N 84  
EDO C1  H11  sing N N 85  
EDO C1  H12  sing N N 86  
EDO O1  HO1  sing N N 87  
EDO C2  O2   sing N N 88  
EDO C2  H21  sing N N 89  
EDO C2  H22  sing N N 90  
EDO O2  HO2  sing N N 91  
GLN N   CA   sing N N 92  
GLN N   H    sing N N 93  
GLN N   H2   sing N N 94  
GLN CA  C    sing N N 95  
GLN CA  CB   sing N N 96  
GLN CA  HA   sing N N 97  
GLN C   O    doub N N 98  
GLN C   OXT  sing N N 99  
GLN CB  CG   sing N N 100 
GLN CB  HB2  sing N N 101 
GLN CB  HB3  sing N N 102 
GLN CG  CD   sing N N 103 
GLN CG  HG2  sing N N 104 
GLN CG  HG3  sing N N 105 
GLN CD  OE1  doub N N 106 
GLN CD  NE2  sing N N 107 
GLN NE2 HE21 sing N N 108 
GLN NE2 HE22 sing N N 109 
GLN OXT HXT  sing N N 110 
GLU N   CA   sing N N 111 
GLU N   H    sing N N 112 
GLU N   H2   sing N N 113 
GLU CA  C    sing N N 114 
GLU CA  CB   sing N N 115 
GLU CA  HA   sing N N 116 
GLU C   O    doub N N 117 
GLU C   OXT  sing N N 118 
GLU CB  CG   sing N N 119 
GLU CB  HB2  sing N N 120 
GLU CB  HB3  sing N N 121 
GLU CG  CD   sing N N 122 
GLU CG  HG2  sing N N 123 
GLU CG  HG3  sing N N 124 
GLU CD  OE1  doub N N 125 
GLU CD  OE2  sing N N 126 
GLU OE2 HE2  sing N N 127 
GLU OXT HXT  sing N N 128 
GLY N   CA   sing N N 129 
GLY N   H    sing N N 130 
GLY N   H2   sing N N 131 
GLY CA  C    sing N N 132 
GLY CA  HA2  sing N N 133 
GLY CA  HA3  sing N N 134 
GLY C   O    doub N N 135 
GLY C   OXT  sing N N 136 
GLY OXT HXT  sing N N 137 
HIS N   CA   sing N N 138 
HIS N   H    sing N N 139 
HIS N   H2   sing N N 140 
HIS CA  C    sing N N 141 
HIS CA  CB   sing N N 142 
HIS CA  HA   sing N N 143 
HIS C   O    doub N N 144 
HIS C   OXT  sing N N 145 
HIS CB  CG   sing N N 146 
HIS CB  HB2  sing N N 147 
HIS CB  HB3  sing N N 148 
HIS CG  ND1  sing Y N 149 
HIS CG  CD2  doub Y N 150 
HIS ND1 CE1  doub Y N 151 
HIS ND1 HD1  sing N N 152 
HIS CD2 NE2  sing Y N 153 
HIS CD2 HD2  sing N N 154 
HIS CE1 NE2  sing Y N 155 
HIS CE1 HE1  sing N N 156 
HIS NE2 HE2  sing N N 157 
HIS OXT HXT  sing N N 158 
HOH O   H1   sing N N 159 
HOH O   H2   sing N N 160 
ILE N   CA   sing N N 161 
ILE N   H    sing N N 162 
ILE N   H2   sing N N 163 
ILE CA  C    sing N N 164 
ILE CA  CB   sing N N 165 
ILE CA  HA   sing N N 166 
ILE C   O    doub N N 167 
ILE C   OXT  sing N N 168 
ILE CB  CG1  sing N N 169 
ILE CB  CG2  sing N N 170 
ILE CB  HB   sing N N 171 
ILE CG1 CD1  sing N N 172 
ILE CG1 HG12 sing N N 173 
ILE CG1 HG13 sing N N 174 
ILE CG2 HG21 sing N N 175 
ILE CG2 HG22 sing N N 176 
ILE CG2 HG23 sing N N 177 
ILE CD1 HD11 sing N N 178 
ILE CD1 HD12 sing N N 179 
ILE CD1 HD13 sing N N 180 
ILE OXT HXT  sing N N 181 
LEU N   CA   sing N N 182 
LEU N   H    sing N N 183 
LEU N   H2   sing N N 184 
LEU CA  C    sing N N 185 
LEU CA  CB   sing N N 186 
LEU CA  HA   sing N N 187 
LEU C   O    doub N N 188 
LEU C   OXT  sing N N 189 
LEU CB  CG   sing N N 190 
LEU CB  HB2  sing N N 191 
LEU CB  HB3  sing N N 192 
LEU CG  CD1  sing N N 193 
LEU CG  CD2  sing N N 194 
LEU CG  HG   sing N N 195 
LEU CD1 HD11 sing N N 196 
LEU CD1 HD12 sing N N 197 
LEU CD1 HD13 sing N N 198 
LEU CD2 HD21 sing N N 199 
LEU CD2 HD22 sing N N 200 
LEU CD2 HD23 sing N N 201 
LEU OXT HXT  sing N N 202 
LYS N   CA   sing N N 203 
LYS N   H    sing N N 204 
LYS N   H2   sing N N 205 
LYS CA  C    sing N N 206 
LYS CA  CB   sing N N 207 
LYS CA  HA   sing N N 208 
LYS C   O    doub N N 209 
LYS C   OXT  sing N N 210 
LYS CB  CG   sing N N 211 
LYS CB  HB2  sing N N 212 
LYS CB  HB3  sing N N 213 
LYS CG  CD   sing N N 214 
LYS CG  HG2  sing N N 215 
LYS CG  HG3  sing N N 216 
LYS CD  CE   sing N N 217 
LYS CD  HD2  sing N N 218 
LYS CD  HD3  sing N N 219 
LYS CE  NZ   sing N N 220 
LYS CE  HE2  sing N N 221 
LYS CE  HE3  sing N N 222 
LYS NZ  HZ1  sing N N 223 
LYS NZ  HZ2  sing N N 224 
LYS NZ  HZ3  sing N N 225 
LYS OXT HXT  sing N N 226 
MET N   CA   sing N N 227 
MET N   H    sing N N 228 
MET N   H2   sing N N 229 
MET CA  C    sing N N 230 
MET CA  CB   sing N N 231 
MET CA  HA   sing N N 232 
MET C   O    doub N N 233 
MET C   OXT  sing N N 234 
MET CB  CG   sing N N 235 
MET CB  HB2  sing N N 236 
MET CB  HB3  sing N N 237 
MET CG  SD   sing N N 238 
MET CG  HG2  sing N N 239 
MET CG  HG3  sing N N 240 
MET SD  CE   sing N N 241 
MET CE  HE1  sing N N 242 
MET CE  HE2  sing N N 243 
MET CE  HE3  sing N N 244 
MET OXT HXT  sing N N 245 
PHE N   CA   sing N N 246 
PHE N   H    sing N N 247 
PHE N   H2   sing N N 248 
PHE CA  C    sing N N 249 
PHE CA  CB   sing N N 250 
PHE CA  HA   sing N N 251 
PHE C   O    doub N N 252 
PHE C   OXT  sing N N 253 
PHE CB  CG   sing N N 254 
PHE CB  HB2  sing N N 255 
PHE CB  HB3  sing N N 256 
PHE CG  CD1  doub Y N 257 
PHE CG  CD2  sing Y N 258 
PHE CD1 CE1  sing Y N 259 
PHE CD1 HD1  sing N N 260 
PHE CD2 CE2  doub Y N 261 
PHE CD2 HD2  sing N N 262 
PHE CE1 CZ   doub Y N 263 
PHE CE1 HE1  sing N N 264 
PHE CE2 CZ   sing Y N 265 
PHE CE2 HE2  sing N N 266 
PHE CZ  HZ   sing N N 267 
PHE OXT HXT  sing N N 268 
PRO N   CA   sing N N 269 
PRO N   CD   sing N N 270 
PRO N   H    sing N N 271 
PRO CA  C    sing N N 272 
PRO CA  CB   sing N N 273 
PRO CA  HA   sing N N 274 
PRO C   O    doub N N 275 
PRO C   OXT  sing N N 276 
PRO CB  CG   sing N N 277 
PRO CB  HB2  sing N N 278 
PRO CB  HB3  sing N N 279 
PRO CG  CD   sing N N 280 
PRO CG  HG2  sing N N 281 
PRO CG  HG3  sing N N 282 
PRO CD  HD2  sing N N 283 
PRO CD  HD3  sing N N 284 
PRO OXT HXT  sing N N 285 
SER N   CA   sing N N 286 
SER N   H    sing N N 287 
SER N   H2   sing N N 288 
SER CA  C    sing N N 289 
SER CA  CB   sing N N 290 
SER CA  HA   sing N N 291 
SER C   O    doub N N 292 
SER C   OXT  sing N N 293 
SER CB  OG   sing N N 294 
SER CB  HB2  sing N N 295 
SER CB  HB3  sing N N 296 
SER OG  HG   sing N N 297 
SER OXT HXT  sing N N 298 
THR N   CA   sing N N 299 
THR N   H    sing N N 300 
THR N   H2   sing N N 301 
THR CA  C    sing N N 302 
THR CA  CB   sing N N 303 
THR CA  HA   sing N N 304 
THR C   O    doub N N 305 
THR C   OXT  sing N N 306 
THR CB  OG1  sing N N 307 
THR CB  CG2  sing N N 308 
THR CB  HB   sing N N 309 
THR OG1 HG1  sing N N 310 
THR CG2 HG21 sing N N 311 
THR CG2 HG22 sing N N 312 
THR CG2 HG23 sing N N 313 
THR OXT HXT  sing N N 314 
TRP N   CA   sing N N 315 
TRP N   H    sing N N 316 
TRP N   H2   sing N N 317 
TRP CA  C    sing N N 318 
TRP CA  CB   sing N N 319 
TRP CA  HA   sing N N 320 
TRP C   O    doub N N 321 
TRP C   OXT  sing N N 322 
TRP CB  CG   sing N N 323 
TRP CB  HB2  sing N N 324 
TRP CB  HB3  sing N N 325 
TRP CG  CD1  doub Y N 326 
TRP CG  CD2  sing Y N 327 
TRP CD1 NE1  sing Y N 328 
TRP CD1 HD1  sing N N 329 
TRP CD2 CE2  doub Y N 330 
TRP CD2 CE3  sing Y N 331 
TRP NE1 CE2  sing Y N 332 
TRP NE1 HE1  sing N N 333 
TRP CE2 CZ2  sing Y N 334 
TRP CE3 CZ3  doub Y N 335 
TRP CE3 HE3  sing N N 336 
TRP CZ2 CH2  doub Y N 337 
TRP CZ2 HZ2  sing N N 338 
TRP CZ3 CH2  sing Y N 339 
TRP CZ3 HZ3  sing N N 340 
TRP CH2 HH2  sing N N 341 
TRP OXT HXT  sing N N 342 
TYR N   CA   sing N N 343 
TYR N   H    sing N N 344 
TYR N   H2   sing N N 345 
TYR CA  C    sing N N 346 
TYR CA  CB   sing N N 347 
TYR CA  HA   sing N N 348 
TYR C   O    doub N N 349 
TYR C   OXT  sing N N 350 
TYR CB  CG   sing N N 351 
TYR CB  HB2  sing N N 352 
TYR CB  HB3  sing N N 353 
TYR CG  CD1  doub Y N 354 
TYR CG  CD2  sing Y N 355 
TYR CD1 CE1  sing Y N 356 
TYR CD1 HD1  sing N N 357 
TYR CD2 CE2  doub Y N 358 
TYR CD2 HD2  sing N N 359 
TYR CE1 CZ   doub Y N 360 
TYR CE1 HE1  sing N N 361 
TYR CE2 CZ   sing Y N 362 
TYR CE2 HE2  sing N N 363 
TYR CZ  OH   sing N N 364 
TYR OH  HH   sing N N 365 
TYR OXT HXT  sing N N 366 
V5L C04 C05  doub Y N 367 
V5L C04 C03  sing Y N 368 
V5L C05 C06  sing Y N 369 
V5L O02 C03  sing N N 370 
V5L O02 C01  sing N N 371 
V5L C03 C08  doub Y N 372 
V5L N10 N09  sing Y N 373 
V5L N10 N11  doub Y N 374 
V5L C06 N09  sing N N 375 
V5L C06 C07  doub Y N 376 
V5L N09 C13  sing Y N 377 
V5L N11 N12  sing Y N 378 
V5L C08 C07  sing Y N 379 
V5L C13 N12  doub Y N 380 
V5L C13 H1   sing N N 381 
V5L C01 H2   sing N N 382 
V5L C01 H3   sing N N 383 
V5L C01 H4   sing N N 384 
V5L C04 H5   sing N N 385 
V5L C05 H6   sing N N 386 
V5L C07 H7   sing N N 387 
V5L C08 H8   sing N N 388 
VAL N   CA   sing N N 389 
VAL N   H    sing N N 390 
VAL N   H2   sing N N 391 
VAL CA  C    sing N N 392 
VAL CA  CB   sing N N 393 
VAL CA  HA   sing N N 394 
VAL C   O    doub N N 395 
VAL C   OXT  sing N N 396 
VAL CB  CG1  sing N N 397 
VAL CB  CG2  sing N N 398 
VAL CB  HB   sing N N 399 
VAL CG1 HG11 sing N N 400 
VAL CG1 HG12 sing N N 401 
VAL CG1 HG13 sing N N 402 
VAL CG2 HG21 sing N N 403 
VAL CG2 HG22 sing N N 404 
VAL CG2 HG23 sing N N 405 
VAL OXT HXT  sing N N 406 
# 
_pdbx_audit_support.funding_organization   'Not funded' 
_pdbx_audit_support.country                ? 
_pdbx_audit_support.grant_number           ? 
_pdbx_audit_support.ordinal                1 
# 
_pdbx_entity_instance_feature.ordinal        1 
_pdbx_entity_instance_feature.comp_id        V5L 
_pdbx_entity_instance_feature.asym_id        ? 
_pdbx_entity_instance_feature.seq_num        ? 
_pdbx_entity_instance_feature.auth_comp_id   V5L 
_pdbx_entity_instance_feature.auth_asym_id   ? 
_pdbx_entity_instance_feature.auth_seq_num   ? 
_pdbx_entity_instance_feature.feature_type   'SUBJECT OF INVESTIGATION' 
_pdbx_entity_instance_feature.details        ? 
# 
loop_
_pdbx_entity_nonpoly.entity_id 
_pdbx_entity_nonpoly.name 
_pdbx_entity_nonpoly.comp_id 
2 '1-(4-methoxyphenyl)-1,2,3,4-tetrazole' V5L 
3 1,2-ETHANEDIOL                          EDO 
4 water                                   HOH 
# 
_pdbx_initial_refinement_model.id               1 
_pdbx_initial_refinement_model.entity_id_list   ? 
_pdbx_initial_refinement_model.type             'experimental model' 
_pdbx_initial_refinement_model.source_name      PDB 
_pdbx_initial_refinement_model.accession_code   5NGZ 
_pdbx_initial_refinement_model.details          ? 
# 
_pdbx_struct_assembly_auth_evidence.id                     1 
_pdbx_struct_assembly_auth_evidence.assembly_id            1 
_pdbx_struct_assembly_auth_evidence.experimental_support   'gel filtration' 
_pdbx_struct_assembly_auth_evidence.details                ? 
# 
